data_8Z9Z
#
_entry.id   8Z9Z
#
_cell.length_a   1.00
_cell.length_b   1.00
_cell.length_c   1.00
_cell.angle_alpha   90.00
_cell.angle_beta   90.00
_cell.angle_gamma   90.00
#
_symmetry.space_group_name_H-M   'P 1'
#
loop_
_entity.id
_entity.type
_entity.pdbx_description
1 polymer 'Odorant receptor, ApisOrco'
2 polymer 'Odorant receptor, ApisOR5'
3 non-polymer 1,2-DIACYL-SN-GLYCERO-3-PHOSPHOCHOLINE
#
loop_
_entity_poly.entity_id
_entity_poly.type
_entity_poly.pdbx_seq_one_letter_code
_entity_poly.pdbx_strand_id
1 'polypeptide(L)'
;MGYKKDGLIKDLWPNIRLIQLSGLFISEYYDDYSGLAVLFRKIYSWITAIIIYSQFIFIVIFMVTKSNDSDQLAAGVVTT
LFFTHSMIKFVYFSTGTKSFYRTLSCWNNTSPHPLFAESHSRFHAKSLSRMRQLLIIVSIVTIFTTISWTTITFFGESVW
KVPDPETFNQTMYVPVPRLMLHSWYPWDSGHGLGYIVAFVLQFYWVFITLSHSNLMELLFSSFLVHACEQLQHLKEILNP
LIELSATLDSSVHNPAEIFRANSAKNQSINGIDHDYNGSYVNEITEYGTKGENEPNRKGPNNLTSNQEVLVRSAIKYWVE
RHKHVVKYVSLITECYGSALLFHMLVSTVILTILAYQATKINGVNVFAFSTIGYLMYSFAQIFMFCIHGNELIEESSSVM
EAAYGCHWYDGSEEAKTFVQIVCQQCQKPLIVSGAKFFNVSLDLFASVLGAVVTYFMVLVQLK
;
A,B,C
2 'polypeptide(L)'
;MQRIDTINMFLQMTGCTDSKAMLYLTYFEFLITFYYLIATYASIVHFEQSVTIQLFALLCMLIECVILLNITFRLYHKNH
IREMHQYSRRLGIPDSYRSVINVITKYHLIASNIFVVFPVTYAIFCDSVRVGDPFTFPFLDVLPMHTDNLAIYACKYLVY
AISVYIAHVELCFINTTFIYYVGVLKHRLETIVQTIGEAFADNDEQKFKYAIIQHQKLLSYFNTMKIVFSKPILLSMSFN
AIYFGLTTSFVIQAIRGYINQAILSICIASSAAAVINITIYTFYGSELMDLHDKILHVLFDNAFFYVSKSFKSSILIMMT
RVTIPLKFTVGYIFTINLNLLLKILKMSYTVLNVLLSSETIKPHKLS
;
D
#
loop_
_chem_comp.id
_chem_comp.type
_chem_comp.name
_chem_comp.formula
PC1 non-polymer 1,2-DIACYL-SN-GLYCERO-3-PHOSPHOCHOLINE 'C44 H88 N O8 P'
#
# COMPACT_ATOMS: atom_id res chain seq x y z
N LYS A 5 13.73 15.66 -41.06
CA LYS A 5 13.37 15.09 -39.77
C LYS A 5 12.48 13.87 -39.94
N ASP A 6 12.92 12.73 -39.41
CA ASP A 6 12.18 11.48 -39.50
C ASP A 6 12.08 10.84 -38.13
N GLY A 7 10.96 10.18 -37.87
CA GLY A 7 10.75 9.50 -36.60
C GLY A 7 9.91 10.30 -35.63
N LEU A 8 10.32 10.32 -34.36
CA LEU A 8 9.54 11.03 -33.35
C LEU A 8 9.56 12.54 -33.58
N ILE A 9 10.62 13.07 -34.18
CA ILE A 9 10.69 14.51 -34.45
C ILE A 9 9.61 14.90 -35.47
N LYS A 10 9.52 14.15 -36.56
CA LYS A 10 8.44 14.38 -37.52
C LYS A 10 7.09 14.06 -36.89
N ASP A 11 7.06 13.13 -35.94
CA ASP A 11 5.81 12.80 -35.25
C ASP A 11 5.31 13.98 -34.44
N LEU A 12 6.22 14.74 -33.84
CA LEU A 12 5.88 15.81 -32.90
C LEU A 12 6.28 17.19 -33.42
N TRP A 13 6.30 17.34 -34.75
CA TRP A 13 6.73 18.61 -35.33
C TRP A 13 5.87 19.80 -34.92
N PRO A 14 4.53 19.73 -34.91
CA PRO A 14 3.77 20.89 -34.41
C PRO A 14 4.12 21.28 -32.98
N ASN A 15 4.32 20.29 -32.10
CA ASN A 15 4.71 20.60 -30.74
C ASN A 15 6.08 21.27 -30.69
N ILE A 16 7.03 20.74 -31.46
CA ILE A 16 8.38 21.31 -31.47
C ILE A 16 8.35 22.74 -31.99
N ARG A 17 7.59 22.98 -33.06
CA ARG A 17 7.48 24.33 -33.60
C ARG A 17 6.82 25.28 -32.60
N LEU A 18 5.79 24.81 -31.91
CA LEU A 18 5.12 25.65 -30.92
C LEU A 18 6.07 26.03 -29.78
N ILE A 19 6.83 25.06 -29.27
CA ILE A 19 7.71 25.39 -28.15
C ILE A 19 8.86 26.27 -28.63
N GLN A 20 9.33 26.06 -29.86
CA GLN A 20 10.36 26.93 -30.43
C GLN A 20 9.87 28.37 -30.55
N LEU A 21 8.64 28.55 -31.03
CA LEU A 21 8.09 29.90 -31.18
C LEU A 21 7.72 30.54 -29.84
N SER A 22 7.43 29.73 -28.82
CA SER A 22 7.04 30.29 -27.53
C SER A 22 8.17 31.12 -26.92
N GLY A 23 9.40 30.63 -27.00
CA GLY A 23 10.53 31.35 -26.46
C GLY A 23 11.35 30.54 -25.48
N LEU A 24 11.11 29.24 -25.42
CA LEU A 24 11.85 28.37 -24.52
C LEU A 24 13.27 28.17 -25.03
N PHE A 25 14.15 27.77 -24.12
CA PHE A 25 15.58 27.63 -24.41
C PHE A 25 15.82 26.30 -25.12
N ILE A 26 15.51 26.28 -26.41
CA ILE A 26 15.74 25.13 -27.28
C ILE A 26 16.60 25.60 -28.46
N SER A 27 17.60 24.79 -28.80
CA SER A 27 18.60 25.18 -29.79
C SER A 27 18.61 24.32 -31.04
N GLU A 28 18.40 23.02 -30.92
CA GLU A 28 18.49 22.13 -32.07
C GLU A 28 17.20 22.18 -32.88
N TYR A 29 17.08 21.26 -33.85
CA TYR A 29 15.93 21.19 -34.75
C TYR A 29 15.73 22.50 -35.51
N TYR A 30 16.82 23.06 -36.02
CA TYR A 30 16.80 24.27 -36.82
C TYR A 30 17.15 23.93 -38.27
N ASP A 31 17.10 24.95 -39.12
CA ASP A 31 17.57 24.82 -40.50
C ASP A 31 18.36 26.04 -40.94
N ASP A 32 18.63 26.98 -40.04
CA ASP A 32 19.34 28.22 -40.34
C ASP A 32 20.43 28.46 -39.31
N TYR A 33 21.32 27.49 -39.14
CA TYR A 33 22.37 27.56 -38.12
C TYR A 33 23.44 28.54 -38.58
N SER A 34 23.12 29.83 -38.42
CA SER A 34 24.04 30.91 -38.74
C SER A 34 24.21 31.80 -37.51
N GLY A 35 25.29 32.57 -37.52
CA GLY A 35 25.60 33.39 -36.36
C GLY A 35 24.54 34.43 -36.07
N LEU A 36 24.10 35.14 -37.11
CA LEU A 36 23.09 36.18 -36.91
C LEU A 36 21.76 35.58 -36.45
N ALA A 37 21.35 34.46 -37.05
CA ALA A 37 20.09 33.83 -36.67
C ALA A 37 20.15 33.33 -35.23
N VAL A 38 21.25 32.67 -34.85
CA VAL A 38 21.35 32.15 -33.49
C VAL A 38 21.42 33.30 -32.49
N LEU A 39 22.07 34.41 -32.86
CA LEU A 39 22.10 35.58 -31.98
C LEU A 39 20.70 36.14 -31.79
N PHE A 40 19.93 36.27 -32.88
CA PHE A 40 18.57 36.80 -32.77
C PHE A 40 17.70 35.89 -31.91
N ARG A 41 17.79 34.58 -32.11
CA ARG A 41 16.96 33.66 -31.35
C ARG A 41 17.34 33.65 -29.87
N LYS A 42 18.64 33.68 -29.57
CA LYS A 42 19.07 33.75 -28.18
C LYS A 42 18.62 35.05 -27.53
N ILE A 43 18.71 36.17 -28.26
CA ILE A 43 18.27 37.45 -27.73
C ILE A 43 16.77 37.41 -27.43
N TYR A 44 15.98 36.87 -28.35
CA TYR A 44 14.54 36.80 -28.15
C TYR A 44 14.20 35.94 -26.93
N SER A 45 14.85 34.78 -26.81
CA SER A 45 14.55 33.90 -25.68
C SER A 45 14.95 34.54 -24.36
N TRP A 46 16.12 35.18 -24.32
CA TRP A 46 16.55 35.83 -23.09
C TRP A 46 15.63 36.98 -22.72
N ILE A 47 15.18 37.76 -23.71
CA ILE A 47 14.25 38.85 -23.44
C ILE A 47 12.94 38.31 -22.89
N THR A 48 12.45 37.22 -23.47
CA THR A 48 11.21 36.61 -22.98
C THR A 48 11.36 36.13 -21.55
N ALA A 49 12.48 35.46 -21.24
CA ALA A 49 12.71 34.98 -19.88
C ALA A 49 12.80 36.14 -18.90
N ILE A 50 13.50 37.22 -19.28
CA ILE A 50 13.64 38.37 -18.41
C ILE A 50 12.28 39.00 -18.13
N ILE A 51 11.46 39.16 -19.18
CA ILE A 51 10.15 39.76 -19.01
C ILE A 51 9.29 38.91 -18.08
N ILE A 52 9.28 37.59 -18.31
CA ILE A 52 8.44 36.70 -17.51
C ILE A 52 8.87 36.75 -16.05
N TYR A 53 10.18 36.67 -15.79
CA TYR A 53 10.64 36.64 -14.41
C TYR A 53 10.45 37.98 -13.72
N SER A 54 10.61 39.10 -14.46
CA SER A 54 10.35 40.40 -13.86
C SER A 54 8.88 40.55 -13.48
N GLN A 55 7.97 40.11 -14.35
CA GLN A 55 6.55 40.19 -14.03
C GLN A 55 6.23 39.29 -12.83
N PHE A 56 6.83 38.11 -12.76
CA PHE A 56 6.59 37.23 -11.61
C PHE A 56 7.11 37.86 -10.32
N ILE A 57 8.28 38.50 -10.39
CA ILE A 57 8.83 39.17 -9.21
C ILE A 57 7.92 40.30 -8.77
N PHE A 58 7.37 41.06 -9.72
CA PHE A 58 6.42 42.11 -9.36
C PHE A 58 5.18 41.51 -8.70
N ILE A 59 4.69 40.38 -9.22
CA ILE A 59 3.50 39.76 -8.67
C ILE A 59 3.75 39.32 -7.23
N VAL A 60 4.88 38.68 -6.97
CA VAL A 60 5.14 38.24 -5.59
C VAL A 60 5.44 39.44 -4.71
N ILE A 61 5.92 40.54 -5.28
CA ILE A 61 6.07 41.77 -4.52
C ILE A 61 4.71 42.27 -4.05
N PHE A 62 3.70 42.21 -4.93
CA PHE A 62 2.36 42.57 -4.50
C PHE A 62 1.75 41.36 -3.80
N MET A 63 2.44 40.86 -2.78
CA MET A 63 1.89 39.82 -1.90
C MET A 63 2.18 40.05 -0.43
N VAL A 64 3.23 40.79 -0.08
CA VAL A 64 3.61 40.99 1.31
C VAL A 64 3.62 42.49 1.62
N THR A 65 3.88 43.31 0.60
CA THR A 65 3.97 44.75 0.80
C THR A 65 2.63 45.46 0.71
N LYS A 66 1.57 44.79 0.26
CA LYS A 66 0.26 45.42 0.15
C LYS A 66 -0.88 44.55 0.64
N SER A 67 -0.62 43.33 1.09
CA SER A 67 -1.68 42.43 1.56
C SER A 67 -1.64 42.38 3.08
N ASN A 68 -2.76 42.72 3.71
CA ASN A 68 -2.88 42.73 5.16
C ASN A 68 -3.74 41.60 5.69
N ASP A 69 -4.94 41.43 5.15
CA ASP A 69 -5.86 40.43 5.66
C ASP A 69 -5.48 39.03 5.16
N SER A 70 -5.97 38.03 5.90
CA SER A 70 -5.69 36.65 5.54
C SER A 70 -6.30 36.27 4.20
N ASP A 71 -7.46 36.82 3.88
CA ASP A 71 -8.08 36.54 2.58
C ASP A 71 -7.22 37.07 1.44
N GLN A 72 -6.72 38.30 1.57
CA GLN A 72 -5.84 38.86 0.54
C GLN A 72 -4.54 38.06 0.45
N LEU A 73 -3.99 37.67 1.59
CA LEU A 73 -2.80 36.83 1.57
C LEU A 73 -3.05 35.52 0.85
N ALA A 74 -4.20 34.89 1.12
CA ALA A 74 -4.54 33.64 0.46
C ALA A 74 -4.67 33.81 -1.04
N ALA A 75 -5.32 34.90 -1.48
CA ALA A 75 -5.46 35.14 -2.91
C ALA A 75 -4.10 35.35 -3.57
N GLY A 76 -3.24 36.15 -2.94
CA GLY A 76 -1.92 36.37 -3.50
C GLY A 76 -1.10 35.09 -3.58
N VAL A 77 -1.14 34.28 -2.52
CA VAL A 77 -0.40 33.02 -2.52
C VAL A 77 -0.96 32.07 -3.56
N VAL A 78 -2.29 32.07 -3.75
CA VAL A 78 -2.90 31.22 -4.76
C VAL A 78 -2.40 31.60 -6.15
N THR A 79 -2.39 32.90 -6.46
CA THR A 79 -1.91 33.32 -7.77
C THR A 79 -0.43 32.99 -7.95
N THR A 80 0.39 33.25 -6.92
CA THR A 80 1.82 33.00 -7.02
C THR A 80 2.11 31.52 -7.23
N LEU A 81 1.44 30.65 -6.47
CA LEU A 81 1.65 29.22 -6.62
C LEU A 81 1.06 28.71 -7.94
N PHE A 82 0.01 29.35 -8.44
CA PHE A 82 -0.56 28.96 -9.72
C PHE A 82 0.43 29.21 -10.84
N PHE A 83 1.15 30.33 -10.79
CA PHE A 83 2.15 30.60 -11.82
C PHE A 83 3.51 29.98 -11.51
N THR A 84 3.70 29.46 -10.30
CA THR A 84 4.94 28.77 -9.98
C THR A 84 5.13 27.52 -10.84
N HIS A 85 4.04 26.90 -11.29
CA HIS A 85 4.17 25.77 -12.20
C HIS A 85 4.93 26.16 -13.47
N SER A 86 4.48 27.23 -14.12
CA SER A 86 5.14 27.70 -15.32
C SER A 86 6.56 28.18 -15.01
N MET A 87 6.74 28.84 -13.86
CA MET A 87 8.07 29.31 -13.50
C MET A 87 9.05 28.15 -13.34
N ILE A 88 8.62 27.05 -12.73
CA ILE A 88 9.49 25.90 -12.57
C ILE A 88 9.73 25.21 -13.91
N LYS A 89 8.69 25.04 -14.72
CA LYS A 89 8.83 24.32 -15.97
C LYS A 89 9.72 25.06 -16.95
N PHE A 90 9.66 26.40 -16.96
CA PHE A 90 10.54 27.16 -17.84
C PHE A 90 12.00 26.86 -17.56
N VAL A 91 12.41 26.97 -16.29
CA VAL A 91 13.81 26.73 -15.96
C VAL A 91 14.16 25.26 -16.12
N TYR A 92 13.21 24.35 -15.90
CA TYR A 92 13.51 22.94 -16.11
C TYR A 92 13.83 22.66 -17.56
N PHE A 93 13.01 23.15 -18.48
CA PHE A 93 13.35 22.95 -19.88
C PHE A 93 14.56 23.76 -20.31
N SER A 94 14.83 24.88 -19.63
CA SER A 94 16.04 25.64 -19.93
C SER A 94 17.30 24.84 -19.63
N THR A 95 17.34 24.17 -18.48
CA THR A 95 18.53 23.45 -18.06
C THR A 95 18.43 21.93 -18.26
N GLY A 96 17.42 21.46 -18.99
CA GLY A 96 17.29 20.03 -19.20
C GLY A 96 16.99 19.62 -20.63
N THR A 97 17.56 20.34 -21.60
CA THR A 97 17.28 20.03 -23.00
C THR A 97 17.88 18.69 -23.42
N LYS A 98 18.96 18.26 -22.77
CA LYS A 98 19.64 17.03 -23.18
C LYS A 98 18.75 15.81 -22.98
N SER A 99 18.02 15.75 -21.86
CA SER A 99 17.12 14.63 -21.63
C SER A 99 16.01 14.58 -22.68
N PHE A 100 15.46 15.74 -23.03
CA PHE A 100 14.43 15.78 -24.07
C PHE A 100 14.98 15.34 -25.41
N TYR A 101 16.20 15.77 -25.75
CA TYR A 101 16.80 15.34 -27.00
C TYR A 101 17.03 13.83 -27.02
N ARG A 102 17.51 13.27 -25.91
CA ARG A 102 17.72 11.84 -25.85
C ARG A 102 16.41 11.08 -25.98
N THR A 103 15.35 11.57 -25.33
CA THR A 103 14.04 10.94 -25.46
C THR A 103 13.54 11.00 -26.90
N LEU A 104 13.67 12.16 -27.54
CA LEU A 104 13.18 12.32 -28.91
C LEU A 104 14.02 11.54 -29.92
N SER A 105 15.26 11.18 -29.57
CA SER A 105 16.13 10.46 -30.47
C SER A 105 16.09 8.95 -30.29
N CYS A 106 15.20 8.45 -29.42
CA CYS A 106 15.15 7.00 -29.20
C CYS A 106 14.70 6.25 -30.45
N TRP A 107 13.66 6.75 -31.11
CA TRP A 107 13.16 6.14 -32.35
C TRP A 107 13.74 6.90 -33.53
N ASN A 108 15.01 6.63 -33.82
CA ASN A 108 15.73 7.32 -34.89
C ASN A 108 15.79 6.48 -36.17
N ASN A 109 16.34 5.28 -36.09
CA ASN A 109 16.53 4.43 -37.27
C ASN A 109 15.70 3.15 -37.21
N THR A 110 14.73 3.07 -36.31
CA THR A 110 13.90 1.88 -36.22
C THR A 110 13.03 1.75 -37.47
N SER A 111 13.01 0.56 -38.06
CA SER A 111 12.23 0.29 -39.24
C SER A 111 11.38 -0.96 -39.04
N PRO A 112 10.11 -0.92 -39.44
CA PRO A 112 9.24 -2.08 -39.22
C PRO A 112 9.65 -3.26 -40.07
N HIS A 113 9.34 -4.46 -39.56
CA HIS A 113 9.55 -5.66 -40.32
C HIS A 113 8.65 -5.66 -41.56
N PRO A 114 9.12 -6.21 -42.68
CA PRO A 114 8.28 -6.20 -43.90
C PRO A 114 6.94 -6.89 -43.73
N LEU A 115 6.85 -7.89 -42.86
CA LEU A 115 5.58 -8.60 -42.69
C LEU A 115 4.59 -7.77 -41.89
N PHE A 116 5.05 -7.07 -40.86
CA PHE A 116 4.19 -6.29 -39.98
C PHE A 116 4.23 -4.79 -40.28
N ALA A 117 4.76 -4.42 -41.46
CA ALA A 117 4.87 -3.01 -41.81
C ALA A 117 3.50 -2.35 -41.92
N GLU A 118 2.52 -3.08 -42.45
CA GLU A 118 1.17 -2.51 -42.58
C GLU A 118 0.57 -2.19 -41.21
N SER A 119 0.70 -3.13 -40.27
CA SER A 119 0.19 -2.89 -38.92
C SER A 119 0.93 -1.74 -38.25
N HIS A 120 2.26 -1.68 -38.43
CA HIS A 120 3.02 -0.58 -37.84
C HIS A 120 2.58 0.76 -38.41
N SER A 121 2.34 0.82 -39.73
CA SER A 121 1.89 2.06 -40.33
C SER A 121 0.51 2.46 -39.83
N ARG A 122 -0.40 1.49 -39.68
CA ARG A 122 -1.73 1.81 -39.16
C ARG A 122 -1.64 2.37 -37.74
N PHE A 123 -0.82 1.74 -36.90
CA PHE A 123 -0.69 2.25 -35.53
C PHE A 123 0.03 3.58 -35.49
N HIS A 124 0.95 3.82 -36.43
CA HIS A 124 1.59 5.14 -36.54
C HIS A 124 0.56 6.21 -36.89
N ALA A 125 -0.34 5.91 -37.82
CA ALA A 125 -1.40 6.86 -38.16
C ALA A 125 -2.31 7.11 -36.97
N LYS A 126 -2.63 6.07 -36.21
CA LYS A 126 -3.45 6.25 -35.02
C LYS A 126 -2.74 7.14 -34.00
N SER A 127 -1.43 6.93 -33.82
CA SER A 127 -0.67 7.77 -32.89
C SER A 127 -0.65 9.22 -33.35
N LEU A 128 -0.49 9.45 -34.66
CA LEU A 128 -0.57 10.81 -35.20
C LEU A 128 -1.91 11.45 -34.91
N SER A 129 -2.99 10.71 -35.12
CA SER A 129 -4.32 11.26 -34.87
C SER A 129 -4.49 11.62 -33.39
N ARG A 130 -4.06 10.74 -32.49
CA ARG A 130 -4.18 11.02 -31.07
C ARG A 130 -3.35 12.23 -30.67
N MET A 131 -2.12 12.34 -31.20
CA MET A 131 -1.26 13.46 -30.86
C MET A 131 -1.88 14.78 -31.34
N ARG A 132 -2.41 14.80 -32.57
CA ARG A 132 -3.02 16.01 -33.09
C ARG A 132 -4.24 16.41 -32.27
N GLN A 133 -5.08 15.42 -31.90
CA GLN A 133 -6.25 15.72 -31.09
C GLN A 133 -5.84 16.29 -29.74
N LEU A 134 -4.82 15.72 -29.10
CA LEU A 134 -4.36 16.21 -27.81
C LEU A 134 -3.82 17.63 -27.93
N LEU A 135 -3.06 17.91 -28.99
CA LEU A 135 -2.55 19.26 -29.19
C LEU A 135 -3.68 20.27 -29.39
N ILE A 136 -4.69 19.89 -30.16
CA ILE A 136 -5.83 20.77 -30.39
C ILE A 136 -6.55 21.06 -29.07
N ILE A 137 -6.75 20.02 -28.25
CA ILE A 137 -7.42 20.21 -26.97
C ILE A 137 -6.61 21.13 -26.08
N VAL A 138 -5.28 20.95 -26.03
CA VAL A 138 -4.44 21.79 -25.19
C VAL A 138 -4.51 23.24 -25.63
N SER A 139 -4.41 23.48 -26.94
CA SER A 139 -4.46 24.84 -27.44
C SER A 139 -5.80 25.49 -27.15
N ILE A 140 -6.90 24.76 -27.33
CA ILE A 140 -8.22 25.31 -27.06
C ILE A 140 -8.35 25.64 -25.57
N VAL A 141 -7.88 24.76 -24.70
CA VAL A 141 -7.99 25.01 -23.27
C VAL A 141 -7.19 26.24 -22.86
N THR A 142 -5.95 26.37 -23.39
CA THR A 142 -5.13 27.52 -23.04
C THR A 142 -5.76 28.82 -23.54
N ILE A 143 -6.27 28.82 -24.78
CA ILE A 143 -6.89 30.03 -25.33
C ILE A 143 -8.11 30.41 -24.51
N PHE A 144 -8.94 29.42 -24.16
CA PHE A 144 -10.13 29.71 -23.37
C PHE A 144 -9.78 30.24 -21.99
N THR A 145 -8.75 29.67 -21.36
CA THR A 145 -8.32 30.15 -20.05
C THR A 145 -7.85 31.60 -20.12
N THR A 146 -7.05 31.93 -21.13
CA THR A 146 -6.58 33.31 -21.27
C THR A 146 -7.75 34.26 -21.52
N ILE A 147 -8.69 33.86 -22.38
CA ILE A 147 -9.84 34.71 -22.68
C ILE A 147 -10.69 34.94 -21.44
N SER A 148 -10.95 33.88 -20.67
CA SER A 148 -11.74 34.02 -19.45
C SER A 148 -11.03 34.90 -18.43
N TRP A 149 -9.71 34.72 -18.28
CA TRP A 149 -8.97 35.56 -17.33
C TRP A 149 -9.04 37.01 -17.74
N THR A 150 -8.93 37.31 -19.04
CA THR A 150 -9.07 38.68 -19.50
C THR A 150 -10.48 39.22 -19.24
N THR A 151 -11.49 38.40 -19.47
CA THR A 151 -12.87 38.85 -19.34
C THR A 151 -13.24 39.15 -17.90
N ILE A 152 -12.85 38.28 -16.96
CA ILE A 152 -13.33 38.38 -15.58
C ILE A 152 -12.83 39.62 -14.86
N THR A 153 -11.83 40.33 -15.41
CA THR A 153 -11.33 41.52 -14.74
C THR A 153 -12.38 42.61 -14.65
N PHE A 154 -13.17 42.78 -15.71
CA PHE A 154 -14.13 43.87 -15.80
C PHE A 154 -15.48 43.55 -15.16
N PHE A 155 -15.64 42.36 -14.59
CA PHE A 155 -16.90 41.95 -13.99
C PHE A 155 -16.97 42.22 -12.50
N GLY A 156 -15.94 42.84 -11.91
CA GLY A 156 -15.92 43.12 -10.49
C GLY A 156 -15.48 44.55 -10.22
N GLU A 157 -15.63 44.94 -8.96
CA GLU A 157 -15.20 46.25 -8.50
C GLU A 157 -13.77 46.16 -7.99
N SER A 158 -12.87 46.92 -8.61
CA SER A 158 -11.45 46.90 -8.26
C SER A 158 -11.25 47.73 -7.00
N VAL A 159 -11.53 47.11 -5.86
CA VAL A 159 -11.39 47.74 -4.56
C VAL A 159 -10.53 46.84 -3.68
N TRP A 160 -9.55 47.44 -3.00
CA TRP A 160 -8.63 46.71 -2.14
C TRP A 160 -8.82 47.19 -0.71
N LYS A 161 -8.91 46.25 0.23
CA LYS A 161 -9.13 46.60 1.62
C LYS A 161 -7.85 47.17 2.21
N VAL A 162 -7.93 48.39 2.74
CA VAL A 162 -6.77 49.06 3.33
C VAL A 162 -7.17 49.68 4.67
N PRO A 163 -6.39 49.47 5.73
CA PRO A 163 -6.73 50.06 7.03
C PRO A 163 -6.70 51.58 6.98
N ASP A 164 -7.61 52.19 7.74
CA ASP A 164 -7.70 53.64 7.77
C ASP A 164 -6.54 54.24 8.56
N PRO A 165 -5.80 55.18 8.00
CA PRO A 165 -4.69 55.80 8.76
C PRO A 165 -5.16 56.64 9.94
N GLU A 166 -6.43 57.04 9.99
CA GLU A 166 -6.91 57.90 11.06
C GLU A 166 -7.37 57.09 12.27
N THR A 167 -8.19 56.06 12.05
CA THR A 167 -8.73 55.26 13.13
C THR A 167 -7.73 54.16 13.51
N PHE A 168 -8.17 53.20 14.33
CA PHE A 168 -7.31 52.13 14.82
C PHE A 168 -7.55 50.82 14.06
N ASN A 169 -8.79 50.35 14.03
CA ASN A 169 -9.13 49.05 13.44
C ASN A 169 -10.29 49.19 12.47
N GLN A 170 -10.22 50.19 11.60
CA GLN A 170 -11.21 50.41 10.55
C GLN A 170 -10.52 50.48 9.20
N THR A 171 -11.15 49.93 8.17
CA THR A 171 -10.59 49.86 6.84
C THR A 171 -11.59 50.38 5.82
N MET A 172 -11.06 50.91 4.71
CA MET A 172 -11.87 51.25 3.54
C MET A 172 -11.46 50.38 2.36
N TYR A 173 -12.09 50.64 1.22
CA TYR A 173 -11.85 49.92 -0.04
C TYR A 173 -11.28 50.92 -1.04
N VAL A 174 -9.95 51.00 -1.09
CA VAL A 174 -9.30 51.95 -1.99
C VAL A 174 -9.46 51.48 -3.42
N PRO A 175 -9.76 52.36 -4.38
CA PRO A 175 -9.80 51.95 -5.78
C PRO A 175 -8.43 51.54 -6.29
N VAL A 176 -8.42 50.55 -7.18
CA VAL A 176 -7.20 50.02 -7.79
C VAL A 176 -7.44 49.97 -9.29
N PRO A 177 -6.40 50.14 -10.12
CA PRO A 177 -6.59 49.99 -11.57
C PRO A 177 -7.13 48.60 -11.92
N ARG A 178 -8.01 48.56 -12.92
CA ARG A 178 -8.61 47.31 -13.38
C ARG A 178 -7.57 46.55 -14.19
N LEU A 179 -6.88 45.64 -13.51
CA LEU A 179 -5.81 44.85 -14.10
C LEU A 179 -6.08 43.36 -13.88
N MET A 180 -5.58 42.54 -14.79
CA MET A 180 -5.78 41.10 -14.69
C MET A 180 -5.08 40.52 -13.48
N LEU A 181 -3.88 41.02 -13.17
CA LEU A 181 -3.11 40.54 -12.04
C LEU A 181 -2.78 41.71 -11.12
N HIS A 182 -2.91 41.47 -9.81
CA HIS A 182 -2.57 42.47 -8.80
C HIS A 182 -1.07 42.46 -8.62
N SER A 183 -0.38 43.39 -9.28
CA SER A 183 1.07 43.46 -9.25
C SER A 183 1.53 44.89 -9.02
N TRP A 184 2.70 45.02 -8.42
CA TRP A 184 3.33 46.32 -8.22
C TRP A 184 4.23 46.66 -9.41
N TYR A 185 4.31 47.94 -9.72
CA TYR A 185 5.11 48.40 -10.84
C TYR A 185 5.95 49.61 -10.43
N PRO A 186 7.17 49.72 -10.96
CA PRO A 186 7.97 50.92 -10.67
C PRO A 186 7.30 52.20 -11.14
N TRP A 187 6.58 52.14 -12.26
CA TRP A 187 5.87 53.30 -12.79
C TRP A 187 4.38 53.18 -12.46
N ASP A 188 3.69 54.31 -12.55
CA ASP A 188 2.27 54.37 -12.21
C ASP A 188 1.45 53.60 -13.24
N SER A 189 0.37 52.96 -12.77
CA SER A 189 -0.51 52.18 -13.64
C SER A 189 -1.97 52.59 -13.47
N GLY A 190 -2.22 53.77 -12.90
CA GLY A 190 -3.59 54.19 -12.69
C GLY A 190 -4.35 54.45 -13.98
N HIS A 191 -3.72 55.11 -14.94
CA HIS A 191 -4.42 55.50 -16.15
C HIS A 191 -3.40 55.76 -17.27
N GLY A 192 -3.92 55.77 -18.49
CA GLY A 192 -3.12 56.22 -19.62
C GLY A 192 -2.16 55.17 -20.15
N LEU A 193 -1.05 55.67 -20.71
CA LEU A 193 -0.08 54.80 -21.37
C LEU A 193 0.46 53.76 -20.40
N GLY A 194 0.68 54.15 -19.15
CA GLY A 194 1.09 53.17 -18.15
C GLY A 194 0.07 52.07 -17.97
N TYR A 195 -1.21 52.42 -17.92
CA TYR A 195 -2.26 51.43 -17.78
C TYR A 195 -2.28 50.47 -18.98
N ILE A 196 -2.19 51.02 -20.18
CA ILE A 196 -2.22 50.16 -21.37
C ILE A 196 -1.01 49.25 -21.41
N VAL A 197 0.18 49.79 -21.08
CA VAL A 197 1.39 48.97 -21.08
C VAL A 197 1.29 47.87 -20.05
N ALA A 198 0.80 48.18 -18.85
CA ALA A 198 0.67 47.17 -17.81
C ALA A 198 -0.32 46.08 -18.23
N PHE A 199 -1.45 46.48 -18.81
CA PHE A 199 -2.43 45.49 -19.24
C PHE A 199 -1.86 44.59 -20.33
N VAL A 200 -1.17 45.17 -21.31
CA VAL A 200 -0.58 44.38 -22.38
C VAL A 200 0.46 43.41 -21.82
N LEU A 201 1.31 43.89 -20.91
CA LEU A 201 2.35 43.05 -20.34
C LEU A 201 1.73 41.89 -19.56
N GLN A 202 0.69 42.16 -18.77
CA GLN A 202 0.08 41.08 -18.00
C GLN A 202 -0.63 40.08 -18.90
N PHE A 203 -1.29 40.56 -19.95
CA PHE A 203 -1.95 39.65 -20.89
C PHE A 203 -0.92 38.74 -21.55
N TYR A 204 0.17 39.32 -22.04
CA TYR A 204 1.23 38.53 -22.67
C TYR A 204 1.84 37.56 -21.68
N TRP A 205 2.07 38.00 -20.43
CA TRP A 205 2.66 37.13 -19.43
C TRP A 205 1.77 35.94 -19.11
N VAL A 206 0.47 36.19 -18.92
CA VAL A 206 -0.45 35.10 -18.62
C VAL A 206 -0.48 34.11 -19.78
N PHE A 207 -0.61 34.63 -21.01
CA PHE A 207 -0.68 33.75 -22.17
C PHE A 207 0.58 32.91 -22.30
N ILE A 208 1.76 33.52 -22.16
CA ILE A 208 3.00 32.80 -22.38
C ILE A 208 3.26 31.79 -21.27
N THR A 209 2.99 32.17 -20.02
CA THR A 209 3.19 31.22 -18.92
C THR A 209 2.26 30.02 -19.04
N LEU A 210 0.99 30.27 -19.38
CA LEU A 210 0.08 29.15 -19.61
C LEU A 210 0.55 28.31 -20.79
N SER A 211 1.09 28.95 -21.83
CA SER A 211 1.60 28.21 -22.98
C SER A 211 2.73 27.28 -22.58
N HIS A 212 3.67 27.75 -21.76
CA HIS A 212 4.76 26.89 -21.32
C HIS A 212 4.24 25.74 -20.45
N SER A 213 3.42 26.07 -19.45
CA SER A 213 2.94 25.05 -18.53
C SER A 213 2.05 24.02 -19.22
N ASN A 214 1.43 24.38 -20.34
CA ASN A 214 0.64 23.42 -21.10
C ASN A 214 1.47 22.66 -22.12
N LEU A 215 2.48 23.31 -22.72
CA LEU A 215 3.34 22.64 -23.68
C LEU A 215 4.14 21.52 -23.03
N MET A 216 4.61 21.73 -21.81
CA MET A 216 5.36 20.66 -21.14
C MET A 216 4.50 19.43 -20.93
N GLU A 217 3.29 19.62 -20.41
CA GLU A 217 2.39 18.49 -20.20
C GLU A 217 1.96 17.86 -21.51
N LEU A 218 1.78 18.67 -22.56
CA LEU A 218 1.44 18.13 -23.87
C LEU A 218 2.56 17.25 -24.40
N LEU A 219 3.82 17.67 -24.22
CA LEU A 219 4.94 16.84 -24.65
C LEU A 219 4.98 15.52 -23.89
N PHE A 220 4.79 15.58 -22.56
CA PHE A 220 4.78 14.35 -21.78
C PHE A 220 3.66 13.41 -22.22
N SER A 221 2.47 13.96 -22.43
CA SER A 221 1.33 13.15 -22.85
C SER A 221 1.56 12.55 -24.24
N SER A 222 2.19 13.32 -25.15
CA SER A 222 2.48 12.79 -26.47
C SER A 222 3.48 11.64 -26.41
N PHE A 223 4.51 11.79 -25.56
CA PHE A 223 5.46 10.69 -25.38
C PHE A 223 4.76 9.43 -24.88
N LEU A 224 3.89 9.59 -23.87
CA LEU A 224 3.17 8.44 -23.35
C LEU A 224 2.24 7.82 -24.39
N VAL A 225 1.60 8.67 -25.21
CA VAL A 225 0.71 8.18 -26.25
C VAL A 225 1.48 7.35 -27.28
N HIS A 226 2.66 7.82 -27.67
CA HIS A 226 3.46 7.06 -28.63
C HIS A 226 3.90 5.74 -28.03
N ALA A 227 4.31 5.73 -26.76
CA ALA A 227 4.69 4.47 -26.13
C ALA A 227 3.51 3.49 -26.09
N CYS A 228 2.32 4.00 -25.75
CA CYS A 228 1.14 3.14 -25.68
C CYS A 228 0.80 2.58 -27.05
N GLU A 229 0.91 3.39 -28.10
CA GLU A 229 0.60 2.91 -29.45
C GLU A 229 1.61 1.86 -29.89
N GLN A 230 2.89 2.04 -29.56
CA GLN A 230 3.87 1.01 -29.89
C GLN A 230 3.57 -0.29 -29.17
N LEU A 231 3.19 -0.22 -27.88
CA LEU A 231 2.85 -1.42 -27.14
C LEU A 231 1.61 -2.10 -27.73
N GLN A 232 0.63 -1.30 -28.16
CA GLN A 232 -0.57 -1.87 -28.77
C GLN A 232 -0.23 -2.57 -30.08
N HIS A 233 0.64 -1.98 -30.88
CA HIS A 233 1.07 -2.64 -32.11
C HIS A 233 1.78 -3.96 -31.81
N LEU A 234 2.65 -3.96 -30.80
CA LEU A 234 3.33 -5.19 -30.41
C LEU A 234 2.33 -6.26 -29.98
N LYS A 235 1.32 -5.87 -29.22
CA LYS A 235 0.28 -6.81 -28.83
C LYS A 235 -0.48 -7.34 -30.05
N GLU A 236 -0.74 -6.47 -31.02
CA GLU A 236 -1.55 -6.87 -32.18
C GLU A 236 -0.81 -7.87 -33.05
N ILE A 237 0.49 -7.66 -33.29
CA ILE A 237 1.22 -8.55 -34.20
C ILE A 237 1.63 -9.87 -33.57
N LEU A 238 1.36 -10.06 -32.28
CA LEU A 238 1.80 -11.27 -31.60
C LEU A 238 1.11 -12.51 -32.15
N ASN A 239 -0.19 -12.41 -32.47
CA ASN A 239 -0.90 -13.57 -33.00
C ASN A 239 -0.35 -14.02 -34.36
N PRO A 240 -0.17 -13.15 -35.36
CA PRO A 240 0.50 -13.61 -36.59
C PRO A 240 1.94 -14.05 -36.35
N LEU A 241 2.65 -13.42 -35.41
CA LEU A 241 4.01 -13.84 -35.11
C LEU A 241 4.04 -15.29 -34.65
N ILE A 242 3.12 -15.65 -33.75
CA ILE A 242 3.07 -17.04 -33.27
C ILE A 242 2.58 -17.98 -34.35
N GLU A 243 1.55 -17.57 -35.11
CA GLU A 243 1.02 -18.41 -36.18
C GLU A 243 2.06 -18.69 -37.26
N LEU A 244 3.05 -17.81 -37.41
CA LEU A 244 4.14 -18.08 -38.34
C LEU A 244 4.91 -19.35 -37.97
N SER A 245 4.92 -19.69 -36.68
CA SER A 245 5.72 -20.80 -36.17
C SER A 245 4.97 -22.12 -36.12
N ALA A 246 3.77 -22.18 -36.68
CA ALA A 246 3.00 -23.42 -36.67
C ALA A 246 3.69 -24.49 -37.48
N THR A 247 3.50 -25.75 -37.07
CA THR A 247 4.12 -26.89 -37.71
C THR A 247 3.19 -27.59 -38.68
N LEU A 248 2.33 -26.83 -39.37
CA LEU A 248 1.41 -27.41 -40.33
C LEU A 248 2.15 -28.01 -41.51
N ASP A 249 1.58 -29.06 -42.08
CA ASP A 249 2.18 -29.73 -43.23
C ASP A 249 2.15 -28.85 -44.47
N LEU A 303 9.73 -28.31 -39.82
CA LEU A 303 9.98 -26.90 -40.11
C LEU A 303 11.13 -26.74 -41.10
N THR A 304 10.87 -26.05 -42.20
CA THR A 304 11.91 -25.79 -43.18
C THR A 304 12.88 -24.74 -42.65
N SER A 305 14.06 -24.68 -43.30
CA SER A 305 15.07 -23.72 -42.90
C SER A 305 14.58 -22.29 -43.09
N ASN A 306 13.87 -22.03 -44.19
CA ASN A 306 13.32 -20.70 -44.43
C ASN A 306 12.31 -20.33 -43.36
N GLN A 307 11.42 -21.26 -43.01
CA GLN A 307 10.44 -20.99 -41.96
C GLN A 307 11.12 -20.73 -40.62
N GLU A 308 12.14 -21.53 -40.28
CA GLU A 308 12.83 -21.35 -39.02
C GLU A 308 13.54 -20.00 -38.96
N VAL A 309 14.23 -19.62 -40.04
CA VAL A 309 14.95 -18.34 -40.02
C VAL A 309 13.97 -17.18 -40.01
N LEU A 310 12.84 -17.31 -40.71
CA LEU A 310 11.83 -16.26 -40.67
C LEU A 310 11.26 -16.09 -39.27
N VAL A 311 10.97 -17.20 -38.59
CA VAL A 311 10.46 -17.13 -37.23
C VAL A 311 11.49 -16.51 -36.30
N ARG A 312 12.76 -16.90 -36.44
CA ARG A 312 13.80 -16.33 -35.59
C ARG A 312 13.94 -14.83 -35.82
N SER A 313 13.91 -14.39 -37.08
CA SER A 313 14.04 -12.97 -37.38
C SER A 313 12.85 -12.17 -36.84
N ALA A 314 11.63 -12.72 -36.98
CA ALA A 314 10.46 -12.02 -36.46
C ALA A 314 10.50 -11.94 -34.94
N ILE A 315 10.93 -13.01 -34.27
CA ILE A 315 11.05 -12.99 -32.82
C ILE A 315 12.09 -11.96 -32.40
N LYS A 316 13.22 -11.90 -33.12
CA LYS A 316 14.24 -10.90 -32.81
C LYS A 316 13.69 -9.49 -32.97
N TYR A 317 12.93 -9.24 -34.04
CA TYR A 317 12.37 -7.91 -34.25
C TYR A 317 11.39 -7.55 -33.13
N TRP A 318 10.54 -8.49 -32.74
CA TRP A 318 9.61 -8.23 -31.65
C TRP A 318 10.34 -7.92 -30.35
N VAL A 319 11.38 -8.69 -30.05
CA VAL A 319 12.15 -8.47 -28.82
C VAL A 319 12.82 -7.11 -28.86
N GLU A 320 13.41 -6.74 -30.00
CA GLU A 320 14.07 -5.45 -30.12
C GLU A 320 13.08 -4.31 -29.94
N ARG A 321 11.88 -4.43 -30.52
CA ARG A 321 10.89 -3.38 -30.37
C ARG A 321 10.43 -3.26 -28.91
N HIS A 322 10.24 -4.39 -28.24
CA HIS A 322 9.82 -4.31 -26.83
C HIS A 322 10.93 -3.71 -25.96
N LYS A 323 12.19 -4.05 -26.23
CA LYS A 323 13.29 -3.44 -25.51
C LYS A 323 13.36 -1.94 -25.77
N HIS A 324 13.11 -1.54 -27.01
CA HIS A 324 13.05 -0.11 -27.33
C HIS A 324 11.96 0.58 -26.53
N VAL A 325 10.79 -0.05 -26.42
CA VAL A 325 9.69 0.54 -25.66
C VAL A 325 10.06 0.67 -24.19
N VAL A 326 10.69 -0.36 -23.63
CA VAL A 326 11.07 -0.33 -22.21
C VAL A 326 12.09 0.78 -21.97
N LYS A 327 13.11 0.87 -22.83
CA LYS A 327 14.12 1.91 -22.67
C LYS A 327 13.51 3.29 -22.86
N TYR A 328 12.54 3.42 -23.77
CA TYR A 328 11.86 4.68 -23.99
C TYR A 328 11.08 5.11 -22.76
N VAL A 329 10.39 4.17 -22.10
CA VAL A 329 9.67 4.49 -20.88
C VAL A 329 10.63 4.86 -19.77
N SER A 330 11.78 4.18 -19.69
CA SER A 330 12.78 4.54 -18.70
C SER A 330 13.31 5.95 -18.93
N LEU A 331 13.54 6.30 -20.21
CA LEU A 331 13.97 7.66 -20.53
C LEU A 331 12.90 8.68 -20.18
N ILE A 332 11.63 8.33 -20.38
CA ILE A 332 10.54 9.20 -19.98
C ILE A 332 10.58 9.46 -18.48
N THR A 333 10.76 8.39 -17.70
CA THR A 333 10.84 8.54 -16.25
C THR A 333 12.02 9.41 -15.85
N GLU A 334 13.18 9.19 -16.49
CA GLU A 334 14.35 10.00 -16.17
C GLU A 334 14.15 11.46 -16.51
N CYS A 335 13.52 11.75 -17.65
CA CYS A 335 13.36 13.13 -18.10
C CYS A 335 12.28 13.87 -17.34
N TYR A 336 11.19 13.20 -16.96
CA TYR A 336 10.03 13.86 -16.37
C TYR A 336 9.72 13.33 -14.97
N GLY A 337 10.74 13.20 -14.14
CA GLY A 337 10.51 12.85 -12.76
C GLY A 337 10.43 14.06 -11.85
N SER A 338 11.45 14.90 -11.91
CA SER A 338 11.48 16.09 -11.07
C SER A 338 10.39 17.08 -11.46
N ALA A 339 10.03 17.15 -12.74
CA ALA A 339 8.93 18.02 -13.15
C ALA A 339 7.63 17.63 -12.47
N LEU A 340 7.30 16.33 -12.51
CA LEU A 340 6.08 15.87 -11.87
C LEU A 340 6.16 16.04 -10.36
N LEU A 341 7.33 15.80 -9.77
CA LEU A 341 7.48 15.98 -8.33
C LEU A 341 7.21 17.42 -7.92
N PHE A 342 7.84 18.38 -8.61
CA PHE A 342 7.63 19.78 -8.30
C PHE A 342 6.19 20.20 -8.56
N HIS A 343 5.61 19.72 -9.66
CA HIS A 343 4.22 20.05 -9.98
C HIS A 343 3.29 19.60 -8.88
N MET A 344 3.45 18.36 -8.40
CA MET A 344 2.58 17.87 -7.35
C MET A 344 2.83 18.57 -6.03
N LEU A 345 4.10 18.90 -5.74
CA LEU A 345 4.41 19.61 -4.51
C LEU A 345 3.75 20.98 -4.47
N VAL A 346 3.77 21.70 -5.59
CA VAL A 346 3.11 23.00 -5.64
C VAL A 346 1.59 22.83 -5.62
N SER A 347 1.09 21.84 -6.35
CA SER A 347 -0.36 21.66 -6.47
C SER A 347 -0.98 21.23 -5.14
N THR A 348 -0.23 20.56 -4.28
CA THR A 348 -0.77 20.21 -2.97
C THR A 348 -1.15 21.46 -2.18
N VAL A 349 -0.23 22.42 -2.10
CA VAL A 349 -0.53 23.68 -1.42
C VAL A 349 -1.62 24.44 -2.15
N ILE A 350 -1.57 24.43 -3.49
CA ILE A 350 -2.60 25.12 -4.27
C ILE A 350 -3.98 24.59 -3.90
N LEU A 351 -4.13 23.26 -3.89
CA LEU A 351 -5.43 22.66 -3.62
C LEU A 351 -5.85 22.87 -2.18
N THR A 352 -4.91 22.83 -1.24
CA THR A 352 -5.27 23.10 0.16
C THR A 352 -5.84 24.50 0.32
N ILE A 353 -5.14 25.51 -0.21
CA ILE A 353 -5.62 26.88 -0.08
C ILE A 353 -6.90 27.09 -0.87
N LEU A 354 -7.04 26.41 -2.02
CA LEU A 354 -8.27 26.55 -2.80
C LEU A 354 -9.45 25.94 -2.09
N ALA A 355 -9.25 24.81 -1.40
CA ALA A 355 -10.32 24.23 -0.59
C ALA A 355 -10.70 25.15 0.55
N TYR A 356 -9.71 25.77 1.20
CA TYR A 356 -10.02 26.75 2.24
C TYR A 356 -10.83 27.91 1.67
N GLN A 357 -10.45 28.39 0.48
CA GLN A 357 -11.19 29.48 -0.15
C GLN A 357 -12.61 29.07 -0.49
N ALA A 358 -12.79 27.87 -1.02
CA ALA A 358 -14.12 27.37 -1.35
C ALA A 358 -14.96 27.13 -0.10
N THR A 359 -14.33 26.95 1.05
CA THR A 359 -15.09 26.84 2.29
C THR A 359 -15.92 28.10 2.55
N LYS A 360 -15.34 29.27 2.27
CA LYS A 360 -16.02 30.54 2.49
C LYS A 360 -16.79 31.01 1.25
N ILE A 361 -16.94 30.16 0.23
CA ILE A 361 -17.69 30.55 -0.96
C ILE A 361 -19.15 30.83 -0.57
N ASN A 362 -19.80 31.68 -1.36
CA ASN A 362 -21.21 31.99 -1.14
C ASN A 362 -21.78 32.58 -2.41
N GLY A 363 -22.97 32.12 -2.78
CA GLY A 363 -23.69 32.63 -3.93
C GLY A 363 -22.91 32.44 -5.22
N VAL A 364 -23.18 33.33 -6.18
CA VAL A 364 -22.46 33.38 -7.44
C VAL A 364 -21.91 34.79 -7.61
N ASN A 365 -20.60 34.89 -7.79
CA ASN A 365 -19.93 36.19 -7.90
C ASN A 365 -18.52 35.97 -8.43
N VAL A 366 -17.75 37.05 -8.47
CA VAL A 366 -16.40 37.01 -9.02
C VAL A 366 -15.52 36.08 -8.21
N PHE A 367 -15.63 36.14 -6.88
CA PHE A 367 -14.81 35.27 -6.03
C PHE A 367 -15.17 33.80 -6.24
N ALA A 368 -16.46 33.49 -6.33
CA ALA A 368 -16.88 32.12 -6.57
C ALA A 368 -16.35 31.61 -7.91
N PHE A 369 -16.49 32.42 -8.95
CA PHE A 369 -15.97 32.01 -10.27
C PHE A 369 -14.46 31.83 -10.23
N SER A 370 -13.74 32.71 -9.53
CA SER A 370 -12.29 32.60 -9.43
C SER A 370 -11.89 31.29 -8.76
N THR A 371 -12.51 30.98 -7.62
CA THR A 371 -12.17 29.75 -6.92
C THR A 371 -12.51 28.52 -7.76
N ILE A 372 -13.67 28.54 -8.42
CA ILE A 372 -14.07 27.39 -9.24
C ILE A 372 -13.09 27.20 -10.39
N GLY A 373 -12.71 28.29 -11.07
CA GLY A 373 -11.79 28.17 -12.18
C GLY A 373 -10.42 27.69 -11.76
N TYR A 374 -9.90 28.23 -10.65
CA TYR A 374 -8.60 27.78 -10.16
C TYR A 374 -8.63 26.29 -9.82
N LEU A 375 -9.69 25.84 -9.13
CA LEU A 375 -9.81 24.43 -8.78
C LEU A 375 -9.88 23.56 -10.03
N MET A 376 -10.69 23.97 -11.01
CA MET A 376 -10.86 23.18 -12.22
C MET A 376 -9.55 23.06 -12.99
N TYR A 377 -8.82 24.17 -13.15
CA TYR A 377 -7.56 24.12 -13.87
C TYR A 377 -6.53 23.28 -13.13
N SER A 378 -6.46 23.44 -11.80
CA SER A 378 -5.48 22.68 -11.03
C SER A 378 -5.77 21.18 -11.07
N PHE A 379 -7.04 20.79 -11.12
CA PHE A 379 -7.35 19.37 -11.22
C PHE A 379 -7.12 18.85 -12.63
N ALA A 380 -7.44 19.65 -13.65
CA ALA A 380 -7.24 19.23 -15.03
C ALA A 380 -5.77 19.02 -15.35
N GLN A 381 -4.90 19.89 -14.82
CA GLN A 381 -3.47 19.74 -15.08
C GLN A 381 -2.96 18.40 -14.56
N ILE A 382 -3.39 18.00 -13.35
CA ILE A 382 -2.99 16.70 -12.82
C ILE A 382 -3.58 15.57 -13.64
N PHE A 383 -4.88 15.66 -13.94
CA PHE A 383 -5.56 14.59 -14.65
C PHE A 383 -4.95 14.33 -16.02
N MET A 384 -4.44 15.39 -16.67
CA MET A 384 -3.96 15.26 -18.03
C MET A 384 -2.84 14.23 -18.15
N PHE A 385 -1.91 14.23 -17.20
CA PHE A 385 -0.86 13.22 -17.22
C PHE A 385 -1.21 11.98 -16.40
N CYS A 386 -2.10 12.10 -15.42
CA CYS A 386 -2.51 10.92 -14.66
C CYS A 386 -3.21 9.90 -15.55
N ILE A 387 -4.08 10.37 -16.44
CA ILE A 387 -4.82 9.45 -17.32
C ILE A 387 -3.85 8.71 -18.24
N HIS A 388 -2.84 9.42 -18.77
CA HIS A 388 -1.91 8.79 -19.68
C HIS A 388 -0.99 7.82 -18.95
N GLY A 389 -0.57 8.16 -17.74
CA GLY A 389 0.19 7.20 -16.95
C GLY A 389 -0.59 5.93 -16.68
N ASN A 390 -1.86 6.07 -16.29
CA ASN A 390 -2.69 4.88 -16.05
C ASN A 390 -2.89 4.08 -17.32
N GLU A 391 -3.10 4.75 -18.45
CA GLU A 391 -3.27 4.04 -19.71
C GLU A 391 -2.01 3.28 -20.10
N LEU A 392 -0.83 3.88 -19.89
CA LEU A 392 0.41 3.17 -20.17
C LEU A 392 0.56 1.96 -19.26
N ILE A 393 0.21 2.10 -17.98
CA ILE A 393 0.30 0.97 -17.07
C ILE A 393 -0.60 -0.17 -17.54
N GLU A 394 -1.83 0.16 -17.94
CA GLU A 394 -2.77 -0.85 -18.39
C GLU A 394 -2.28 -1.54 -19.67
N GLU A 395 -1.79 -0.75 -20.63
CA GLU A 395 -1.35 -1.31 -21.90
C GLU A 395 -0.08 -2.15 -21.73
N SER A 396 0.76 -1.81 -20.76
CA SER A 396 1.94 -2.63 -20.49
C SER A 396 1.58 -3.90 -19.74
N SER A 397 0.58 -3.85 -18.87
CA SER A 397 0.18 -5.05 -18.13
C SER A 397 -0.61 -6.03 -19.00
N SER A 398 -1.34 -5.55 -20.00
CA SER A 398 -2.17 -6.42 -20.82
C SER A 398 -1.38 -7.21 -21.85
N VAL A 399 -0.08 -6.94 -22.00
CA VAL A 399 0.72 -7.68 -22.97
C VAL A 399 0.80 -9.15 -22.60
N MET A 400 0.84 -9.46 -21.31
CA MET A 400 0.86 -10.86 -20.88
C MET A 400 -0.40 -11.59 -21.33
N GLU A 401 -1.57 -10.95 -21.14
CA GLU A 401 -2.82 -11.57 -21.58
C GLU A 401 -2.86 -11.71 -23.10
N ALA A 402 -2.36 -10.69 -23.81
CA ALA A 402 -2.32 -10.79 -25.27
C ALA A 402 -1.44 -11.94 -25.73
N ALA A 403 -0.30 -12.13 -25.06
CA ALA A 403 0.61 -13.20 -25.43
C ALA A 403 0.03 -14.57 -25.09
N TYR A 404 -0.60 -14.70 -23.93
CA TYR A 404 -1.19 -15.98 -23.54
C TYR A 404 -2.43 -16.32 -24.35
N GLY A 405 -3.10 -15.33 -24.92
CA GLY A 405 -4.33 -15.56 -25.64
C GLY A 405 -4.20 -15.97 -27.08
N CYS A 406 -2.99 -16.20 -27.57
CA CYS A 406 -2.78 -16.59 -28.96
C CYS A 406 -2.67 -18.11 -29.06
N HIS A 407 -2.54 -18.59 -30.31
CA HIS A 407 -2.47 -20.03 -30.57
C HIS A 407 -1.01 -20.49 -30.47
N TRP A 408 -0.49 -20.43 -29.25
CA TRP A 408 0.90 -20.83 -29.00
C TRP A 408 1.06 -22.30 -28.67
N TYR A 409 -0.03 -23.01 -28.34
CA TYR A 409 0.09 -24.43 -27.99
C TYR A 409 0.50 -25.25 -29.21
N ASP A 410 -0.06 -24.94 -30.37
CA ASP A 410 0.32 -25.64 -31.61
C ASP A 410 1.45 -24.90 -32.34
N GLY A 411 2.52 -24.63 -31.60
CA GLY A 411 3.68 -23.95 -32.16
C GLY A 411 4.96 -24.71 -31.86
N SER A 412 6.06 -24.17 -32.38
CA SER A 412 7.35 -24.79 -32.21
C SER A 412 7.89 -24.53 -30.80
N GLU A 413 8.95 -25.27 -30.45
CA GLU A 413 9.58 -25.09 -29.15
C GLU A 413 10.16 -23.69 -29.00
N GLU A 414 10.69 -23.13 -30.09
CA GLU A 414 11.17 -21.75 -30.05
C GLU A 414 10.04 -20.78 -29.75
N ALA A 415 8.89 -20.99 -30.38
CA ALA A 415 7.74 -20.12 -30.12
C ALA A 415 7.26 -20.25 -28.68
N LYS A 416 7.23 -21.48 -28.15
CA LYS A 416 6.82 -21.67 -26.77
C LYS A 416 7.79 -21.00 -25.80
N THR A 417 9.10 -21.12 -26.07
CA THR A 417 10.09 -20.45 -25.23
C THR A 417 9.94 -18.94 -25.29
N PHE A 418 9.71 -18.39 -26.48
CA PHE A 418 9.52 -16.95 -26.62
C PHE A 418 8.28 -16.49 -25.85
N VAL A 419 7.19 -17.26 -25.95
CA VAL A 419 5.97 -16.92 -25.21
C VAL A 419 6.23 -16.97 -23.71
N GLN A 420 6.97 -17.98 -23.25
CA GLN A 420 7.25 -18.11 -21.83
C GLN A 420 8.08 -16.93 -21.33
N ILE A 421 9.10 -16.52 -22.08
CA ILE A 421 9.94 -15.40 -21.66
C ILE A 421 9.14 -14.10 -21.67
N VAL A 422 8.28 -13.92 -22.67
CA VAL A 422 7.44 -12.72 -22.72
C VAL A 422 6.50 -12.68 -21.53
N CYS A 423 5.88 -13.82 -21.21
CA CYS A 423 5.00 -13.88 -20.05
C CYS A 423 5.76 -13.58 -18.77
N GLN A 424 7.01 -14.04 -18.69
CA GLN A 424 7.83 -13.79 -17.51
C GLN A 424 8.13 -12.31 -17.33
N GLN A 425 8.67 -11.65 -18.37
CA GLN A 425 9.07 -10.26 -18.20
C GLN A 425 7.87 -9.33 -18.13
N CYS A 426 6.93 -9.47 -19.06
CA CYS A 426 5.85 -8.49 -19.18
C CYS A 426 4.72 -8.80 -18.19
N GLN A 427 5.16 -8.97 -16.95
CA GLN A 427 4.31 -9.27 -15.80
C GLN A 427 4.04 -8.04 -14.95
N LYS A 428 5.08 -7.27 -14.61
CA LYS A 428 4.76 -6.04 -13.90
C LYS A 428 4.73 -4.87 -14.88
N PRO A 429 3.73 -4.00 -14.74
CA PRO A 429 3.51 -2.96 -15.75
C PRO A 429 4.63 -1.92 -15.76
N LEU A 430 4.83 -1.32 -16.93
CA LEU A 430 5.75 -0.21 -17.07
C LEU A 430 5.16 1.01 -16.39
N ILE A 431 5.91 1.61 -15.46
CA ILE A 431 5.41 2.69 -14.63
C ILE A 431 6.26 3.93 -14.86
N VAL A 432 5.60 5.06 -15.10
CA VAL A 432 6.30 6.35 -15.19
C VAL A 432 6.26 6.94 -13.78
N SER A 433 7.24 6.53 -12.98
CA SER A 433 7.33 7.02 -11.60
C SER A 433 7.76 8.48 -11.60
N GLY A 434 7.13 9.28 -10.76
CA GLY A 434 7.49 10.68 -10.66
C GLY A 434 8.61 10.91 -9.67
N ALA A 435 9.84 11.00 -10.18
CA ALA A 435 11.03 11.17 -9.35
C ALA A 435 11.11 10.06 -8.30
N LYS A 436 10.73 8.85 -8.70
CA LYS A 436 10.73 7.63 -7.88
C LYS A 436 10.04 7.84 -6.53
N PHE A 437 9.20 8.87 -6.42
CA PHE A 437 8.44 9.14 -5.20
C PHE A 437 7.08 8.45 -5.24
N PHE A 438 6.29 8.73 -6.27
CA PHE A 438 4.96 8.18 -6.45
C PHE A 438 4.84 7.59 -7.85
N ASN A 439 3.76 6.85 -8.06
CA ASN A 439 3.49 6.20 -9.34
C ASN A 439 2.43 7.00 -10.08
N VAL A 440 2.76 7.50 -11.26
CA VAL A 440 1.83 8.33 -12.02
C VAL A 440 0.80 7.42 -12.67
N SER A 441 -0.43 7.50 -12.18
CA SER A 441 -1.57 6.76 -12.72
C SER A 441 -2.83 7.49 -12.28
N LEU A 442 -3.99 6.85 -12.46
CA LEU A 442 -5.22 7.43 -11.96
C LEU A 442 -5.39 7.23 -10.47
N ASP A 443 -4.61 6.34 -9.86
CA ASP A 443 -4.64 6.19 -8.41
C ASP A 443 -4.24 7.48 -7.72
N LEU A 444 -3.19 8.14 -8.23
CA LEU A 444 -2.73 9.39 -7.64
C LEU A 444 -3.80 10.47 -7.74
N PHE A 445 -4.44 10.58 -8.91
CA PHE A 445 -5.48 11.59 -9.09
C PHE A 445 -6.68 11.31 -8.19
N ALA A 446 -7.07 10.03 -8.07
CA ALA A 446 -8.18 9.68 -7.18
C ALA A 446 -7.84 9.99 -5.73
N SER A 447 -6.60 9.70 -5.31
CA SER A 447 -6.20 10.02 -3.94
C SER A 447 -6.21 11.52 -3.71
N VAL A 448 -5.74 12.30 -4.68
CA VAL A 448 -5.74 13.76 -4.54
C VAL A 448 -7.16 14.29 -4.43
N LEU A 449 -8.05 13.81 -5.29
CA LEU A 449 -9.44 14.25 -5.24
C LEU A 449 -10.09 13.89 -3.92
N GLY A 450 -9.86 12.66 -3.45
CA GLY A 450 -10.42 12.25 -2.16
C GLY A 450 -9.89 13.09 -1.01
N ALA A 451 -8.60 13.37 -1.00
CA ALA A 451 -8.02 14.18 0.06
C ALA A 451 -8.60 15.60 0.04
N VAL A 452 -8.74 16.18 -1.16
CA VAL A 452 -9.28 17.53 -1.27
C VAL A 452 -10.73 17.56 -0.79
N VAL A 453 -11.54 16.57 -1.19
CA VAL A 453 -12.93 16.52 -0.77
C VAL A 453 -13.03 16.34 0.74
N THR A 454 -12.20 15.47 1.30
CA THR A 454 -12.20 15.26 2.74
C THR A 454 -11.81 16.53 3.49
N TYR A 455 -10.79 17.24 3.01
CA TYR A 455 -10.40 18.49 3.65
C TYR A 455 -11.52 19.53 3.56
N PHE A 456 -12.19 19.61 2.41
CA PHE A 456 -13.30 20.55 2.29
C PHE A 456 -14.43 20.22 3.26
N MET A 457 -14.76 18.93 3.39
CA MET A 457 -15.79 18.52 4.34
C MET A 457 -15.39 18.83 5.77
N VAL A 458 -14.12 18.57 6.11
CA VAL A 458 -13.65 18.86 7.46
C VAL A 458 -13.74 20.35 7.76
N LEU A 459 -13.33 21.18 6.80
CA LEU A 459 -13.40 22.63 7.02
C LEU A 459 -14.84 23.11 7.15
N VAL A 460 -15.74 22.62 6.29
CA VAL A 460 -17.12 23.07 6.36
C VAL A 460 -17.80 22.56 7.63
N GLN A 461 -17.30 21.46 8.21
CA GLN A 461 -17.85 20.99 9.48
C GLN A 461 -17.30 21.81 10.65
N LEU A 462 -16.00 22.10 10.63
CA LEU A 462 -15.40 22.83 11.75
C LEU A 462 -15.72 24.33 11.73
N LYS A 463 -16.15 24.86 10.59
CA LYS A 463 -16.53 26.27 10.51
C LYS A 463 -18.03 26.43 10.77
N LYS B 5 -3.66 -41.62 18.34
CA LYS B 5 -3.30 -40.23 18.60
C LYS B 5 -1.86 -39.96 18.15
N ASP B 6 -1.68 -39.84 16.84
CA ASP B 6 -0.38 -39.58 16.25
C ASP B 6 -0.50 -38.47 15.22
N GLY B 7 0.54 -37.65 15.13
CA GLY B 7 0.56 -36.54 14.20
C GLY B 7 0.31 -35.20 14.86
N LEU B 8 -0.48 -34.35 14.22
CA LEU B 8 -0.79 -33.04 14.80
C LEU B 8 -1.63 -33.17 16.07
N ILE B 9 -2.44 -34.22 16.17
CA ILE B 9 -3.23 -34.44 17.37
C ILE B 9 -2.31 -34.67 18.57
N LYS B 10 -1.30 -35.53 18.40
CA LYS B 10 -0.32 -35.72 19.46
C LYS B 10 0.54 -34.48 19.66
N ASP B 11 0.77 -33.71 18.59
CA ASP B 11 1.53 -32.47 18.71
C ASP B 11 0.82 -31.46 19.62
N LEU B 12 -0.51 -31.35 19.47
CA LEU B 12 -1.31 -30.38 20.20
C LEU B 12 -2.06 -31.01 21.37
N TRP B 13 -1.50 -32.05 21.98
CA TRP B 13 -2.22 -32.78 23.03
C TRP B 13 -2.50 -31.93 24.26
N PRO B 14 -1.55 -31.15 24.81
CA PRO B 14 -1.92 -30.31 25.97
C PRO B 14 -3.02 -29.30 25.66
N ASN B 15 -2.97 -28.67 24.49
CA ASN B 15 -4.03 -27.73 24.12
C ASN B 15 -5.38 -28.43 23.97
N ILE B 16 -5.38 -29.62 23.37
CA ILE B 16 -6.61 -30.38 23.22
C ILE B 16 -7.18 -30.75 24.59
N ARG B 17 -6.31 -31.18 25.51
CA ARG B 17 -6.76 -31.53 26.85
C ARG B 17 -7.31 -30.31 27.58
N LEU B 18 -6.66 -29.16 27.44
CA LEU B 18 -7.16 -27.94 28.07
C LEU B 18 -8.52 -27.56 27.50
N ILE B 19 -8.70 -27.69 26.18
CA ILE B 19 -9.99 -27.39 25.58
C ILE B 19 -11.05 -28.36 26.11
N GLN B 20 -10.70 -29.64 26.22
CA GLN B 20 -11.65 -30.64 26.73
C GLN B 20 -12.07 -30.32 28.16
N LEU B 21 -11.11 -29.96 29.01
CA LEU B 21 -11.40 -29.70 30.42
C LEU B 21 -11.93 -28.29 30.68
N SER B 22 -11.91 -27.41 29.68
CA SER B 22 -12.31 -26.03 29.86
C SER B 22 -13.80 -25.80 29.61
N GLY B 23 -14.56 -26.86 29.35
CA GLY B 23 -15.98 -26.74 29.13
C GLY B 23 -16.39 -26.44 27.71
N LEU B 24 -15.43 -26.27 26.80
CA LEU B 24 -15.77 -26.03 25.40
C LEU B 24 -16.44 -27.26 24.80
N PHE B 25 -17.35 -27.03 23.86
CA PHE B 25 -18.12 -28.11 23.26
C PHE B 25 -17.25 -28.94 22.32
N ILE B 26 -16.69 -30.04 22.82
CA ILE B 26 -15.90 -30.96 22.02
C ILE B 26 -16.43 -32.37 22.24
N SER B 27 -16.19 -33.23 21.24
CA SER B 27 -16.70 -34.60 21.27
C SER B 27 -15.66 -35.66 20.91
N GLU B 28 -14.59 -35.33 20.21
CA GLU B 28 -13.63 -36.30 19.76
C GLU B 28 -12.40 -36.31 20.68
N TYR B 29 -11.47 -37.22 20.38
CA TYR B 29 -10.20 -37.35 21.12
C TYR B 29 -10.46 -37.67 22.59
N TYR B 30 -11.22 -38.73 22.84
CA TYR B 30 -11.51 -39.19 24.18
C TYR B 30 -11.25 -40.69 24.28
N ASP B 31 -10.94 -41.12 25.49
CA ASP B 31 -10.67 -42.53 25.77
C ASP B 31 -11.70 -43.14 26.70
N ASP B 32 -12.86 -42.49 26.87
CA ASP B 32 -13.91 -42.94 27.77
C ASP B 32 -15.26 -42.90 27.06
N TYR B 33 -15.31 -43.42 25.84
CA TYR B 33 -16.54 -43.43 25.04
C TYR B 33 -17.51 -44.44 25.65
N SER B 34 -18.30 -43.95 26.60
CA SER B 34 -19.32 -44.74 27.26
C SER B 34 -20.63 -43.95 27.28
N GLY B 35 -21.74 -44.68 27.42
CA GLY B 35 -23.05 -44.05 27.42
C GLY B 35 -23.26 -43.10 28.58
N LEU B 36 -22.48 -43.23 29.64
CA LEU B 36 -22.58 -42.37 30.81
C LEU B 36 -21.57 -41.22 30.81
N ALA B 37 -20.32 -41.51 30.42
CA ALA B 37 -19.28 -40.49 30.43
C ALA B 37 -19.58 -39.37 29.45
N VAL B 38 -20.04 -39.71 28.25
CA VAL B 38 -20.37 -38.68 27.26
C VAL B 38 -21.55 -37.85 27.74
N LEU B 39 -22.50 -38.49 28.42
CA LEU B 39 -23.63 -37.74 28.98
C LEU B 39 -23.16 -36.75 30.03
N PHE B 40 -22.28 -37.19 30.94
CA PHE B 40 -21.77 -36.29 31.97
C PHE B 40 -20.96 -35.15 31.35
N ARG B 41 -20.18 -35.43 30.32
CA ARG B 41 -19.45 -34.37 29.64
C ARG B 41 -20.40 -33.37 29.02
N LYS B 42 -21.49 -33.85 28.42
CA LYS B 42 -22.47 -32.95 27.82
C LYS B 42 -23.13 -32.07 28.88
N ILE B 43 -23.50 -32.65 30.03
CA ILE B 43 -24.10 -31.84 31.09
C ILE B 43 -23.10 -30.80 31.60
N TYR B 44 -21.83 -31.20 31.78
CA TYR B 44 -20.83 -30.25 32.26
C TYR B 44 -20.67 -29.09 31.29
N SER B 45 -20.58 -29.39 29.99
CA SER B 45 -20.42 -28.34 29.00
C SER B 45 -21.64 -27.43 28.97
N TRP B 46 -22.84 -28.02 29.07
CA TRP B 46 -24.06 -27.20 29.06
C TRP B 46 -24.14 -26.30 30.27
N ILE B 47 -23.77 -26.81 31.45
CA ILE B 47 -23.77 -25.98 32.66
C ILE B 47 -22.77 -24.84 32.52
N THR B 48 -21.58 -25.13 31.99
CA THR B 48 -20.57 -24.09 31.80
C THR B 48 -21.10 -23.01 30.86
N ALA B 49 -21.69 -23.40 29.73
CA ALA B 49 -22.22 -22.44 28.78
C ALA B 49 -23.34 -21.61 29.40
N ILE B 50 -24.23 -22.26 30.15
CA ILE B 50 -25.36 -21.56 30.77
C ILE B 50 -24.84 -20.52 31.76
N ILE B 51 -23.88 -20.91 32.60
CA ILE B 51 -23.33 -19.99 33.58
C ILE B 51 -22.67 -18.80 32.89
N ILE B 52 -21.87 -19.09 31.85
CA ILE B 52 -21.15 -18.03 31.15
C ILE B 52 -22.13 -17.03 30.54
N TYR B 53 -23.14 -17.52 29.82
CA TYR B 53 -24.06 -16.62 29.16
C TYR B 53 -24.97 -15.91 30.15
N SER B 54 -25.32 -16.54 31.26
CA SER B 54 -26.08 -15.86 32.30
C SER B 54 -25.30 -14.69 32.88
N GLN B 55 -24.00 -14.91 33.16
CA GLN B 55 -23.19 -13.82 33.69
C GLN B 55 -23.04 -12.69 32.66
N PHE B 56 -22.86 -13.05 31.39
CA PHE B 56 -22.74 -12.01 30.36
C PHE B 56 -24.03 -11.21 30.24
N ILE B 57 -25.18 -11.90 30.28
CA ILE B 57 -26.46 -11.21 30.22
C ILE B 57 -26.65 -10.30 31.43
N PHE B 58 -26.18 -10.76 32.61
CA PHE B 58 -26.26 -9.92 33.80
C PHE B 58 -25.43 -8.66 33.64
N ILE B 59 -24.23 -8.78 33.09
CA ILE B 59 -23.40 -7.61 32.84
C ILE B 59 -24.10 -6.66 31.89
N VAL B 60 -24.69 -7.21 30.81
CA VAL B 60 -25.34 -6.37 29.81
C VAL B 60 -26.53 -5.63 30.41
N ILE B 61 -27.35 -6.33 31.20
CA ILE B 61 -28.54 -5.68 31.74
C ILE B 61 -28.15 -4.63 32.77
N PHE B 62 -27.12 -4.88 33.57
CA PHE B 62 -26.67 -3.84 34.49
C PHE B 62 -26.18 -2.62 33.73
N MET B 63 -25.40 -2.84 32.66
CA MET B 63 -24.88 -1.72 31.89
C MET B 63 -26.02 -0.92 31.27
N VAL B 64 -27.07 -1.60 30.82
CA VAL B 64 -28.20 -0.90 30.21
C VAL B 64 -28.98 -0.12 31.25
N THR B 65 -29.25 -0.73 32.41
CA THR B 65 -30.20 -0.17 33.36
C THR B 65 -29.57 0.71 34.43
N LYS B 66 -28.25 0.78 34.52
CA LYS B 66 -27.62 1.56 35.59
C LYS B 66 -26.46 2.38 35.04
N SER B 67 -26.62 2.96 33.87
CA SER B 67 -25.63 3.85 33.27
C SER B 67 -26.27 5.21 33.05
N ASN B 68 -25.74 6.23 33.73
CA ASN B 68 -26.25 7.59 33.60
C ASN B 68 -25.24 8.50 32.89
N ASP B 69 -24.01 8.57 33.38
CA ASP B 69 -23.00 9.41 32.76
C ASP B 69 -22.39 8.71 31.55
N SER B 70 -21.88 9.54 30.63
CA SER B 70 -21.21 9.00 29.45
C SER B 70 -19.97 8.20 29.83
N ASP B 71 -19.28 8.60 30.89
CA ASP B 71 -18.10 7.85 31.34
C ASP B 71 -18.49 6.46 31.82
N GLN B 72 -19.55 6.36 32.63
CA GLN B 72 -20.01 5.07 33.09
C GLN B 72 -20.50 4.20 31.94
N LEU B 73 -21.22 4.82 30.99
CA LEU B 73 -21.66 4.07 29.81
C LEU B 73 -20.48 3.55 29.01
N ALA B 74 -19.45 4.38 28.85
CA ALA B 74 -18.26 3.96 28.11
C ALA B 74 -17.55 2.81 28.80
N ALA B 75 -17.41 2.89 30.13
CA ALA B 75 -16.76 1.81 30.86
C ALA B 75 -17.55 0.51 30.74
N GLY B 76 -18.87 0.58 30.90
CA GLY B 76 -19.69 -0.61 30.75
C GLY B 76 -19.61 -1.21 29.35
N VAL B 77 -19.63 -0.35 28.33
CA VAL B 77 -19.54 -0.84 26.96
C VAL B 77 -18.18 -1.47 26.71
N VAL B 78 -17.11 -0.88 27.26
CA VAL B 78 -15.78 -1.45 27.08
C VAL B 78 -15.72 -2.85 27.70
N THR B 79 -16.25 -3.00 28.92
CA THR B 79 -16.22 -4.33 29.55
C THR B 79 -17.05 -5.33 28.76
N THR B 80 -18.26 -4.92 28.34
CA THR B 80 -19.14 -5.84 27.61
C THR B 80 -18.52 -6.27 26.28
N LEU B 81 -17.92 -5.33 25.55
CA LEU B 81 -17.26 -5.67 24.30
C LEU B 81 -15.97 -6.45 24.53
N PHE B 82 -15.33 -6.29 25.69
CA PHE B 82 -14.16 -7.09 26.01
C PHE B 82 -14.53 -8.54 26.21
N PHE B 83 -15.67 -8.79 26.86
CA PHE B 83 -16.08 -10.17 27.09
C PHE B 83 -16.88 -10.77 25.93
N THR B 84 -17.39 -9.95 25.02
CA THR B 84 -18.03 -10.50 23.83
C THR B 84 -17.03 -11.22 22.94
N HIS B 85 -15.73 -10.93 23.08
CA HIS B 85 -14.71 -11.72 22.40
C HIS B 85 -14.80 -13.19 22.80
N SER B 86 -14.79 -13.45 24.11
CA SER B 86 -14.90 -14.82 24.60
C SER B 86 -16.26 -15.40 24.25
N MET B 87 -17.32 -14.59 24.32
CA MET B 87 -18.65 -15.08 23.95
C MET B 87 -18.64 -15.60 22.51
N ILE B 88 -18.14 -14.78 21.58
CA ILE B 88 -18.14 -15.14 20.17
C ILE B 88 -17.24 -16.34 19.92
N LYS B 89 -16.06 -16.38 20.54
CA LYS B 89 -15.16 -17.51 20.32
C LYS B 89 -15.75 -18.81 20.85
N PHE B 90 -16.41 -18.76 22.01
CA PHE B 90 -17.05 -19.97 22.53
C PHE B 90 -18.16 -20.45 21.61
N VAL B 91 -19.06 -19.54 21.20
CA VAL B 91 -20.15 -19.95 20.35
C VAL B 91 -19.67 -20.33 18.95
N TYR B 92 -18.46 -19.90 18.57
CA TYR B 92 -17.90 -20.25 17.27
C TYR B 92 -17.28 -21.63 17.29
N PHE B 93 -16.54 -21.97 18.36
CA PHE B 93 -15.98 -23.31 18.45
C PHE B 93 -17.04 -24.34 18.79
N SER B 94 -18.13 -23.94 19.46
CA SER B 94 -19.18 -24.89 19.78
C SER B 94 -19.84 -25.46 18.53
N THR B 95 -20.10 -24.61 17.55
CA THR B 95 -20.82 -25.00 16.34
C THR B 95 -19.90 -25.23 15.15
N GLY B 96 -18.59 -25.26 15.34
CA GLY B 96 -17.66 -25.40 14.24
C GLY B 96 -16.54 -26.39 14.47
N THR B 97 -16.81 -27.45 15.22
CA THR B 97 -15.77 -28.43 15.52
C THR B 97 -15.35 -29.24 14.29
N LYS B 98 -16.19 -29.32 13.27
CA LYS B 98 -15.87 -30.14 12.10
C LYS B 98 -14.65 -29.59 11.36
N SER B 99 -14.59 -28.27 11.17
CA SER B 99 -13.43 -27.67 10.49
C SER B 99 -12.15 -27.86 11.30
N PHE B 100 -12.25 -27.74 12.63
CA PHE B 100 -11.08 -27.96 13.46
C PHE B 100 -10.61 -29.41 13.40
N TYR B 101 -11.55 -30.36 13.37
CA TYR B 101 -11.16 -31.76 13.21
C TYR B 101 -10.50 -31.99 11.85
N ARG B 102 -11.04 -31.37 10.80
CA ARG B 102 -10.44 -31.50 9.48
C ARG B 102 -9.01 -30.95 9.46
N THR B 103 -8.81 -29.79 10.09
CA THR B 103 -7.46 -29.21 10.14
C THR B 103 -6.52 -30.09 10.96
N LEU B 104 -6.99 -30.63 12.08
CA LEU B 104 -6.16 -31.47 12.93
C LEU B 104 -5.85 -32.81 12.29
N SER B 105 -6.66 -33.28 11.36
CA SER B 105 -6.48 -34.58 10.73
C SER B 105 -5.71 -34.50 9.41
N CYS B 106 -5.20 -33.32 9.05
CA CYS B 106 -4.47 -33.19 7.80
C CYS B 106 -3.16 -33.99 7.83
N TRP B 107 -2.37 -33.80 8.88
CA TRP B 107 -1.11 -34.55 9.03
C TRP B 107 -1.39 -35.84 9.81
N ASN B 108 -2.14 -36.73 9.17
CA ASN B 108 -2.55 -37.98 9.79
C ASN B 108 -1.59 -39.12 9.48
N ASN B 109 -1.42 -39.43 8.20
CA ASN B 109 -0.58 -40.55 7.77
C ASN B 109 0.68 -40.10 7.07
N THR B 110 1.10 -38.85 7.29
CA THR B 110 2.34 -38.37 6.67
C THR B 110 3.55 -39.08 7.26
N SER B 111 4.49 -39.43 6.40
CA SER B 111 5.73 -40.08 6.81
C SER B 111 6.89 -39.46 6.03
N PRO B 112 8.05 -39.29 6.65
CA PRO B 112 9.18 -38.68 5.96
C PRO B 112 10.02 -39.70 5.20
N HIS B 113 10.66 -39.21 4.15
CA HIS B 113 11.57 -40.04 3.38
C HIS B 113 12.80 -40.40 4.23
N PRO B 114 13.37 -41.58 4.01
CA PRO B 114 14.55 -41.97 4.81
C PRO B 114 15.72 -41.02 4.68
N LEU B 115 15.85 -40.33 3.54
CA LEU B 115 16.97 -39.41 3.35
C LEU B 115 16.84 -38.17 4.23
N PHE B 116 15.61 -37.67 4.41
CA PHE B 116 15.37 -36.43 5.12
C PHE B 116 14.74 -36.65 6.49
N ALA B 117 14.82 -37.88 7.01
CA ALA B 117 14.21 -38.19 8.31
C ALA B 117 14.84 -37.37 9.43
N GLU B 118 16.17 -37.19 9.38
CA GLU B 118 16.84 -36.42 10.43
C GLU B 118 16.36 -34.97 10.44
N SER B 119 16.25 -34.35 9.26
CA SER B 119 15.75 -32.98 9.20
C SER B 119 14.31 -32.91 9.68
N HIS B 120 13.48 -33.88 9.29
CA HIS B 120 12.10 -33.88 9.74
C HIS B 120 12.01 -33.98 11.26
N SER B 121 12.82 -34.87 11.86
CA SER B 121 12.81 -35.01 13.31
C SER B 121 13.27 -33.73 14.00
N ARG B 122 14.33 -33.10 13.49
CA ARG B 122 14.82 -31.87 14.09
C ARG B 122 13.76 -30.77 14.04
N PHE B 123 13.10 -30.61 12.90
CA PHE B 123 12.10 -29.56 12.79
C PHE B 123 10.83 -29.90 13.57
N HIS B 124 10.51 -31.18 13.72
CA HIS B 124 9.39 -31.56 14.58
C HIS B 124 9.69 -31.20 16.04
N ALA B 125 10.93 -31.46 16.49
CA ALA B 125 11.31 -31.06 17.84
C ALA B 125 11.26 -29.55 18.01
N LYS B 126 11.70 -28.81 16.99
CA LYS B 126 11.64 -27.35 17.05
C LYS B 126 10.19 -26.87 17.15
N SER B 127 9.29 -27.47 16.36
CA SER B 127 7.88 -27.11 16.43
C SER B 127 7.29 -27.41 17.79
N LEU B 128 7.64 -28.56 18.37
CA LEU B 128 7.17 -28.88 19.71
C LEU B 128 7.65 -27.86 20.73
N SER B 129 8.93 -27.45 20.64
CA SER B 129 9.44 -26.45 21.56
C SER B 129 8.70 -25.13 21.42
N ARG B 130 8.46 -24.69 20.18
CA ARG B 130 7.75 -23.44 19.97
C ARG B 130 6.32 -23.51 20.50
N MET B 131 5.63 -24.63 20.26
CA MET B 131 4.27 -24.77 20.74
C MET B 131 4.20 -24.76 22.26
N ARG B 132 5.13 -25.47 22.92
CA ARG B 132 5.15 -25.46 24.38
C ARG B 132 5.45 -24.07 24.92
N GLN B 133 6.38 -23.35 24.28
CA GLN B 133 6.66 -21.97 24.67
C GLN B 133 5.41 -21.10 24.57
N LEU B 134 4.67 -21.24 23.46
CA LEU B 134 3.47 -20.45 23.27
C LEU B 134 2.41 -20.78 24.32
N LEU B 135 2.23 -22.07 24.62
CA LEU B 135 1.25 -22.47 25.63
C LEU B 135 1.62 -21.93 27.00
N ILE B 136 2.90 -22.00 27.36
CA ILE B 136 3.34 -21.48 28.65
C ILE B 136 3.10 -19.98 28.74
N ILE B 137 3.43 -19.26 27.67
CA ILE B 137 3.23 -17.80 27.67
C ILE B 137 1.75 -17.47 27.80
N VAL B 138 0.89 -18.21 27.09
CA VAL B 138 -0.55 -17.95 27.14
C VAL B 138 -1.07 -18.18 28.55
N SER B 139 -0.69 -19.30 29.16
CA SER B 139 -1.17 -19.59 30.51
C SER B 139 -0.69 -18.54 31.51
N ILE B 140 0.57 -18.14 31.41
CA ILE B 140 1.11 -17.13 32.32
C ILE B 140 0.36 -15.82 32.16
N VAL B 141 0.11 -15.41 30.91
CA VAL B 141 -0.57 -14.13 30.68
C VAL B 141 -1.99 -14.18 31.22
N THR B 142 -2.70 -15.28 30.99
CA THR B 142 -4.08 -15.38 31.47
C THR B 142 -4.13 -15.36 33.00
N ILE B 143 -3.25 -16.13 33.66
CA ILE B 143 -3.24 -16.17 35.11
C ILE B 143 -2.89 -14.80 35.69
N PHE B 144 -1.90 -14.13 35.11
CA PHE B 144 -1.51 -12.81 35.60
C PHE B 144 -2.64 -11.81 35.41
N THR B 145 -3.35 -11.87 34.27
CA THR B 145 -4.46 -10.96 34.05
C THR B 145 -5.57 -11.20 35.07
N THR B 146 -5.89 -12.47 35.36
CA THR B 146 -6.90 -12.76 36.36
C THR B 146 -6.49 -12.25 37.73
N ILE B 147 -5.22 -12.46 38.10
CA ILE B 147 -4.73 -11.99 39.40
C ILE B 147 -4.80 -10.47 39.49
N SER B 148 -4.39 -9.77 38.42
CA SER B 148 -4.46 -8.32 38.41
C SER B 148 -5.89 -7.83 38.51
N TRP B 149 -6.81 -8.49 37.82
CA TRP B 149 -8.22 -8.12 37.91
C TRP B 149 -8.75 -8.31 39.32
N THR B 150 -8.33 -9.39 39.99
CA THR B 150 -8.77 -9.62 41.36
C THR B 150 -8.17 -8.58 42.32
N THR B 151 -6.93 -8.14 42.07
CA THR B 151 -6.30 -7.20 42.98
C THR B 151 -6.82 -5.78 42.78
N ILE B 152 -7.13 -5.39 41.54
CA ILE B 152 -7.43 -3.98 41.27
C ILE B 152 -8.74 -3.57 41.93
N THR B 153 -9.72 -4.47 41.99
CA THR B 153 -11.02 -4.12 42.56
C THR B 153 -10.95 -3.82 44.05
N PHE B 154 -9.87 -4.24 44.73
CA PHE B 154 -9.68 -3.98 46.14
C PHE B 154 -8.92 -2.68 46.41
N PHE B 155 -8.54 -1.94 45.36
CA PHE B 155 -7.64 -0.80 45.50
C PHE B 155 -8.33 0.51 45.14
N GLY B 156 -9.62 0.63 45.41
CA GLY B 156 -10.32 1.85 45.09
C GLY B 156 -11.57 2.00 45.94
N GLU B 157 -12.24 3.14 45.75
CA GLU B 157 -13.48 3.43 46.46
C GLU B 157 -14.64 2.90 45.63
N SER B 158 -15.34 1.89 46.16
CA SER B 158 -16.46 1.27 45.47
C SER B 158 -17.68 2.16 45.64
N VAL B 159 -17.84 3.12 44.74
CA VAL B 159 -18.95 4.06 44.76
C VAL B 159 -19.48 4.22 43.34
N TRP B 160 -20.79 4.33 43.21
CA TRP B 160 -21.46 4.50 41.92
C TRP B 160 -22.19 5.82 41.89
N LYS B 161 -22.04 6.56 40.79
CA LYS B 161 -22.68 7.85 40.64
C LYS B 161 -24.18 7.65 40.41
N VAL B 162 -25.00 8.32 41.23
CA VAL B 162 -26.45 8.20 41.12
C VAL B 162 -27.09 9.58 41.18
N PRO B 163 -28.19 9.80 40.46
CA PRO B 163 -28.83 11.12 40.49
C PRO B 163 -29.64 11.32 41.77
N ASP B 164 -29.84 12.59 42.09
CA ASP B 164 -30.54 12.95 43.32
C ASP B 164 -32.04 13.02 43.09
N PRO B 165 -32.85 12.20 43.75
CA PRO B 165 -34.30 12.40 43.70
C PRO B 165 -34.76 13.60 44.50
N GLU B 166 -33.95 14.08 45.44
CA GLU B 166 -34.34 15.23 46.25
C GLU B 166 -34.26 16.53 45.46
N THR B 167 -33.20 16.70 44.68
CA THR B 167 -32.96 17.91 43.91
C THR B 167 -33.13 17.64 42.42
N PHE B 168 -32.90 18.67 41.61
CA PHE B 168 -33.17 18.58 40.18
C PHE B 168 -32.00 17.96 39.43
N ASN B 169 -30.83 18.59 39.47
CA ASN B 169 -29.69 18.20 38.66
C ASN B 169 -28.46 17.95 39.53
N GLN B 170 -28.65 17.28 40.66
CA GLN B 170 -27.55 16.93 41.54
C GLN B 170 -27.37 15.42 41.59
N THR B 171 -26.21 14.99 42.08
CA THR B 171 -25.85 13.58 42.12
C THR B 171 -24.99 13.30 43.34
N MET B 172 -24.91 12.03 43.71
CA MET B 172 -24.02 11.61 44.78
C MET B 172 -23.34 10.30 44.38
N TYR B 173 -22.52 9.79 45.30
CA TYR B 173 -21.83 8.52 45.13
C TYR B 173 -22.40 7.53 46.15
N VAL B 174 -23.22 6.60 45.69
CA VAL B 174 -23.83 5.61 46.56
C VAL B 174 -22.86 4.44 46.72
N PRO B 175 -22.74 3.86 47.92
CA PRO B 175 -21.93 2.64 48.07
C PRO B 175 -22.45 1.52 47.18
N VAL B 176 -21.52 0.77 46.61
CA VAL B 176 -21.85 -0.37 45.76
C VAL B 176 -20.96 -1.53 46.22
N PRO B 177 -21.47 -2.76 46.25
CA PRO B 177 -20.65 -3.89 46.70
C PRO B 177 -19.41 -4.05 45.84
N ARG B 178 -18.31 -4.43 46.48
CA ARG B 178 -17.01 -4.54 45.82
C ARG B 178 -16.94 -5.88 45.10
N LEU B 179 -17.24 -5.86 43.79
CA LEU B 179 -17.23 -7.05 42.97
C LEU B 179 -16.13 -6.98 41.94
N MET B 180 -15.81 -8.14 41.36
CA MET B 180 -14.83 -8.20 40.28
C MET B 180 -15.31 -7.38 39.07
N LEU B 181 -16.57 -7.56 38.69
CA LEU B 181 -17.18 -6.84 37.60
C LEU B 181 -18.52 -6.27 38.06
N HIS B 182 -18.87 -5.11 37.51
CA HIS B 182 -20.17 -4.52 37.82
C HIS B 182 -21.26 -5.28 37.07
N SER B 183 -22.25 -5.76 37.81
CA SER B 183 -23.28 -6.61 37.21
C SER B 183 -24.52 -6.60 38.09
N TRP B 184 -25.62 -7.07 37.51
CA TRP B 184 -26.90 -7.19 38.19
C TRP B 184 -27.13 -8.63 38.61
N TYR B 185 -27.65 -8.82 39.83
CA TYR B 185 -27.88 -10.15 40.37
C TYR B 185 -29.25 -10.20 41.04
N PRO B 186 -30.06 -11.23 40.73
CA PRO B 186 -31.40 -11.29 41.33
C PRO B 186 -31.41 -11.38 42.84
N TRP B 187 -30.43 -12.06 43.44
CA TRP B 187 -30.39 -12.21 44.89
C TRP B 187 -29.83 -10.94 45.52
N ASP B 188 -29.59 -10.99 46.83
CA ASP B 188 -29.04 -9.85 47.56
C ASP B 188 -27.51 -9.99 47.57
N SER B 189 -26.86 -9.25 46.67
CA SER B 189 -25.41 -9.26 46.56
C SER B 189 -24.75 -8.18 47.40
N GLY B 190 -25.51 -7.52 48.29
CA GLY B 190 -24.94 -6.43 49.07
C GLY B 190 -23.83 -6.89 50.00
N HIS B 191 -24.07 -7.98 50.72
CA HIS B 191 -23.10 -8.43 51.72
C HIS B 191 -23.40 -9.87 52.11
N GLY B 192 -22.38 -10.53 52.65
CA GLY B 192 -22.55 -11.86 53.22
C GLY B 192 -22.43 -13.01 52.25
N LEU B 193 -23.30 -14.01 52.42
CA LEU B 193 -23.26 -15.20 51.59
C LEU B 193 -23.48 -14.85 50.12
N GLY B 194 -24.45 -13.97 49.85
CA GLY B 194 -24.65 -13.51 48.48
C GLY B 194 -23.41 -12.85 47.92
N TYR B 195 -22.75 -12.02 48.73
CA TYR B 195 -21.54 -11.33 48.28
C TYR B 195 -20.44 -12.33 47.93
N ILE B 196 -20.22 -13.33 48.78
CA ILE B 196 -19.12 -14.26 48.53
C ILE B 196 -19.42 -15.15 47.34
N VAL B 197 -20.67 -15.60 47.19
CA VAL B 197 -20.99 -16.44 46.03
C VAL B 197 -20.90 -15.62 44.75
N ALA B 198 -21.32 -14.35 44.79
CA ALA B 198 -21.17 -13.49 43.63
C ALA B 198 -19.70 -13.30 43.27
N PHE B 199 -18.85 -13.06 44.26
CA PHE B 199 -17.43 -12.86 43.99
C PHE B 199 -16.78 -14.11 43.40
N VAL B 200 -17.08 -15.28 43.96
CA VAL B 200 -16.46 -16.49 43.45
C VAL B 200 -16.98 -16.81 42.05
N LEU B 201 -18.27 -16.55 41.79
CA LEU B 201 -18.79 -16.74 40.45
C LEU B 201 -18.14 -15.79 39.46
N GLN B 202 -17.92 -14.54 39.85
CA GLN B 202 -17.25 -13.59 38.97
C GLN B 202 -15.82 -14.03 38.68
N PHE B 203 -15.10 -14.49 39.70
CA PHE B 203 -13.73 -14.97 39.49
C PHE B 203 -13.71 -16.14 38.52
N TYR B 204 -14.57 -17.12 38.74
CA TYR B 204 -14.62 -18.29 37.86
C TYR B 204 -14.99 -17.88 36.44
N TRP B 205 -15.95 -16.96 36.30
CA TRP B 205 -16.38 -16.55 34.98
C TRP B 205 -15.27 -15.82 34.22
N VAL B 206 -14.57 -14.90 34.89
CA VAL B 206 -13.50 -14.16 34.23
C VAL B 206 -12.40 -15.13 33.81
N PHE B 207 -12.00 -16.03 34.72
CA PHE B 207 -10.93 -16.97 34.39
C PHE B 207 -11.34 -17.86 33.22
N ILE B 208 -12.56 -18.38 33.24
CA ILE B 208 -12.98 -19.33 32.21
C ILE B 208 -13.17 -18.64 30.87
N THR B 209 -13.63 -17.39 30.84
CA THR B 209 -13.79 -16.70 29.57
C THR B 209 -12.43 -16.34 28.97
N LEU B 210 -11.50 -15.86 29.81
CA LEU B 210 -10.16 -15.59 29.30
C LEU B 210 -9.50 -16.87 28.79
N SER B 211 -9.71 -17.98 29.51
CA SER B 211 -9.17 -19.25 29.03
C SER B 211 -9.80 -19.66 27.72
N HIS B 212 -11.11 -19.46 27.57
CA HIS B 212 -11.79 -19.83 26.33
C HIS B 212 -11.24 -19.06 25.14
N SER B 213 -11.00 -17.76 25.32
CA SER B 213 -10.43 -16.97 24.22
C SER B 213 -8.98 -17.38 23.94
N ASN B 214 -8.19 -17.50 24.99
CA ASN B 214 -6.75 -17.74 24.82
C ASN B 214 -6.47 -19.12 24.26
N LEU B 215 -7.27 -20.13 24.61
CA LEU B 215 -7.06 -21.47 24.05
C LEU B 215 -7.26 -21.46 22.55
N MET B 216 -8.30 -20.78 22.07
CA MET B 216 -8.54 -20.70 20.63
C MET B 216 -7.42 -19.95 19.92
N GLU B 217 -6.99 -18.82 20.51
CA GLU B 217 -5.91 -18.06 19.89
C GLU B 217 -4.61 -18.87 19.84
N LEU B 218 -4.33 -19.59 20.91
CA LEU B 218 -3.14 -20.45 20.94
C LEU B 218 -3.25 -21.60 19.96
N LEU B 219 -4.46 -22.13 19.75
CA LEU B 219 -4.64 -23.17 18.74
C LEU B 219 -4.31 -22.65 17.35
N PHE B 220 -4.80 -21.45 17.03
CA PHE B 220 -4.48 -20.86 15.73
C PHE B 220 -2.97 -20.62 15.59
N SER B 221 -2.35 -20.10 16.65
CA SER B 221 -0.92 -19.84 16.60
C SER B 221 -0.13 -21.14 16.44
N SER B 222 -0.56 -22.21 17.10
CA SER B 222 0.11 -23.50 16.96
C SER B 222 -0.02 -24.05 15.55
N PHE B 223 -1.21 -23.90 14.94
CA PHE B 223 -1.37 -24.29 13.55
C PHE B 223 -0.38 -23.55 12.65
N LEU B 224 -0.29 -22.23 12.82
CA LEU B 224 0.63 -21.45 11.99
C LEU B 224 2.08 -21.84 12.25
N VAL B 225 2.42 -22.12 13.51
CA VAL B 225 3.79 -22.52 13.84
C VAL B 225 4.14 -23.84 13.16
N HIS B 226 3.23 -24.81 13.18
CA HIS B 226 3.50 -26.07 12.52
C HIS B 226 3.66 -25.90 11.01
N ALA B 227 2.82 -25.06 10.41
CA ALA B 227 2.97 -24.80 8.98
C ALA B 227 4.32 -24.16 8.67
N CYS B 228 4.74 -23.20 9.50
CA CYS B 228 6.03 -22.55 9.29
C CYS B 228 7.18 -23.53 9.43
N GLU B 229 7.11 -24.43 10.41
CA GLU B 229 8.19 -25.40 10.60
C GLU B 229 8.24 -26.39 9.45
N GLN B 230 7.08 -26.81 8.93
CA GLN B 230 7.07 -27.70 7.77
C GLN B 230 7.70 -26.99 6.56
N LEU B 231 7.37 -25.72 6.36
CA LEU B 231 7.97 -24.98 5.25
C LEU B 231 9.47 -24.83 5.44
N GLN B 232 9.92 -24.65 6.69
CA GLN B 232 11.35 -24.59 6.95
C GLN B 232 12.04 -25.90 6.60
N HIS B 233 11.43 -27.03 6.96
CA HIS B 233 12.00 -28.32 6.60
C HIS B 233 12.09 -28.48 5.08
N LEU B 234 11.03 -28.09 4.38
CA LEU B 234 11.03 -28.18 2.92
C LEU B 234 12.13 -27.30 2.32
N LYS B 235 12.32 -26.10 2.87
CA LYS B 235 13.40 -25.24 2.40
C LYS B 235 14.76 -25.87 2.67
N GLU B 236 14.92 -26.51 3.82
CA GLU B 236 16.24 -27.02 4.20
C GLU B 236 16.65 -28.21 3.34
N ILE B 237 15.73 -29.14 3.08
CA ILE B 237 16.12 -30.37 2.40
C ILE B 237 16.39 -30.14 0.91
N LEU B 238 16.23 -28.91 0.46
CA LEU B 238 16.44 -28.61 -0.96
C LEU B 238 17.89 -28.83 -1.38
N ASN B 239 18.84 -28.50 -0.51
CA ASN B 239 20.24 -28.71 -0.86
C ASN B 239 20.56 -30.17 -1.13
N PRO B 240 20.28 -31.13 -0.23
CA PRO B 240 20.50 -32.54 -0.59
C PRO B 240 19.61 -33.01 -1.72
N LEU B 241 18.39 -32.47 -1.82
CA LEU B 241 17.49 -32.87 -2.90
C LEU B 241 18.10 -32.59 -4.26
N ILE B 242 18.72 -31.43 -4.42
CA ILE B 242 19.30 -31.09 -5.71
C ILE B 242 20.70 -31.68 -5.86
N GLU B 243 21.43 -31.87 -4.76
CA GLU B 243 22.74 -32.51 -4.85
C GLU B 243 22.61 -33.98 -5.25
N LEU B 244 21.50 -34.62 -4.90
CA LEU B 244 21.33 -36.04 -5.24
C LEU B 244 21.26 -36.24 -6.75
N SER B 245 20.77 -35.24 -7.49
CA SER B 245 20.63 -35.35 -8.93
C SER B 245 21.86 -34.87 -9.69
N ALA B 246 22.96 -34.57 -9.00
CA ALA B 246 24.16 -34.10 -9.66
C ALA B 246 24.73 -35.19 -10.57
N THR B 247 25.28 -34.78 -11.70
CA THR B 247 25.85 -35.68 -12.69
C THR B 247 27.37 -35.83 -12.54
N LEU B 248 27.93 -35.32 -11.45
CA LEU B 248 29.38 -35.39 -11.25
C LEU B 248 29.82 -36.84 -11.09
N ASP B 249 30.99 -37.15 -11.63
CA ASP B 249 31.54 -38.50 -11.56
C ASP B 249 32.00 -38.84 -10.15
N LEU B 303 23.48 -41.48 -15.03
CA LEU B 303 23.21 -41.83 -13.64
C LEU B 303 22.71 -43.27 -13.53
N THR B 304 23.02 -43.92 -12.41
CA THR B 304 22.59 -45.28 -12.19
C THR B 304 21.08 -45.34 -11.95
N SER B 305 20.52 -46.54 -12.16
CA SER B 305 19.08 -46.73 -11.97
C SER B 305 18.68 -46.49 -10.52
N ASN B 306 19.48 -46.98 -9.57
CA ASN B 306 19.16 -46.79 -8.16
C ASN B 306 19.18 -45.32 -7.79
N GLN B 307 20.20 -44.58 -8.23
CA GLN B 307 20.26 -43.15 -7.94
C GLN B 307 19.10 -42.42 -8.59
N GLU B 308 18.75 -42.78 -9.84
CA GLU B 308 17.65 -42.13 -10.53
C GLU B 308 16.32 -42.35 -9.81
N VAL B 309 16.04 -43.59 -9.41
CA VAL B 309 14.80 -43.86 -8.71
C VAL B 309 14.80 -43.18 -7.34
N LEU B 310 15.97 -43.08 -6.69
CA LEU B 310 16.03 -42.41 -5.40
C LEU B 310 15.71 -40.92 -5.54
N VAL B 311 16.30 -40.25 -6.53
CA VAL B 311 16.05 -38.82 -6.67
C VAL B 311 14.60 -38.59 -7.12
N ARG B 312 14.06 -39.48 -7.95
CA ARG B 312 12.66 -39.36 -8.34
C ARG B 312 11.74 -39.50 -7.14
N SER B 313 12.02 -40.47 -6.26
CA SER B 313 11.20 -40.65 -5.06
C SER B 313 11.31 -39.44 -4.15
N ALA B 314 12.52 -38.89 -4.00
CA ALA B 314 12.68 -37.70 -3.15
C ALA B 314 11.93 -36.50 -3.73
N ILE B 315 11.97 -36.33 -5.05
CA ILE B 315 11.25 -35.24 -5.69
C ILE B 315 9.75 -35.41 -5.49
N LYS B 316 9.26 -36.64 -5.63
CA LYS B 316 7.84 -36.91 -5.38
C LYS B 316 7.47 -36.58 -3.93
N TYR B 317 8.33 -36.95 -2.99
CA TYR B 317 8.08 -36.63 -1.59
C TYR B 317 8.01 -35.12 -1.37
N TRP B 318 8.94 -34.37 -1.97
CA TRP B 318 8.92 -32.92 -1.82
C TRP B 318 7.65 -32.32 -2.41
N VAL B 319 7.24 -32.79 -3.59
CA VAL B 319 6.04 -32.26 -4.22
C VAL B 319 4.81 -32.54 -3.35
N GLU B 320 4.70 -33.78 -2.85
CA GLU B 320 3.57 -34.13 -2.01
C GLU B 320 3.57 -33.32 -0.71
N ARG B 321 4.75 -33.10 -0.13
CA ARG B 321 4.83 -32.32 1.10
C ARG B 321 4.41 -30.87 0.87
N HIS B 322 4.84 -30.27 -0.24
CA HIS B 322 4.44 -28.90 -0.51
C HIS B 322 2.94 -28.79 -0.77
N LYS B 323 2.39 -29.77 -1.51
CA LYS B 323 0.94 -29.78 -1.71
C LYS B 323 0.20 -29.91 -0.38
N HIS B 324 0.72 -30.76 0.52
CA HIS B 324 0.12 -30.92 1.84
C HIS B 324 0.16 -29.62 2.61
N VAL B 325 1.28 -28.91 2.56
CA VAL B 325 1.41 -27.64 3.28
C VAL B 325 0.43 -26.61 2.72
N VAL B 326 0.30 -26.53 1.40
CA VAL B 326 -0.63 -25.57 0.80
C VAL B 326 -2.05 -25.89 1.20
N LYS B 327 -2.43 -27.17 1.14
CA LYS B 327 -3.79 -27.56 1.55
C LYS B 327 -4.02 -27.28 3.02
N TYR B 328 -3.00 -27.49 3.85
CA TYR B 328 -3.12 -27.21 5.28
C TYR B 328 -3.33 -25.73 5.55
N VAL B 329 -2.61 -24.86 4.82
CA VAL B 329 -2.79 -23.43 4.99
C VAL B 329 -4.19 -23.01 4.53
N SER B 330 -4.67 -23.60 3.43
CA SER B 330 -6.03 -23.31 2.98
C SER B 330 -7.05 -23.75 4.01
N LEU B 331 -6.84 -24.92 4.62
CA LEU B 331 -7.74 -25.41 5.66
C LEU B 331 -7.75 -24.49 6.87
N ILE B 332 -6.57 -23.99 7.26
CA ILE B 332 -6.50 -23.04 8.37
C ILE B 332 -7.27 -21.77 8.04
N THR B 333 -7.09 -21.25 6.82
CA THR B 333 -7.79 -20.04 6.41
C THR B 333 -9.31 -20.25 6.44
N GLU B 334 -9.77 -21.40 5.95
CA GLU B 334 -11.21 -21.67 5.95
C GLU B 334 -11.74 -21.84 7.37
N CYS B 335 -10.98 -22.50 8.24
CA CYS B 335 -11.49 -22.80 9.58
C CYS B 335 -11.50 -21.57 10.48
N TYR B 336 -10.44 -20.76 10.44
CA TYR B 336 -10.26 -19.69 11.41
C TYR B 336 -10.22 -18.33 10.72
N GLY B 337 -11.15 -18.09 9.80
CA GLY B 337 -11.24 -16.78 9.16
C GLY B 337 -12.35 -15.93 9.74
N SER B 338 -13.54 -16.53 9.88
CA SER B 338 -14.69 -15.79 10.42
C SER B 338 -14.43 -15.35 11.84
N ALA B 339 -13.77 -16.20 12.64
CA ALA B 339 -13.46 -15.82 14.02
C ALA B 339 -12.52 -14.62 14.04
N LEU B 340 -11.52 -14.60 13.17
CA LEU B 340 -10.62 -13.45 13.10
C LEU B 340 -11.36 -12.19 12.65
N LEU B 341 -12.29 -12.33 11.70
CA LEU B 341 -13.05 -11.17 11.25
C LEU B 341 -13.90 -10.60 12.37
N PHE B 342 -14.60 -11.46 13.11
CA PHE B 342 -15.39 -11.00 14.24
C PHE B 342 -14.51 -10.38 15.32
N HIS B 343 -13.35 -10.98 15.57
CA HIS B 343 -12.43 -10.44 16.56
C HIS B 343 -11.98 -9.04 16.19
N MET B 344 -11.65 -8.82 14.90
CA MET B 344 -11.23 -7.49 14.47
C MET B 344 -12.39 -6.51 14.54
N LEU B 345 -13.59 -6.95 14.18
CA LEU B 345 -14.76 -6.07 14.24
C LEU B 345 -15.02 -5.60 15.66
N VAL B 346 -14.88 -6.49 16.64
CA VAL B 346 -15.05 -6.08 18.04
C VAL B 346 -13.88 -5.23 18.49
N SER B 347 -12.67 -5.60 18.09
CA SER B 347 -11.47 -4.94 18.60
C SER B 347 -11.35 -3.50 18.11
N THR B 348 -11.80 -3.22 16.88
CA THR B 348 -11.71 -1.83 16.41
C THR B 348 -12.58 -0.90 17.24
N VAL B 349 -13.80 -1.34 17.58
CA VAL B 349 -14.67 -0.54 18.43
C VAL B 349 -14.09 -0.44 19.84
N ILE B 350 -13.56 -1.54 20.36
CA ILE B 350 -12.95 -1.51 21.69
C ILE B 350 -11.82 -0.50 21.72
N LEU B 351 -10.96 -0.51 20.70
CA LEU B 351 -9.83 0.40 20.66
C LEU B 351 -10.27 1.84 20.46
N THR B 352 -11.34 2.07 19.70
CA THR B 352 -11.85 3.43 19.56
C THR B 352 -12.31 3.98 20.90
N ILE B 353 -13.12 3.20 21.64
CA ILE B 353 -13.59 3.67 22.93
C ILE B 353 -12.45 3.80 23.91
N LEU B 354 -11.45 2.92 23.85
CA LEU B 354 -10.31 3.02 24.75
C LEU B 354 -9.46 4.24 24.43
N ALA B 355 -9.30 4.57 23.15
CA ALA B 355 -8.57 5.77 22.78
C ALA B 355 -9.31 7.02 23.26
N TYR B 356 -10.64 7.00 23.20
CA TYR B 356 -11.41 8.10 23.78
C TYR B 356 -11.20 8.19 25.28
N GLN B 357 -11.22 7.04 25.98
CA GLN B 357 -11.10 7.05 27.43
C GLN B 357 -9.69 7.37 27.91
N ALA B 358 -8.67 7.16 27.08
CA ALA B 358 -7.30 7.44 27.49
C ALA B 358 -7.03 8.94 27.61
N THR B 359 -7.80 9.78 26.91
CA THR B 359 -7.60 11.22 27.00
C THR B 359 -8.00 11.78 28.35
N LYS B 360 -8.76 11.03 29.14
CA LYS B 360 -9.18 11.47 30.47
C LYS B 360 -8.24 11.03 31.58
N ILE B 361 -7.12 10.38 31.23
CA ILE B 361 -6.18 9.91 32.24
C ILE B 361 -5.50 11.10 32.89
N ASN B 362 -5.50 11.14 34.22
CA ASN B 362 -4.83 12.19 34.99
C ASN B 362 -4.02 11.53 36.09
N GLY B 363 -2.69 11.75 36.06
CA GLY B 363 -1.84 11.14 37.05
C GLY B 363 -1.82 9.63 36.92
N VAL B 364 -1.58 8.96 38.06
CA VAL B 364 -1.58 7.50 38.13
C VAL B 364 -2.63 7.09 39.16
N ASN B 365 -3.58 6.26 38.73
CA ASN B 365 -4.66 5.82 39.61
C ASN B 365 -5.32 4.59 38.99
N VAL B 366 -6.43 4.16 39.60
CA VAL B 366 -7.11 2.95 39.18
C VAL B 366 -7.63 3.08 37.75
N PHE B 367 -8.20 4.24 37.41
CA PHE B 367 -8.73 4.45 36.07
C PHE B 367 -7.63 4.34 35.02
N ALA B 368 -6.50 4.99 35.27
CA ALA B 368 -5.39 4.94 34.32
C ALA B 368 -4.86 3.52 34.19
N PHE B 369 -4.70 2.82 35.31
CA PHE B 369 -4.20 1.45 35.25
C PHE B 369 -5.16 0.54 34.49
N SER B 370 -6.46 0.70 34.72
CA SER B 370 -7.45 -0.12 34.02
C SER B 370 -7.43 0.14 32.52
N THR B 371 -7.38 1.42 32.12
CA THR B 371 -7.33 1.74 30.70
C THR B 371 -6.07 1.18 30.06
N ILE B 372 -4.93 1.32 30.73
CA ILE B 372 -3.68 0.80 30.19
C ILE B 372 -3.75 -0.72 30.05
N GLY B 373 -4.33 -1.40 31.04
CA GLY B 373 -4.46 -2.85 30.97
C GLY B 373 -5.35 -3.28 29.81
N TYR B 374 -6.49 -2.60 29.63
CA TYR B 374 -7.38 -2.95 28.52
C TYR B 374 -6.68 -2.77 27.19
N LEU B 375 -5.99 -1.63 27.01
CA LEU B 375 -5.30 -1.39 25.75
C LEU B 375 -4.21 -2.42 25.51
N MET B 376 -3.44 -2.74 26.56
CA MET B 376 -2.35 -3.71 26.41
C MET B 376 -2.90 -5.09 26.04
N TYR B 377 -3.99 -5.51 26.69
CA TYR B 377 -4.55 -6.82 26.38
C TYR B 377 -5.07 -6.87 24.95
N SER B 378 -5.77 -5.83 24.50
CA SER B 378 -6.28 -5.84 23.13
C SER B 378 -5.13 -5.86 22.12
N PHE B 379 -4.10 -5.06 22.35
CA PHE B 379 -2.98 -5.03 21.41
C PHE B 379 -2.22 -6.35 21.41
N ALA B 380 -2.07 -6.98 22.59
CA ALA B 380 -1.42 -8.29 22.63
C ALA B 380 -2.24 -9.34 21.89
N GLN B 381 -3.56 -9.30 22.05
CA GLN B 381 -4.41 -10.26 21.36
C GLN B 381 -4.29 -10.11 19.85
N ILE B 382 -4.24 -8.86 19.35
CA ILE B 382 -4.07 -8.67 17.91
C ILE B 382 -2.69 -9.12 17.46
N PHE B 383 -1.65 -8.72 18.19
CA PHE B 383 -0.28 -9.03 17.81
C PHE B 383 -0.03 -10.53 17.79
N MET B 384 -0.71 -11.29 18.66
CA MET B 384 -0.43 -12.71 18.78
C MET B 384 -0.64 -13.44 17.46
N PHE B 385 -1.73 -13.14 16.75
CA PHE B 385 -1.93 -13.75 15.45
C PHE B 385 -1.29 -12.96 14.33
N CYS B 386 -1.13 -11.64 14.49
CA CYS B 386 -0.49 -10.86 13.43
C CYS B 386 0.94 -11.31 13.18
N ILE B 387 1.70 -11.56 14.27
CA ILE B 387 3.10 -11.94 14.12
C ILE B 387 3.23 -13.28 13.39
N HIS B 388 2.36 -14.24 13.73
CA HIS B 388 2.46 -15.55 13.11
C HIS B 388 2.00 -15.52 11.66
N GLY B 389 0.97 -14.72 11.36
CA GLY B 389 0.58 -14.54 9.96
C GLY B 389 1.70 -13.95 9.13
N ASN B 390 2.37 -12.93 9.66
CA ASN B 390 3.49 -12.33 8.94
C ASN B 390 4.64 -13.31 8.78
N GLU B 391 4.92 -14.09 9.83
CA GLU B 391 5.99 -15.08 9.75
C GLU B 391 5.70 -16.10 8.65
N LEU B 392 4.46 -16.60 8.60
CA LEU B 392 4.10 -17.56 7.56
C LEU B 392 4.22 -16.94 6.18
N ILE B 393 3.76 -15.70 6.02
CA ILE B 393 3.83 -15.03 4.72
C ILE B 393 5.27 -14.95 4.26
N GLU B 394 6.17 -14.45 5.11
CA GLU B 394 7.55 -14.25 4.70
C GLU B 394 8.25 -15.58 4.50
N GLU B 395 7.96 -16.57 5.33
CA GLU B 395 8.66 -17.85 5.28
C GLU B 395 8.14 -18.75 4.18
N SER B 396 6.98 -18.44 3.61
CA SER B 396 6.55 -19.07 2.38
C SER B 396 7.03 -18.31 1.14
N SER B 397 7.21 -16.99 1.26
CA SER B 397 7.75 -16.23 0.15
C SER B 397 9.24 -16.48 -0.05
N SER B 398 9.97 -16.89 0.99
CA SER B 398 11.40 -17.11 0.87
C SER B 398 11.76 -18.45 0.25
N VAL B 399 10.78 -19.30 -0.05
CA VAL B 399 11.07 -20.61 -0.62
C VAL B 399 11.70 -20.47 -2.00
N MET B 400 11.24 -19.50 -2.79
CA MET B 400 11.83 -19.29 -4.10
C MET B 400 13.29 -18.88 -4.00
N GLU B 401 13.62 -18.00 -3.04
CA GLU B 401 15.00 -17.61 -2.83
C GLU B 401 15.84 -18.80 -2.39
N ALA B 402 15.31 -19.62 -1.48
CA ALA B 402 16.05 -20.79 -1.02
C ALA B 402 16.31 -21.77 -2.16
N ALA B 403 15.32 -21.96 -3.03
CA ALA B 403 15.49 -22.87 -4.16
C ALA B 403 16.49 -22.32 -5.18
N TYR B 404 16.43 -21.02 -5.44
CA TYR B 404 17.38 -20.42 -6.39
C TYR B 404 18.79 -20.42 -5.85
N GLY B 405 18.95 -20.36 -4.52
CA GLY B 405 20.27 -20.36 -3.91
C GLY B 405 20.96 -21.71 -3.91
N CYS B 406 20.33 -22.74 -4.46
CA CYS B 406 20.91 -24.07 -4.52
C CYS B 406 21.91 -24.17 -5.67
N HIS B 407 22.61 -25.30 -5.75
CA HIS B 407 23.54 -25.57 -6.84
C HIS B 407 22.78 -26.23 -7.99
N TRP B 408 21.80 -25.49 -8.51
CA TRP B 408 20.92 -26.01 -9.54
C TRP B 408 21.57 -26.08 -10.91
N TYR B 409 22.61 -25.27 -11.16
CA TYR B 409 23.32 -25.39 -12.43
C TYR B 409 24.10 -26.70 -12.49
N ASP B 410 24.76 -27.07 -11.39
CA ASP B 410 25.55 -28.30 -11.33
C ASP B 410 24.60 -29.47 -11.03
N GLY B 411 23.74 -29.75 -12.01
CA GLY B 411 22.76 -30.82 -11.87
C GLY B 411 22.21 -31.21 -13.22
N SER B 412 21.38 -32.25 -13.21
CA SER B 412 20.79 -32.76 -14.43
C SER B 412 19.68 -31.85 -14.93
N GLU B 413 19.22 -32.13 -16.15
CA GLU B 413 18.08 -31.40 -16.70
C GLU B 413 16.83 -31.61 -15.86
N GLU B 414 16.69 -32.78 -15.24
CA GLU B 414 15.58 -33.01 -14.33
C GLU B 414 15.65 -32.07 -13.13
N ALA B 415 16.85 -31.90 -12.57
CA ALA B 415 17.03 -30.94 -11.47
C ALA B 415 16.74 -29.52 -11.91
N LYS B 416 17.18 -29.16 -13.13
CA LYS B 416 16.91 -27.82 -13.65
C LYS B 416 15.41 -27.57 -13.78
N THR B 417 14.68 -28.55 -14.33
CA THR B 417 13.23 -28.41 -14.47
C THR B 417 12.55 -28.34 -13.12
N PHE B 418 13.00 -29.16 -12.16
CA PHE B 418 12.42 -29.12 -10.82
C PHE B 418 12.63 -27.76 -10.18
N VAL B 419 13.83 -27.19 -10.30
CA VAL B 419 14.10 -25.88 -9.74
C VAL B 419 13.25 -24.82 -10.43
N GLN B 420 13.13 -24.92 -11.75
CA GLN B 420 12.32 -23.95 -12.49
C GLN B 420 10.87 -23.97 -12.04
N ILE B 421 10.29 -25.17 -11.91
CA ILE B 421 8.89 -25.25 -11.52
C ILE B 421 8.71 -24.84 -10.07
N VAL B 422 9.67 -25.14 -9.18
CA VAL B 422 9.55 -24.72 -7.80
C VAL B 422 9.58 -23.20 -7.69
N CYS B 423 10.52 -22.57 -8.41
CA CYS B 423 10.59 -21.11 -8.40
C CYS B 423 9.34 -20.49 -9.01
N GLN B 424 8.79 -21.12 -10.05
CA GLN B 424 7.58 -20.61 -10.68
C GLN B 424 6.39 -20.70 -9.73
N GLN B 425 6.25 -21.82 -9.01
CA GLN B 425 5.09 -22.01 -8.16
C GLN B 425 5.20 -21.18 -6.89
N CYS B 426 6.30 -21.33 -6.15
CA CYS B 426 6.43 -20.64 -4.87
C CYS B 426 6.83 -19.19 -5.07
N GLN B 427 6.05 -18.46 -5.86
CA GLN B 427 6.23 -17.03 -6.06
C GLN B 427 5.17 -16.21 -5.34
N LYS B 428 3.92 -16.65 -5.36
CA LYS B 428 2.88 -16.03 -4.56
C LYS B 428 2.98 -16.55 -3.13
N PRO B 429 3.21 -15.68 -2.15
CA PRO B 429 3.36 -16.16 -0.77
C PRO B 429 2.06 -16.72 -0.23
N LEU B 430 2.18 -17.74 0.62
CA LEU B 430 1.01 -18.29 1.30
C LEU B 430 0.50 -17.27 2.31
N ILE B 431 -0.80 -16.98 2.25
CA ILE B 431 -1.41 -15.93 3.03
C ILE B 431 -2.62 -16.50 3.77
N VAL B 432 -2.68 -16.27 5.08
CA VAL B 432 -3.84 -16.60 5.88
C VAL B 432 -4.69 -15.35 5.99
N SER B 433 -5.92 -15.42 5.47
CA SER B 433 -6.81 -14.27 5.41
C SER B 433 -8.10 -14.57 6.16
N GLY B 434 -8.59 -13.58 6.91
CA GLY B 434 -9.82 -13.74 7.63
C GLY B 434 -11.03 -13.35 6.79
N ALA B 435 -11.69 -14.35 6.21
CA ALA B 435 -12.87 -14.14 5.35
C ALA B 435 -12.57 -13.17 4.21
N LYS B 436 -11.33 -13.21 3.70
CA LYS B 436 -10.91 -12.43 2.54
C LYS B 436 -11.00 -10.93 2.76
N PHE B 437 -11.33 -10.50 3.98
CA PHE B 437 -11.40 -9.08 4.28
C PHE B 437 -10.02 -8.44 4.33
N PHE B 438 -9.03 -9.16 4.84
CA PHE B 438 -7.68 -8.63 4.99
C PHE B 438 -6.71 -9.80 5.04
N ASN B 439 -5.42 -9.47 4.99
CA ASN B 439 -4.35 -10.46 5.08
C ASN B 439 -3.74 -10.38 6.48
N VAL B 440 -3.81 -11.48 7.22
CA VAL B 440 -3.28 -11.51 8.57
C VAL B 440 -1.77 -11.40 8.50
N SER B 441 -1.24 -10.26 8.91
CA SER B 441 0.20 -10.01 8.89
C SER B 441 0.50 -8.85 9.83
N LEU B 442 1.78 -8.50 9.94
CA LEU B 442 2.17 -7.38 10.77
C LEU B 442 1.70 -6.05 10.20
N ASP B 443 1.38 -5.99 8.91
CA ASP B 443 0.86 -4.76 8.33
C ASP B 443 -0.47 -4.38 8.95
N LEU B 444 -1.33 -5.37 9.20
CA LEU B 444 -2.61 -5.09 9.85
C LEU B 444 -2.42 -4.54 11.26
N PHE B 445 -1.49 -5.13 12.01
CA PHE B 445 -1.22 -4.63 13.36
C PHE B 445 -0.66 -3.23 13.32
N ALA B 446 0.25 -2.95 12.39
CA ALA B 446 0.80 -1.61 12.27
C ALA B 446 -0.28 -0.60 11.90
N SER B 447 -1.17 -0.97 10.99
CA SER B 447 -2.25 -0.07 10.60
C SER B 447 -3.19 0.20 11.77
N VAL B 448 -3.53 -0.84 12.54
CA VAL B 448 -4.42 -0.66 13.69
C VAL B 448 -3.76 0.24 14.72
N LEU B 449 -2.48 0.01 15.01
CA LEU B 449 -1.78 0.83 15.99
C LEU B 449 -1.69 2.28 15.53
N GLY B 450 -1.39 2.51 14.25
CA GLY B 450 -1.31 3.86 13.73
C GLY B 450 -2.65 4.57 13.79
N ALA B 451 -3.73 3.87 13.41
CA ALA B 451 -5.04 4.48 13.47
C ALA B 451 -5.44 4.84 14.89
N VAL B 452 -5.18 3.94 15.84
CA VAL B 452 -5.51 4.23 17.24
C VAL B 452 -4.69 5.41 17.75
N VAL B 453 -3.40 5.44 17.42
CA VAL B 453 -2.54 6.53 17.91
C VAL B 453 -2.98 7.86 17.32
N THR B 454 -3.29 7.89 16.01
CA THR B 454 -3.70 9.15 15.41
C THR B 454 -5.07 9.60 15.90
N TYR B 455 -5.99 8.65 16.18
CA TYR B 455 -7.28 9.04 16.76
C TYR B 455 -7.10 9.61 18.15
N PHE B 456 -6.23 9.00 18.96
CA PHE B 456 -5.97 9.53 20.30
C PHE B 456 -5.34 10.90 20.23
N MET B 457 -4.39 11.10 19.30
CA MET B 457 -3.75 12.40 19.15
C MET B 457 -4.76 13.47 18.73
N VAL B 458 -5.63 13.15 17.78
CA VAL B 458 -6.65 14.11 17.34
C VAL B 458 -7.59 14.45 18.49
N LEU B 459 -8.01 13.43 19.24
CA LEU B 459 -8.94 13.68 20.35
C LEU B 459 -8.29 14.52 21.44
N VAL B 460 -7.04 14.23 21.79
CA VAL B 460 -6.38 14.98 22.85
C VAL B 460 -6.06 16.40 22.40
N GLN B 461 -5.83 16.60 21.10
CA GLN B 461 -5.56 17.94 20.61
C GLN B 461 -6.83 18.78 20.56
N LEU B 462 -7.94 18.19 20.11
CA LEU B 462 -9.20 18.92 20.09
C LEU B 462 -9.69 19.22 21.50
N LYS B 463 -9.59 18.24 22.41
CA LYS B 463 -10.04 18.41 23.77
C LYS B 463 -9.12 19.35 24.56
N LYS C 5 44.23 -6.86 5.44
CA LYS C 5 42.90 -6.34 5.16
C LYS C 5 42.66 -6.20 3.66
N ASP C 6 41.60 -6.85 3.17
CA ASP C 6 41.25 -6.77 1.76
C ASP C 6 39.75 -7.02 1.62
N GLY C 7 39.20 -6.52 0.51
CA GLY C 7 37.78 -6.68 0.26
C GLY C 7 36.93 -5.59 0.90
N LEU C 8 35.81 -6.00 1.49
CA LEU C 8 34.92 -5.02 2.12
C LEU C 8 35.60 -4.30 3.27
N ILE C 9 36.50 -4.96 3.98
CA ILE C 9 37.23 -4.32 5.07
C ILE C 9 38.05 -3.15 4.54
N LYS C 10 38.76 -3.38 3.43
CA LYS C 10 39.56 -2.30 2.83
C LYS C 10 38.66 -1.23 2.21
N ASP C 11 37.51 -1.62 1.67
CA ASP C 11 36.58 -0.64 1.11
C ASP C 11 36.07 0.31 2.19
N LEU C 12 35.71 -0.24 3.36
CA LEU C 12 35.18 0.55 4.46
C LEU C 12 36.26 0.90 5.48
N TRP C 13 37.52 1.01 5.04
CA TRP C 13 38.61 1.26 5.98
C TRP C 13 38.50 2.60 6.70
N PRO C 14 38.25 3.73 6.02
CA PRO C 14 38.13 5.00 6.77
C PRO C 14 36.96 5.02 7.75
N ASN C 15 35.81 4.49 7.35
CA ASN C 15 34.67 4.44 8.26
C ASN C 15 34.95 3.53 9.46
N ILE C 16 35.57 2.39 9.21
CA ILE C 16 35.92 1.48 10.29
C ILE C 16 36.93 2.14 11.23
N ARG C 17 37.90 2.86 10.67
CA ARG C 17 38.87 3.58 11.50
C ARG C 17 38.18 4.63 12.37
N LEU C 18 37.24 5.37 11.80
CA LEU C 18 36.49 6.34 12.58
C LEU C 18 35.70 5.66 13.70
N ILE C 19 35.10 4.51 13.40
CA ILE C 19 34.34 3.78 14.41
C ILE C 19 35.26 3.34 15.56
N GLN C 20 36.42 2.78 15.23
CA GLN C 20 37.27 2.24 16.28
C GLN C 20 37.97 3.34 17.07
N LEU C 21 38.15 4.52 16.47
CA LEU C 21 38.72 5.65 17.19
C LEU C 21 37.66 6.55 17.84
N SER C 22 36.38 6.28 17.62
CA SER C 22 35.31 7.11 18.15
C SER C 22 34.79 6.62 19.50
N GLY C 23 35.37 5.56 20.06
CA GLY C 23 34.98 5.06 21.35
C GLY C 23 33.99 3.91 21.30
N LEU C 24 33.43 3.60 20.14
CA LEU C 24 32.52 2.46 20.03
C LEU C 24 33.27 1.16 20.29
N PHE C 25 32.54 0.17 20.79
CA PHE C 25 33.13 -1.12 21.18
C PHE C 25 33.44 -1.92 19.93
N ILE C 26 34.69 -1.89 19.50
CA ILE C 26 35.18 -2.66 18.37
C ILE C 26 36.37 -3.48 18.83
N SER C 27 36.34 -4.78 18.56
CA SER C 27 37.41 -5.69 18.98
C SER C 27 38.27 -6.20 17.84
N GLU C 28 37.83 -6.07 16.61
CA GLU C 28 38.56 -6.57 15.44
C GLU C 28 39.19 -5.42 14.69
N TYR C 29 39.82 -5.75 13.56
CA TYR C 29 40.48 -4.78 12.68
C TYR C 29 41.56 -3.99 13.44
N TYR C 30 42.30 -4.68 14.29
CA TYR C 30 43.42 -4.10 15.02
C TYR C 30 44.66 -4.94 14.77
N ASP C 31 45.77 -4.28 14.42
CA ASP C 31 47.02 -4.94 14.13
C ASP C 31 48.06 -4.72 15.22
N ASP C 32 47.60 -4.46 16.44
CA ASP C 32 48.47 -4.27 17.61
C ASP C 32 47.94 -5.10 18.77
N TYR C 33 47.62 -6.36 18.51
CA TYR C 33 47.02 -7.24 19.50
C TYR C 33 48.02 -7.66 20.56
N SER C 34 48.01 -6.99 21.70
CA SER C 34 48.82 -7.34 22.85
C SER C 34 47.92 -7.60 24.06
N GLY C 35 48.54 -7.95 25.18
CA GLY C 35 47.81 -8.18 26.41
C GLY C 35 47.43 -6.93 27.17
N LEU C 36 47.85 -5.76 26.71
CA LEU C 36 47.59 -4.50 27.39
C LEU C 36 46.86 -3.50 26.53
N ALA C 37 47.20 -3.41 25.24
CA ALA C 37 46.54 -2.47 24.34
C ALA C 37 45.03 -2.65 24.37
N VAL C 38 44.58 -3.89 24.47
CA VAL C 38 43.16 -4.15 24.66
C VAL C 38 42.67 -3.51 25.96
N LEU C 39 43.52 -3.48 26.99
CA LEU C 39 43.11 -2.88 28.26
C LEU C 39 42.96 -1.37 28.14
N PHE C 40 43.92 -0.69 27.51
CA PHE C 40 43.72 0.75 27.30
C PHE C 40 42.51 1.04 26.41
N ARG C 41 42.31 0.24 25.36
CA ARG C 41 41.13 0.45 24.52
C ARG C 41 39.84 0.27 25.30
N LYS C 42 39.78 -0.77 26.15
CA LYS C 42 38.59 -1.03 26.92
C LYS C 42 38.33 0.09 27.93
N ILE C 43 39.37 0.56 28.61
CA ILE C 43 39.15 1.62 29.60
C ILE C 43 38.75 2.92 28.92
N TYR C 44 39.32 3.21 27.74
CA TYR C 44 38.92 4.42 27.02
C TYR C 44 37.47 4.33 26.56
N SER C 45 37.06 3.18 26.03
CA SER C 45 35.67 3.01 25.61
C SER C 45 34.73 3.10 26.81
N TRP C 46 35.12 2.51 27.94
CA TRP C 46 34.29 2.57 29.14
C TRP C 46 34.15 3.99 29.65
N ILE C 47 35.24 4.77 29.63
CA ILE C 47 35.16 6.14 30.10
C ILE C 47 34.28 6.98 29.17
N THR C 48 34.39 6.74 27.87
CA THR C 48 33.52 7.43 26.92
C THR C 48 32.05 7.11 27.23
N ALA C 49 31.75 5.83 27.41
CA ALA C 49 30.38 5.41 27.67
C ALA C 49 29.86 6.00 28.98
N ILE C 50 30.69 6.01 30.02
CA ILE C 50 30.20 6.47 31.32
C ILE C 50 29.95 7.98 31.30
N ILE C 51 30.82 8.75 30.65
CA ILE C 51 30.54 10.19 30.56
C ILE C 51 29.32 10.44 29.70
N ILE C 52 29.12 9.65 28.64
CA ILE C 52 27.93 9.85 27.80
C ILE C 52 26.66 9.57 28.60
N TYR C 53 26.64 8.46 29.33
CA TYR C 53 25.46 8.11 30.13
C TYR C 53 25.26 9.11 31.26
N SER C 54 26.35 9.61 31.85
CA SER C 54 26.22 10.62 32.90
C SER C 54 25.60 11.90 32.36
N GLN C 55 26.03 12.35 31.18
CA GLN C 55 25.42 13.54 30.60
C GLN C 55 23.95 13.31 30.26
N PHE C 56 23.62 12.11 29.75
CA PHE C 56 22.24 11.82 29.41
C PHE C 56 21.35 11.82 30.66
N ILE C 57 21.80 11.18 31.74
CA ILE C 57 20.98 11.18 32.94
C ILE C 57 20.93 12.59 33.53
N PHE C 58 21.97 13.39 33.34
CA PHE C 58 21.95 14.76 33.83
C PHE C 58 20.89 15.59 33.11
N ILE C 59 20.84 15.51 31.78
CA ILE C 59 19.84 16.27 31.04
C ILE C 59 18.44 15.75 31.35
N VAL C 60 18.30 14.43 31.52
CA VAL C 60 16.99 13.87 31.87
C VAL C 60 16.53 14.40 33.22
N ILE C 61 17.44 14.42 34.21
CA ILE C 61 17.05 14.87 35.55
C ILE C 61 16.76 16.37 35.55
N PHE C 62 17.50 17.14 34.75
CA PHE C 62 17.19 18.57 34.65
C PHE C 62 15.81 18.79 34.03
N MET C 63 15.49 18.03 32.97
CA MET C 63 14.19 18.17 32.35
C MET C 63 13.07 17.78 33.31
N VAL C 64 13.28 16.74 34.11
CA VAL C 64 12.21 16.27 34.99
C VAL C 64 12.12 17.06 36.29
N THR C 65 13.16 17.79 36.68
CA THR C 65 13.14 18.52 37.94
C THR C 65 13.22 20.03 37.77
N LYS C 66 13.16 20.55 36.53
CA LYS C 66 13.22 21.98 36.33
C LYS C 66 12.23 22.49 35.29
N SER C 67 11.33 21.65 34.80
CA SER C 67 10.34 22.05 33.81
C SER C 67 9.00 22.27 34.49
N ASN C 68 8.52 23.51 34.46
CA ASN C 68 7.22 23.85 35.02
C ASN C 68 6.17 24.15 33.95
N ASP C 69 6.59 24.57 32.76
CA ASP C 69 5.68 24.92 31.69
C ASP C 69 5.66 23.83 30.62
N SER C 70 4.53 23.76 29.90
CA SER C 70 4.40 22.76 28.84
C SER C 70 5.43 22.98 27.74
N ASP C 71 5.68 24.23 27.38
CA ASP C 71 6.68 24.51 26.34
C ASP C 71 8.07 24.10 26.77
N GLN C 72 8.44 24.39 28.03
CA GLN C 72 9.76 23.99 28.52
C GLN C 72 9.89 22.48 28.58
N LEU C 73 8.83 21.79 29.02
CA LEU C 73 8.85 20.33 29.03
C LEU C 73 8.99 19.78 27.61
N ALA C 74 8.29 20.38 26.65
CA ALA C 74 8.39 19.96 25.27
C ALA C 74 9.80 20.16 24.73
N ALA C 75 10.43 21.28 25.05
CA ALA C 75 11.80 21.53 24.59
C ALA C 75 12.78 20.53 25.19
N GLY C 76 12.64 20.25 26.50
CA GLY C 76 13.50 19.26 27.13
C GLY C 76 13.32 17.88 26.53
N VAL C 77 12.06 17.49 26.26
CA VAL C 77 11.79 16.21 25.63
C VAL C 77 12.35 16.18 24.22
N VAL C 78 12.30 17.32 23.53
CA VAL C 78 12.88 17.40 22.18
C VAL C 78 14.37 17.12 22.23
N THR C 79 15.08 17.75 23.17
CA THR C 79 16.52 17.52 23.29
C THR C 79 16.81 16.06 23.65
N THR C 80 16.05 15.52 24.60
CA THR C 80 16.28 14.15 25.04
C THR C 80 16.03 13.16 23.91
N LEU C 81 14.97 13.35 23.14
CA LEU C 81 14.66 12.45 22.03
C LEU C 81 15.62 12.64 20.86
N PHE C 82 16.16 13.85 20.70
CA PHE C 82 17.16 14.07 19.67
C PHE C 82 18.45 13.33 19.99
N PHE C 83 18.82 13.28 21.26
CA PHE C 83 20.05 12.58 21.65
C PHE C 83 19.84 11.09 21.90
N THR C 84 18.61 10.65 22.15
CA THR C 84 18.39 9.23 22.40
C THR C 84 18.62 8.38 21.16
N HIS C 85 18.60 8.97 19.96
CA HIS C 85 18.98 8.22 18.77
C HIS C 85 20.39 7.68 18.91
N SER C 86 21.35 8.56 19.22
CA SER C 86 22.72 8.13 19.45
C SER C 86 22.82 7.27 20.71
N MET C 87 22.01 7.56 21.73
CA MET C 87 22.03 6.73 22.93
C MET C 87 21.72 5.27 22.60
N ILE C 88 20.67 5.01 21.83
CA ILE C 88 20.34 3.64 21.46
C ILE C 88 21.37 3.08 20.48
N LYS C 89 21.87 3.92 19.56
CA LYS C 89 22.82 3.43 18.57
C LYS C 89 24.11 2.94 19.21
N PHE C 90 24.59 3.64 20.25
CA PHE C 90 25.80 3.22 20.94
C PHE C 90 25.64 1.81 21.50
N VAL C 91 24.56 1.58 22.24
CA VAL C 91 24.35 0.26 22.84
C VAL C 91 24.10 -0.79 21.76
N TYR C 92 23.42 -0.41 20.67
CA TYR C 92 23.16 -1.35 19.60
C TYR C 92 24.46 -1.84 18.98
N PHE C 93 25.39 -0.92 18.71
CA PHE C 93 26.67 -1.32 18.13
C PHE C 93 27.55 -2.03 19.16
N SER C 94 27.37 -1.72 20.45
CA SER C 94 28.16 -2.39 21.47
C SER C 94 27.71 -3.83 21.70
N THR C 95 26.42 -4.10 21.54
CA THR C 95 25.87 -5.43 21.82
C THR C 95 25.78 -6.30 20.57
N GLY C 96 25.15 -5.81 19.51
CA GLY C 96 24.97 -6.60 18.31
C GLY C 96 26.11 -6.49 17.32
N THR C 97 27.34 -6.50 17.83
CA THR C 97 28.51 -6.36 16.96
C THR C 97 28.72 -7.57 16.06
N LYS C 98 28.16 -8.73 16.42
CA LYS C 98 28.36 -9.93 15.62
C LYS C 98 27.70 -9.81 14.26
N SER C 99 26.51 -9.22 14.21
CA SER C 99 25.84 -9.02 12.92
C SER C 99 26.64 -8.09 12.02
N PHE C 100 27.18 -7.01 12.59
CA PHE C 100 28.05 -6.12 11.83
C PHE C 100 29.28 -6.85 11.32
N TYR C 101 29.89 -7.68 12.17
CA TYR C 101 31.07 -8.42 11.77
C TYR C 101 30.76 -9.38 10.61
N ARG C 102 29.62 -10.08 10.70
CA ARG C 102 29.23 -10.99 9.64
C ARG C 102 28.95 -10.25 8.34
N THR C 103 28.27 -9.10 8.42
CA THR C 103 28.01 -8.32 7.22
C THR C 103 29.30 -7.84 6.58
N LEU C 104 30.27 -7.40 7.40
CA LEU C 104 31.57 -6.99 6.88
C LEU C 104 32.29 -8.16 6.22
N SER C 105 32.23 -9.34 6.85
CA SER C 105 32.97 -10.50 6.37
C SER C 105 32.26 -11.24 5.25
N CYS C 106 31.04 -10.86 4.89
CA CYS C 106 30.36 -11.51 3.78
C CYS C 106 31.18 -11.41 2.49
N TRP C 107 31.74 -10.24 2.20
CA TRP C 107 32.63 -10.03 1.06
C TRP C 107 34.05 -10.02 1.60
N ASN C 108 34.66 -11.20 1.72
CA ASN C 108 35.98 -11.31 2.31
C ASN C 108 36.95 -12.09 1.44
N ASN C 109 36.45 -13.06 0.66
CA ASN C 109 37.33 -13.91 -0.13
C ASN C 109 36.81 -14.10 -1.56
N THR C 110 35.89 -13.26 -2.00
CA THR C 110 35.35 -13.38 -3.36
C THR C 110 36.43 -13.05 -4.39
N SER C 111 36.45 -13.84 -5.47
CA SER C 111 37.42 -13.66 -6.55
C SER C 111 36.68 -13.43 -7.86
N PRO C 112 36.93 -12.32 -8.56
CA PRO C 112 36.23 -12.06 -9.82
C PRO C 112 36.65 -13.01 -10.92
N HIS C 113 35.75 -13.21 -11.88
CA HIS C 113 36.06 -14.00 -13.05
C HIS C 113 37.09 -13.28 -13.91
N PRO C 114 37.97 -14.03 -14.58
CA PRO C 114 38.99 -13.37 -15.43
C PRO C 114 38.41 -12.51 -16.52
N LEU C 115 37.27 -12.87 -17.08
CA LEU C 115 36.71 -12.12 -18.21
C LEU C 115 36.13 -10.78 -17.78
N PHE C 116 35.54 -10.71 -16.59
CA PHE C 116 34.86 -9.51 -16.11
C PHE C 116 35.69 -8.69 -15.14
N ALA C 117 37.03 -8.85 -15.18
CA ALA C 117 37.89 -8.17 -14.23
C ALA C 117 37.80 -6.66 -14.38
N GLU C 118 37.81 -6.15 -15.62
CA GLU C 118 37.77 -4.72 -15.83
C GLU C 118 36.45 -4.12 -15.34
N SER C 119 35.33 -4.79 -15.65
CA SER C 119 34.03 -4.31 -15.19
C SER C 119 33.95 -4.31 -13.67
N HIS C 120 34.42 -5.38 -13.03
CA HIS C 120 34.40 -5.45 -11.58
C HIS C 120 35.26 -4.35 -10.97
N SER C 121 36.44 -4.10 -11.54
CA SER C 121 37.31 -3.06 -11.03
C SER C 121 36.69 -1.69 -11.17
N ARG C 122 36.07 -1.41 -12.33
CA ARG C 122 35.44 -0.11 -12.54
C ARG C 122 34.28 0.11 -11.57
N PHE C 123 33.45 -0.91 -11.36
CA PHE C 123 32.33 -0.74 -10.45
C PHE C 123 32.78 -0.68 -9.00
N HIS C 124 33.87 -1.38 -8.65
CA HIS C 124 34.45 -1.24 -7.32
C HIS C 124 34.96 0.18 -7.09
N ALA C 125 35.61 0.75 -8.12
CA ALA C 125 36.08 2.14 -8.00
C ALA C 125 34.91 3.09 -7.85
N LYS C 126 33.83 2.88 -8.60
CA LYS C 126 32.66 3.73 -8.46
C LYS C 126 32.05 3.61 -7.07
N SER C 127 31.98 2.39 -6.53
CA SER C 127 31.48 2.19 -5.18
C SER C 127 32.34 2.91 -4.15
N LEU C 128 33.67 2.83 -4.32
CA LEU C 128 34.57 3.50 -3.39
C LEU C 128 34.40 5.02 -3.47
N SER C 129 34.23 5.56 -4.68
CA SER C 129 34.03 6.99 -4.83
C SER C 129 32.73 7.44 -4.17
N ARG C 130 31.64 6.68 -4.37
CA ARG C 130 30.39 7.02 -3.73
C ARG C 130 30.51 6.95 -2.21
N MET C 131 31.20 5.93 -1.70
CA MET C 131 31.38 5.80 -0.26
C MET C 131 32.16 6.98 0.31
N ARG C 132 33.24 7.38 -0.37
CA ARG C 132 34.02 8.52 0.11
C ARG C 132 33.22 9.81 0.05
N GLN C 133 32.44 10.00 -1.02
CA GLN C 133 31.59 11.19 -1.10
C GLN C 133 30.57 11.23 0.03
N LEU C 134 29.95 10.08 0.33
CA LEU C 134 29.00 10.02 1.43
C LEU C 134 29.67 10.32 2.76
N LEU C 135 30.87 9.78 2.97
CA LEU C 135 31.61 10.05 4.20
C LEU C 135 31.91 11.54 4.34
N ILE C 136 32.35 12.16 3.24
CA ILE C 136 32.64 13.59 3.27
C ILE C 136 31.39 14.40 3.60
N ILE C 137 30.26 14.04 2.98
CA ILE C 137 29.01 14.77 3.23
C ILE C 137 28.60 14.64 4.69
N VAL C 138 28.67 13.42 5.23
CA VAL C 138 28.26 13.20 6.61
C VAL C 138 29.17 13.96 7.57
N SER C 139 30.48 13.91 7.34
CA SER C 139 31.41 14.63 8.21
C SER C 139 31.18 16.13 8.16
N ILE C 140 30.95 16.67 6.96
CA ILE C 140 30.72 18.10 6.82
C ILE C 140 29.44 18.51 7.55
N VAL C 141 28.37 17.71 7.40
CA VAL C 141 27.10 18.04 8.06
C VAL C 141 27.26 17.98 9.58
N THR C 142 27.96 16.95 10.07
CA THR C 142 28.15 16.83 11.52
C THR C 142 28.96 18.00 12.07
N ILE C 143 30.03 18.40 11.37
CA ILE C 143 30.82 19.54 11.81
C ILE C 143 29.98 20.81 11.81
N PHE C 144 29.18 21.01 10.75
CA PHE C 144 28.37 22.20 10.65
C PHE C 144 27.35 22.29 11.78
N THR C 145 26.67 21.18 12.08
CA THR C 145 25.69 21.24 13.16
C THR C 145 26.37 21.36 14.53
N THR C 146 27.56 20.78 14.69
CA THR C 146 28.29 20.93 15.94
C THR C 146 28.67 22.38 16.20
N ILE C 147 29.16 23.08 15.17
CA ILE C 147 29.49 24.49 15.36
C ILE C 147 28.23 25.34 15.49
N SER C 148 27.14 24.94 14.83
CA SER C 148 25.90 25.70 14.93
C SER C 148 25.32 25.63 16.34
N TRP C 149 25.41 24.45 16.98
CA TRP C 149 24.86 24.30 18.33
C TRP C 149 25.54 25.24 19.32
N THR C 150 26.77 25.65 19.05
CA THR C 150 27.47 26.59 19.90
C THR C 150 27.33 28.03 19.44
N THR C 151 27.14 28.26 18.14
CA THR C 151 26.89 29.62 17.67
C THR C 151 25.46 30.07 17.92
N ILE C 152 24.56 29.17 18.29
CA ILE C 152 23.19 29.57 18.60
C ILE C 152 23.01 29.93 20.08
N THR C 153 23.79 29.33 20.97
CA THR C 153 23.61 29.56 22.40
C THR C 153 24.00 30.97 22.84
N PHE C 154 24.75 31.70 22.01
CA PHE C 154 25.16 33.06 22.34
C PHE C 154 24.15 34.11 21.90
N PHE C 155 23.11 33.72 21.18
CA PHE C 155 22.10 34.67 20.71
C PHE C 155 20.89 34.76 21.63
N GLY C 156 20.90 34.06 22.75
CA GLY C 156 19.78 34.10 23.67
C GLY C 156 19.68 35.39 24.45
N PRO C 175 18.13 33.75 35.72
CA PRO C 175 19.57 33.53 35.53
C PRO C 175 19.91 32.10 35.14
N VAL C 176 19.97 31.83 33.84
CA VAL C 176 20.28 30.52 33.30
C VAL C 176 21.57 30.62 32.53
N PRO C 177 22.56 29.77 32.78
CA PRO C 177 23.83 29.85 32.04
C PRO C 177 23.62 29.59 30.56
N ARG C 178 24.45 30.23 29.74
CA ARG C 178 24.34 30.13 28.29
C ARG C 178 25.02 28.89 27.73
N LEU C 179 24.70 27.74 28.31
CA LEU C 179 25.18 26.46 27.81
C LEU C 179 24.24 25.96 26.73
N MET C 180 24.81 25.30 25.71
CA MET C 180 23.97 24.78 24.63
C MET C 180 23.06 23.65 25.09
N LEU C 181 23.36 23.03 26.23
CA LEU C 181 22.50 22.00 26.80
C LEU C 181 22.16 22.38 28.23
N HIS C 182 20.87 22.33 28.56
CA HIS C 182 20.38 22.71 29.88
C HIS C 182 20.39 21.48 30.78
N SER C 183 21.56 21.19 31.35
CA SER C 183 21.77 20.00 32.14
C SER C 183 21.98 20.35 33.61
N TRP C 184 21.82 19.35 34.47
CA TRP C 184 22.04 19.46 35.90
C TRP C 184 23.38 18.85 36.26
N TYR C 185 24.10 19.50 37.16
CA TYR C 185 25.42 19.03 37.56
C TYR C 185 25.54 19.09 39.08
N PRO C 186 26.33 18.18 39.67
CA PRO C 186 26.57 18.26 41.12
C PRO C 186 27.23 19.54 41.56
N TRP C 187 28.11 20.11 40.73
CA TRP C 187 28.78 21.35 41.05
C TRP C 187 28.15 22.51 40.28
N ASP C 188 28.33 23.72 40.82
CA ASP C 188 27.73 24.90 40.22
C ASP C 188 28.33 25.18 38.84
N SER C 189 27.48 25.64 37.93
CA SER C 189 27.89 25.96 36.56
C SER C 189 27.56 27.41 36.21
N GLY C 190 27.71 28.32 37.18
CA GLY C 190 27.41 29.72 36.95
C GLY C 190 28.64 30.59 36.84
N HIS C 191 29.67 30.29 37.64
CA HIS C 191 30.89 31.09 37.65
C HIS C 191 32.06 30.20 38.05
N GLY C 192 33.23 30.51 37.51
CA GLY C 192 34.45 29.78 37.83
C GLY C 192 34.82 28.80 36.74
N LEU C 193 35.79 27.94 37.08
CA LEU C 193 36.25 26.92 36.15
C LEU C 193 35.19 25.87 35.87
N GLY C 194 34.18 25.76 36.73
CA GLY C 194 33.08 24.85 36.46
C GLY C 194 32.34 25.20 35.18
N TYR C 195 32.21 26.50 34.90
CA TYR C 195 31.53 26.93 33.68
C TYR C 195 32.27 26.44 32.44
N ILE C 196 33.58 26.66 32.38
CA ILE C 196 34.33 26.25 31.19
C ILE C 196 34.43 24.73 31.11
N VAL C 197 34.51 24.04 32.25
CA VAL C 197 34.60 22.59 32.21
C VAL C 197 33.28 21.99 31.72
N ALA C 198 32.14 22.58 32.13
CA ALA C 198 30.86 22.14 31.59
C ALA C 198 30.75 22.46 30.11
N PHE C 199 31.26 23.63 29.70
CA PHE C 199 31.29 24.01 28.30
C PHE C 199 32.00 22.96 27.46
N VAL C 200 33.22 22.59 27.86
CA VAL C 200 34.01 21.64 27.07
C VAL C 200 33.41 20.24 27.16
N LEU C 201 32.89 19.84 28.31
CA LEU C 201 32.28 18.52 28.43
C LEU C 201 31.05 18.41 27.53
N GLN C 202 30.22 19.44 27.49
CA GLN C 202 29.03 19.41 26.64
C GLN C 202 29.42 19.45 25.16
N PHE C 203 30.46 20.23 24.82
CA PHE C 203 30.99 20.19 23.46
C PHE C 203 31.39 18.77 23.06
N TYR C 204 32.18 18.12 23.90
CA TYR C 204 32.64 16.77 23.59
C TYR C 204 31.49 15.79 23.49
N TRP C 205 30.51 15.91 24.39
CA TRP C 205 29.37 14.99 24.38
C TRP C 205 28.55 15.16 23.11
N VAL C 206 28.26 16.41 22.72
CA VAL C 206 27.49 16.64 21.51
C VAL C 206 28.25 16.11 20.30
N PHE C 207 29.56 16.39 20.23
CA PHE C 207 30.36 15.92 19.12
C PHE C 207 30.34 14.40 19.02
N ILE C 208 30.55 13.72 20.14
CA ILE C 208 30.63 12.26 20.14
C ILE C 208 29.29 11.64 19.77
N THR C 209 28.21 12.14 20.37
CA THR C 209 26.89 11.57 20.09
C THR C 209 26.51 11.77 18.63
N LEU C 210 26.72 12.98 18.10
CA LEU C 210 26.39 13.24 16.71
C LEU C 210 27.25 12.41 15.77
N SER C 211 28.54 12.25 16.10
CA SER C 211 29.43 11.44 15.28
C SER C 211 28.98 9.99 15.25
N HIS C 212 28.59 9.44 16.40
CA HIS C 212 28.11 8.06 16.44
C HIS C 212 26.85 7.89 15.61
N SER C 213 25.87 8.80 15.80
CA SER C 213 24.61 8.69 15.10
C SER C 213 24.80 8.80 13.60
N ASN C 214 25.69 9.69 13.16
CA ASN C 214 25.95 9.82 11.73
C ASN C 214 26.78 8.67 11.18
N LEU C 215 27.70 8.12 11.98
CA LEU C 215 28.56 7.04 11.51
C LEU C 215 27.77 5.76 11.29
N MET C 216 26.80 5.48 12.16
CA MET C 216 25.97 4.29 11.95
C MET C 216 25.22 4.38 10.62
N GLU C 217 24.63 5.53 10.34
CA GLU C 217 23.92 5.71 9.07
C GLU C 217 24.88 5.68 7.89
N LEU C 218 26.10 6.20 8.07
CA LEU C 218 27.10 6.12 7.01
C LEU C 218 27.42 4.67 6.67
N LEU C 219 27.62 3.84 7.70
CA LEU C 219 27.91 2.43 7.46
C LEU C 219 26.74 1.74 6.77
N PHE C 220 25.51 2.03 7.21
CA PHE C 220 24.35 1.41 6.57
C PHE C 220 24.23 1.82 5.11
N SER C 221 24.48 3.10 4.82
CA SER C 221 24.38 3.56 3.44
C SER C 221 25.48 2.97 2.55
N SER C 222 26.69 2.81 3.10
CA SER C 222 27.73 2.12 2.35
C SER C 222 27.34 0.67 2.06
N PHE C 223 26.74 0.00 3.05
CA PHE C 223 26.22 -1.33 2.83
C PHE C 223 25.20 -1.35 1.70
N LEU C 224 24.29 -0.37 1.69
CA LEU C 224 23.24 -0.34 0.69
C LEU C 224 23.78 0.01 -0.69
N VAL C 225 24.89 0.73 -0.77
CA VAL C 225 25.41 1.12 -2.07
C VAL C 225 26.32 0.05 -2.68
N HIS C 226 27.03 -0.73 -1.85
CA HIS C 226 27.90 -1.76 -2.39
C HIS C 226 27.10 -2.81 -3.17
N ALA C 227 25.97 -3.24 -2.63
CA ALA C 227 25.14 -4.23 -3.31
C ALA C 227 24.60 -3.68 -4.63
N CYS C 228 24.21 -2.40 -4.64
CA CYS C 228 23.72 -1.80 -5.87
C CYS C 228 24.82 -1.76 -6.94
N GLU C 229 26.04 -1.41 -6.55
CA GLU C 229 27.14 -1.41 -7.51
C GLU C 229 27.43 -2.82 -8.03
N GLN C 230 27.38 -3.82 -7.14
CA GLN C 230 27.62 -5.19 -7.58
C GLN C 230 26.54 -5.65 -8.56
N LEU C 231 25.28 -5.32 -8.30
CA LEU C 231 24.21 -5.70 -9.21
C LEU C 231 24.29 -4.97 -10.54
N GLN C 232 24.72 -3.70 -10.52
CA GLN C 232 24.94 -3.01 -11.79
C GLN C 232 26.06 -3.69 -12.58
N HIS C 233 27.10 -4.14 -11.89
CA HIS C 233 28.16 -4.90 -12.56
C HIS C 233 27.60 -6.18 -13.17
N LEU C 234 26.75 -6.88 -12.43
CA LEU C 234 26.14 -8.10 -12.96
C LEU C 234 25.30 -7.81 -14.20
N LYS C 235 24.52 -6.72 -14.16
CA LYS C 235 23.73 -6.34 -15.33
C LYS C 235 24.62 -6.05 -16.52
N GLU C 236 25.74 -5.35 -16.29
CA GLU C 236 26.65 -5.04 -17.39
C GLU C 236 27.27 -6.30 -17.99
N ILE C 237 27.67 -7.26 -17.14
CA ILE C 237 28.28 -8.49 -17.64
C ILE C 237 27.27 -9.48 -18.18
N LEU C 238 25.98 -9.26 -17.95
CA LEU C 238 24.97 -10.14 -18.54
C LEU C 238 24.99 -10.09 -20.07
N ASN C 239 25.23 -8.91 -20.64
CA ASN C 239 25.15 -8.78 -22.09
C ASN C 239 26.18 -9.63 -22.84
N PRO C 240 27.48 -9.62 -22.52
CA PRO C 240 28.40 -10.51 -23.23
C PRO C 240 28.26 -11.97 -22.82
N LEU C 241 27.54 -12.25 -21.73
CA LEU C 241 27.40 -13.62 -21.26
C LEU C 241 26.78 -14.53 -22.31
N ILE C 242 25.71 -14.06 -22.97
CA ILE C 242 25.08 -14.86 -24.01
C ILE C 242 25.71 -14.60 -25.39
N GLU C 243 26.36 -13.46 -25.58
CA GLU C 243 27.12 -13.26 -26.81
C GLU C 243 28.25 -14.29 -26.92
N LEU C 244 28.81 -14.69 -25.78
CA LEU C 244 29.77 -15.79 -25.78
C LEU C 244 29.13 -17.09 -26.26
N SER C 245 27.90 -17.34 -25.84
CA SER C 245 27.20 -18.58 -26.17
C SER C 245 26.50 -18.52 -27.53
N ALA C 246 26.55 -17.38 -28.22
CA ALA C 246 25.91 -17.27 -29.52
C ALA C 246 26.45 -18.31 -30.49
N THR C 247 25.55 -18.99 -31.19
CA THR C 247 25.90 -20.07 -32.10
C THR C 247 26.17 -19.57 -33.52
N LEU C 248 26.47 -18.29 -33.69
CA LEU C 248 26.77 -17.76 -35.01
C LEU C 248 28.10 -18.31 -35.53
N ASP C 249 28.16 -18.54 -36.83
CA ASP C 249 29.36 -19.08 -37.45
C ASP C 249 30.52 -18.09 -37.39
N LEU C 303 27.84 -25.33 -30.01
CA LEU C 303 29.19 -24.81 -29.90
C LEU C 303 30.20 -25.93 -29.69
N THR C 304 31.48 -25.59 -29.62
CA THR C 304 32.52 -26.56 -29.36
C THR C 304 32.61 -26.87 -27.88
N SER C 305 33.44 -27.87 -27.54
CA SER C 305 33.60 -28.26 -26.14
C SER C 305 34.19 -27.13 -25.31
N ASN C 306 35.22 -26.45 -25.82
CA ASN C 306 35.83 -25.35 -25.09
C ASN C 306 34.84 -24.20 -24.92
N GLN C 307 34.10 -23.87 -25.97
CA GLN C 307 33.13 -22.77 -25.88
C GLN C 307 32.03 -23.09 -24.89
N GLU C 308 31.50 -24.32 -24.92
CA GLU C 308 30.46 -24.69 -23.98
C GLU C 308 30.98 -24.73 -22.54
N VAL C 309 32.23 -25.16 -22.35
CA VAL C 309 32.81 -25.15 -21.01
C VAL C 309 32.94 -23.71 -20.51
N LEU C 310 33.42 -22.81 -21.36
CA LEU C 310 33.55 -21.41 -20.97
C LEU C 310 32.19 -20.80 -20.64
N VAL C 311 31.18 -21.10 -21.46
CA VAL C 311 29.85 -20.56 -21.20
C VAL C 311 29.29 -21.10 -19.90
N ARG C 312 29.48 -22.40 -19.65
CA ARG C 312 29.01 -23.00 -18.40
C ARG C 312 29.68 -22.35 -17.20
N SER C 313 31.01 -22.17 -17.27
CA SER C 313 31.72 -21.57 -16.14
C SER C 313 31.29 -20.13 -15.91
N ALA C 314 31.10 -19.37 -16.99
CA ALA C 314 30.68 -17.97 -16.84
C ALA C 314 29.26 -17.88 -16.27
N ILE C 315 28.35 -18.74 -16.73
CA ILE C 315 27.00 -18.76 -16.19
C ILE C 315 27.02 -19.11 -14.72
N LYS C 316 27.81 -20.12 -14.35
CA LYS C 316 27.91 -20.52 -12.95
C LYS C 316 28.49 -19.40 -12.09
N TYR C 317 29.49 -18.68 -12.61
CA TYR C 317 30.03 -17.53 -11.87
C TYR C 317 28.99 -16.45 -11.69
N TRP C 318 28.21 -16.15 -12.73
CA TRP C 318 27.16 -15.15 -12.61
C TRP C 318 26.13 -15.56 -11.55
N VAL C 319 25.77 -16.85 -11.54
CA VAL C 319 24.82 -17.32 -10.56
C VAL C 319 25.38 -17.18 -9.14
N GLU C 320 26.66 -17.52 -8.95
CA GLU C 320 27.25 -17.34 -7.62
C GLU C 320 27.24 -15.87 -7.23
N ARG C 321 27.55 -14.98 -8.17
CA ARG C 321 27.58 -13.56 -7.84
C ARG C 321 26.20 -13.06 -7.43
N HIS C 322 25.16 -13.48 -8.15
CA HIS C 322 23.80 -13.08 -7.77
C HIS C 322 23.41 -13.65 -6.41
N LYS C 323 23.77 -14.90 -6.14
CA LYS C 323 23.49 -15.48 -4.83
C LYS C 323 24.21 -14.72 -3.73
N HIS C 324 25.46 -14.34 -3.99
CA HIS C 324 26.23 -13.57 -3.01
C HIS C 324 25.57 -12.22 -2.74
N VAL C 325 25.09 -11.57 -3.79
CA VAL C 325 24.41 -10.28 -3.61
C VAL C 325 23.14 -10.45 -2.79
N VAL C 326 22.36 -11.49 -3.08
CA VAL C 326 21.12 -11.73 -2.34
C VAL C 326 21.43 -12.01 -0.87
N LYS C 327 22.43 -12.85 -0.61
CA LYS C 327 22.80 -13.16 0.78
C LYS C 327 23.33 -11.93 1.50
N TYR C 328 24.08 -11.08 0.78
CA TYR C 328 24.59 -9.86 1.38
C TYR C 328 23.47 -8.89 1.75
N VAL C 329 22.45 -8.78 0.89
CA VAL C 329 21.31 -7.94 1.20
C VAL C 329 20.54 -8.50 2.39
N SER C 330 20.38 -9.83 2.44
CA SER C 330 19.72 -10.45 3.58
C SER C 330 20.50 -10.19 4.88
N LEU C 331 21.82 -10.28 4.80
CA LEU C 331 22.66 -9.98 5.97
C LEU C 331 22.49 -8.53 6.40
N ILE C 332 22.42 -7.61 5.44
CA ILE C 332 22.19 -6.20 5.76
C ILE C 332 20.87 -6.04 6.50
N THR C 333 19.81 -6.66 5.97
CA THR C 333 18.49 -6.54 6.58
C THR C 333 18.48 -7.11 8.00
N GLU C 334 19.12 -8.27 8.18
CA GLU C 334 19.19 -8.85 9.52
C GLU C 334 20.06 -8.02 10.46
N CYS C 335 21.06 -7.33 9.91
CA CYS C 335 21.99 -6.55 10.73
C CYS C 335 21.36 -5.25 11.22
N TYR C 336 20.64 -4.54 10.36
CA TYR C 336 20.16 -3.20 10.71
C TYR C 336 18.65 -3.09 10.52
N GLY C 337 17.91 -4.06 11.06
CA GLY C 337 16.47 -3.97 11.05
C GLY C 337 15.89 -3.40 12.33
N SER C 338 16.31 -3.97 13.47
CA SER C 338 15.80 -3.49 14.76
C SER C 338 16.28 -2.08 15.06
N ALA C 339 17.52 -1.76 14.68
CA ALA C 339 18.02 -0.40 14.87
C ALA C 339 17.20 0.60 14.06
N LEU C 340 16.88 0.24 12.81
CA LEU C 340 16.04 1.11 11.99
C LEU C 340 14.65 1.25 12.58
N LEU C 341 14.09 0.16 13.13
CA LEU C 341 12.78 0.25 13.75
C LEU C 341 12.80 1.18 14.96
N PHE C 342 13.82 1.07 15.81
CA PHE C 342 13.92 1.95 16.96
C PHE C 342 14.11 3.40 16.53
N HIS C 343 14.95 3.64 15.51
CA HIS C 343 15.16 4.99 15.02
C HIS C 343 13.87 5.59 14.49
N MET C 344 13.10 4.81 13.73
CA MET C 344 11.83 5.29 13.21
C MET C 344 10.84 5.55 14.33
N LEU C 345 10.82 4.68 15.36
CA LEU C 345 9.91 4.88 16.47
C LEU C 345 10.20 6.18 17.22
N VAL C 346 11.48 6.47 17.44
CA VAL C 346 11.84 7.73 18.09
C VAL C 346 11.57 8.91 17.17
N SER C 347 11.83 8.75 15.88
CA SER C 347 11.65 9.83 14.93
C SER C 347 10.19 10.22 14.81
N THR C 348 9.27 9.26 14.87
CA THR C 348 7.85 9.58 14.82
C THR C 348 7.45 10.52 15.95
N VAL C 349 7.85 10.19 17.18
CA VAL C 349 7.48 11.00 18.33
C VAL C 349 8.14 12.37 18.26
N ILE C 350 9.43 12.42 17.93
CA ILE C 350 10.09 13.72 17.91
C ILE C 350 9.52 14.59 16.78
N LEU C 351 9.17 13.98 15.64
CA LEU C 351 8.57 14.73 14.55
C LEU C 351 7.20 15.27 14.93
N THR C 352 6.38 14.45 15.62
CA THR C 352 5.07 14.93 16.07
C THR C 352 5.22 16.09 17.04
N ILE C 353 6.15 15.98 17.98
CA ILE C 353 6.31 17.04 18.97
C ILE C 353 6.88 18.30 18.31
N LEU C 354 7.78 18.13 17.35
CA LEU C 354 8.29 19.28 16.60
C LEU C 354 7.18 19.96 15.81
N ALA C 355 6.28 19.17 15.22
CA ALA C 355 5.15 19.75 14.49
C ALA C 355 4.26 20.54 15.43
N TYR C 356 4.06 20.03 16.65
CA TYR C 356 3.32 20.82 17.64
C TYR C 356 4.07 22.10 17.99
N GLN C 357 5.38 22.01 18.15
CA GLN C 357 6.18 23.18 18.55
C GLN C 357 6.20 24.25 17.48
N ALA C 358 6.14 23.85 16.21
CA ALA C 358 6.25 24.81 15.11
C ALA C 358 5.04 25.72 14.97
N THR C 359 3.95 25.45 15.69
CA THR C 359 2.77 26.30 15.57
C THR C 359 2.96 27.62 16.29
N LYS C 360 3.78 27.67 17.33
CA LYS C 360 3.99 28.89 18.12
C LYS C 360 5.17 29.70 17.61
N ILE C 361 5.16 30.02 16.32
CA ILE C 361 6.24 30.77 15.70
C ILE C 361 5.94 32.26 15.80
N ASN C 362 6.94 33.05 16.19
CA ASN C 362 6.81 34.49 16.37
C ASN C 362 7.89 35.20 15.53
N GLY C 363 7.98 34.81 14.27
CA GLY C 363 9.00 35.36 13.40
C GLY C 363 10.33 34.63 13.58
N VAL C 364 11.38 35.26 13.06
CA VAL C 364 12.73 34.69 13.15
C VAL C 364 13.34 35.07 14.50
N ASN C 365 13.89 34.07 15.18
CA ASN C 365 14.56 34.24 16.46
C ASN C 365 15.27 32.92 16.79
N VAL C 366 15.82 32.84 18.01
CA VAL C 366 16.55 31.65 18.42
C VAL C 366 15.64 30.43 18.45
N PHE C 367 14.42 30.61 18.98
CA PHE C 367 13.48 29.48 19.07
C PHE C 367 13.11 28.96 17.69
N ALA C 368 12.80 29.87 16.76
CA ALA C 368 12.44 29.46 15.41
C ALA C 368 13.61 28.79 14.71
N PHE C 369 14.82 29.33 14.88
CA PHE C 369 15.99 28.70 14.28
C PHE C 369 16.22 27.31 14.83
N SER C 370 16.05 27.14 16.15
CA SER C 370 16.23 25.83 16.76
C SER C 370 15.20 24.84 16.23
N THR C 371 13.94 25.25 16.13
CA THR C 371 12.89 24.36 15.63
C THR C 371 13.17 23.96 14.18
N ILE C 372 13.56 24.93 13.35
CA ILE C 372 13.85 24.63 11.95
C ILE C 372 15.04 23.68 11.84
N GLY C 373 16.08 23.90 12.65
CA GLY C 373 17.23 23.02 12.60
C GLY C 373 16.90 21.61 13.04
N TYR C 374 16.12 21.47 14.11
CA TYR C 374 15.71 20.14 14.56
C TYR C 374 14.91 19.42 13.49
N LEU C 375 13.95 20.12 12.87
CA LEU C 375 13.15 19.50 11.83
C LEU C 375 14.01 19.10 10.64
N MET C 376 14.94 19.97 10.22
CA MET C 376 15.79 19.67 9.08
C MET C 376 16.67 18.46 9.34
N TYR C 377 17.29 18.40 10.53
CA TYR C 377 18.14 17.26 10.85
C TYR C 377 17.33 15.98 10.94
N SER C 378 16.14 16.04 11.54
CA SER C 378 15.30 14.84 11.66
C SER C 378 14.89 14.33 10.29
N PHE C 379 14.57 15.22 9.36
CA PHE C 379 14.20 14.79 8.02
C PHE C 379 15.41 14.26 7.26
N ALA C 380 16.56 14.91 7.40
CA ALA C 380 17.76 14.47 6.67
C ALA C 380 18.21 13.09 7.14
N GLN C 381 18.14 12.83 8.44
CA GLN C 381 18.60 11.54 8.96
C GLN C 381 17.82 10.38 8.35
N ILE C 382 16.48 10.50 8.30
CA ILE C 382 15.68 9.44 7.71
C ILE C 382 15.87 9.38 6.20
N PHE C 383 15.88 10.55 5.54
CA PHE C 383 15.94 10.56 4.08
C PHE C 383 17.25 9.99 3.56
N MET C 384 18.35 10.15 4.29
CA MET C 384 19.64 9.74 3.78
C MET C 384 19.68 8.24 3.50
N PHE C 385 19.07 7.43 4.36
CA PHE C 385 18.98 6.00 4.08
C PHE C 385 17.71 5.62 3.34
N CYS C 386 16.64 6.41 3.43
CA CYS C 386 15.43 6.10 2.69
C CYS C 386 15.69 6.16 1.19
N ILE C 387 16.41 7.19 0.73
CA ILE C 387 16.67 7.32 -0.70
C ILE C 387 17.51 6.15 -1.21
N HIS C 388 18.48 5.70 -0.41
CA HIS C 388 19.34 4.61 -0.85
C HIS C 388 18.58 3.29 -0.84
N GLY C 389 17.72 3.07 0.16
CA GLY C 389 16.88 1.89 0.13
C GLY C 389 15.96 1.87 -1.07
N ASN C 390 15.36 3.01 -1.40
CA ASN C 390 14.49 3.09 -2.58
C ASN C 390 15.29 2.87 -3.85
N GLU C 391 16.51 3.40 -3.91
CA GLU C 391 17.35 3.18 -5.09
C GLU C 391 17.67 1.70 -5.27
N LEU C 392 18.00 1.01 -4.17
CA LEU C 392 18.24 -0.43 -4.25
C LEU C 392 17.00 -1.18 -4.71
N ILE C 393 15.84 -0.83 -4.15
CA ILE C 393 14.60 -1.50 -4.52
C ILE C 393 14.29 -1.30 -5.99
N GLU C 394 14.45 -0.07 -6.49
CA GLU C 394 14.12 0.22 -7.87
C GLU C 394 15.12 -0.39 -8.84
N GLU C 395 16.39 -0.48 -8.46
CA GLU C 395 17.42 -0.97 -9.37
C GLU C 395 17.50 -2.49 -9.39
N SER C 396 17.21 -3.17 -8.27
CA SER C 396 17.34 -4.62 -8.24
C SER C 396 16.40 -5.33 -9.21
N SER C 397 15.32 -4.67 -9.64
CA SER C 397 14.37 -5.27 -10.55
C SER C 397 14.78 -5.13 -12.01
N SER C 398 15.89 -4.46 -12.30
CA SER C 398 16.34 -4.25 -13.67
C SER C 398 17.19 -5.40 -14.19
N VAL C 399 17.50 -6.39 -13.36
CA VAL C 399 18.31 -7.52 -13.81
C VAL C 399 17.56 -8.31 -14.87
N MET C 400 16.24 -8.44 -14.72
CA MET C 400 15.46 -9.10 -15.77
C MET C 400 15.43 -8.25 -17.05
N GLU C 401 15.47 -6.92 -16.91
CA GLU C 401 15.58 -6.06 -18.08
C GLU C 401 16.89 -6.31 -18.81
N ALA C 402 17.99 -6.46 -18.06
CA ALA C 402 19.27 -6.76 -18.69
C ALA C 402 19.27 -8.16 -19.31
N ALA C 403 18.63 -9.13 -18.64
CA ALA C 403 18.53 -10.47 -19.19
C ALA C 403 17.78 -10.47 -20.51
N TYR C 404 16.73 -9.65 -20.62
CA TYR C 404 16.06 -9.47 -21.90
C TYR C 404 16.95 -8.70 -22.87
N GLY C 405 17.78 -7.80 -22.35
CA GLY C 405 18.64 -7.01 -23.22
C GLY C 405 19.66 -7.86 -23.96
N CYS C 406 20.31 -8.76 -23.24
CA CYS C 406 21.22 -9.69 -23.91
C CYS C 406 20.41 -10.64 -24.78
N HIS C 407 20.95 -10.93 -25.97
CA HIS C 407 20.21 -11.63 -27.02
C HIS C 407 20.12 -13.11 -26.68
N TRP C 408 19.18 -13.43 -25.78
CA TRP C 408 18.99 -14.82 -25.36
C TRP C 408 18.57 -15.70 -26.53
N TYR C 409 17.92 -15.12 -27.54
CA TYR C 409 17.53 -15.90 -28.71
C TYR C 409 18.74 -16.43 -29.46
N ASP C 410 19.92 -15.83 -29.27
CA ASP C 410 21.13 -16.34 -29.87
C ASP C 410 21.79 -17.44 -29.04
N GLY C 411 21.32 -17.66 -27.81
CA GLY C 411 21.91 -18.66 -26.95
C GLY C 411 21.36 -20.05 -27.18
N SER C 412 21.95 -21.02 -26.47
CA SER C 412 21.54 -22.40 -26.55
C SER C 412 20.44 -22.69 -25.53
N GLU C 413 20.06 -23.97 -25.43
CA GLU C 413 18.98 -24.35 -24.52
C GLU C 413 19.37 -24.14 -23.06
N GLU C 414 20.64 -24.40 -22.72
CA GLU C 414 21.08 -24.15 -21.36
C GLU C 414 21.03 -22.67 -21.01
N ALA C 415 21.46 -21.82 -21.94
CA ALA C 415 21.38 -20.38 -21.73
C ALA C 415 19.93 -19.92 -21.60
N LYS C 416 19.03 -20.48 -22.42
CA LYS C 416 17.62 -20.11 -22.32
C LYS C 416 17.03 -20.51 -20.98
N THR C 417 17.35 -21.72 -20.51
CA THR C 417 16.85 -22.16 -19.20
C THR C 417 17.41 -21.28 -18.08
N PHE C 418 18.69 -20.93 -18.17
CA PHE C 418 19.29 -20.04 -17.18
C PHE C 418 18.60 -18.68 -17.19
N VAL C 419 18.29 -18.16 -18.38
CA VAL C 419 17.62 -16.87 -18.49
C VAL C 419 16.22 -16.94 -17.87
N GLN C 420 15.50 -18.04 -18.13
CA GLN C 420 14.17 -18.19 -17.56
C GLN C 420 14.22 -18.23 -16.03
N ILE C 421 15.16 -19.01 -15.48
CA ILE C 421 15.27 -19.10 -14.03
C ILE C 421 15.67 -17.76 -13.44
N VAL C 422 16.56 -17.03 -14.13
CA VAL C 422 17.00 -15.73 -13.63
C VAL C 422 15.84 -14.74 -13.65
N CYS C 423 15.03 -14.76 -14.71
CA CYS C 423 13.86 -13.88 -14.75
C CYS C 423 12.88 -14.21 -13.63
N GLN C 424 12.63 -15.50 -13.40
CA GLN C 424 11.73 -15.90 -12.32
C GLN C 424 12.25 -15.43 -10.97
N GLN C 425 13.55 -15.58 -10.72
CA GLN C 425 14.11 -15.11 -9.47
C GLN C 425 14.04 -13.60 -9.36
N CYS C 426 14.35 -12.88 -10.45
CA CYS C 426 14.38 -11.43 -10.44
C CYS C 426 12.99 -10.81 -10.42
N GLN C 427 11.94 -11.59 -10.58
CA GLN C 427 10.59 -11.06 -10.36
C GLN C 427 10.28 -11.04 -8.86
N LYS C 428 11.22 -10.49 -8.08
CA LYS C 428 11.09 -10.30 -6.64
C LYS C 428 12.09 -9.22 -6.23
N PRO C 429 11.68 -7.96 -6.15
CA PRO C 429 12.64 -6.89 -5.87
C PRO C 429 13.32 -7.06 -4.53
N LEU C 430 14.60 -6.75 -4.48
CA LEU C 430 15.36 -6.78 -3.23
C LEU C 430 14.90 -5.63 -2.35
N ILE C 431 14.24 -5.97 -1.23
CA ILE C 431 13.61 -4.98 -0.36
C ILE C 431 14.25 -5.08 1.02
N VAL C 432 14.68 -3.94 1.55
CA VAL C 432 15.19 -3.86 2.91
C VAL C 432 14.02 -3.61 3.84
N SER C 433 13.87 -4.45 4.86
CA SER C 433 12.74 -4.39 5.77
C SER C 433 13.21 -4.03 7.16
N GLY C 434 12.51 -3.08 7.78
CA GLY C 434 12.80 -2.69 9.15
C GLY C 434 12.13 -3.61 10.16
N ALA C 435 12.69 -4.81 10.34
CA ALA C 435 12.13 -5.82 11.23
C ALA C 435 10.70 -6.20 10.83
N LYS C 436 10.48 -6.30 9.51
CA LYS C 436 9.25 -6.77 8.88
C LYS C 436 8.08 -5.80 9.06
N PHE C 437 8.24 -4.71 9.81
CA PHE C 437 7.13 -3.79 10.02
C PHE C 437 6.85 -2.95 8.78
N PHE C 438 7.89 -2.48 8.11
CA PHE C 438 7.72 -1.57 6.98
C PHE C 438 8.91 -1.71 6.03
N ASN C 439 8.71 -1.22 4.82
CA ASN C 439 9.73 -1.25 3.78
C ASN C 439 10.43 0.10 3.74
N VAL C 440 11.76 0.08 3.93
CA VAL C 440 12.54 1.32 3.95
C VAL C 440 12.71 1.79 2.51
N SER C 441 12.04 2.88 2.15
CA SER C 441 12.10 3.40 0.79
C SER C 441 11.55 4.82 0.79
N LEU C 442 11.62 5.47 -0.37
CA LEU C 442 11.06 6.80 -0.52
C LEU C 442 9.54 6.79 -0.36
N ASP C 443 8.90 5.65 -0.56
CA ASP C 443 7.48 5.54 -0.25
C ASP C 443 7.26 5.76 1.25
N LEU C 444 8.08 5.11 2.08
CA LEU C 444 7.99 5.32 3.52
C LEU C 444 8.35 6.76 3.90
N PHE C 445 9.35 7.32 3.24
CA PHE C 445 9.71 8.71 3.51
C PHE C 445 8.55 9.65 3.19
N ALA C 446 7.88 9.43 2.05
CA ALA C 446 6.73 10.24 1.68
C ALA C 446 5.58 10.04 2.65
N SER C 447 5.38 8.82 3.14
CA SER C 447 4.34 8.58 4.12
C SER C 447 4.62 9.35 5.41
N VAL C 448 5.86 9.33 5.87
CA VAL C 448 6.22 10.08 7.09
C VAL C 448 6.02 11.57 6.86
N LEU C 449 6.46 12.08 5.70
CA LEU C 449 6.29 13.49 5.39
C LEU C 449 4.82 13.88 5.37
N GLY C 450 3.99 13.06 4.74
CA GLY C 450 2.57 13.36 4.66
C GLY C 450 1.90 13.33 6.02
N ALA C 451 2.24 12.35 6.85
CA ALA C 451 1.66 12.29 8.19
C ALA C 451 2.05 13.51 9.02
N VAL C 452 3.33 13.88 8.97
CA VAL C 452 3.79 15.03 9.75
C VAL C 452 3.14 16.31 9.26
N VAL C 453 3.07 16.50 7.94
CA VAL C 453 2.48 17.71 7.38
C VAL C 453 0.99 17.77 7.70
N THR C 454 0.30 16.64 7.62
CA THR C 454 -1.12 16.61 7.95
C THR C 454 -1.36 16.95 9.42
N TYR C 455 -0.52 16.41 10.31
CA TYR C 455 -0.67 16.74 11.73
C TYR C 455 -0.42 18.22 11.98
N PHE C 456 0.62 18.78 11.34
CA PHE C 456 0.93 20.21 11.51
C PHE C 456 -0.23 21.07 11.02
N MET C 457 -0.79 20.74 9.84
CA MET C 457 -1.93 21.46 9.31
C MET C 457 -3.14 21.36 10.23
N VAL C 458 -3.40 20.17 10.76
CA VAL C 458 -4.55 19.99 11.64
C VAL C 458 -4.37 20.81 12.91
N LEU C 459 -3.15 20.84 13.45
CA LEU C 459 -2.89 21.67 14.63
C LEU C 459 -3.10 23.14 14.34
N VAL C 460 -2.63 23.61 13.17
CA VAL C 460 -2.84 25.00 12.79
C VAL C 460 -4.33 25.31 12.67
N GLN C 461 -5.09 24.43 12.02
CA GLN C 461 -6.51 24.67 11.83
C GLN C 461 -7.25 24.69 13.17
N LEU C 462 -6.92 23.76 14.07
CA LEU C 462 -7.58 23.72 15.37
C LEU C 462 -7.22 24.93 16.21
N LYS C 463 -5.96 25.37 16.15
CA LYS C 463 -5.52 26.53 16.92
C LYS C 463 -6.19 27.81 16.41
N ILE D 4 -32.47 -20.04 -13.32
CA ILE D 4 -32.93 -19.44 -14.57
C ILE D 4 -34.30 -18.82 -14.38
N ASP D 5 -34.76 -18.77 -13.13
CA ASP D 5 -36.05 -18.14 -12.84
C ASP D 5 -36.03 -16.66 -13.19
N THR D 6 -34.93 -15.97 -12.87
CA THR D 6 -34.74 -14.58 -13.23
C THR D 6 -33.69 -14.38 -14.32
N ILE D 7 -32.89 -15.41 -14.63
CA ILE D 7 -31.96 -15.30 -15.75
C ILE D 7 -32.74 -15.27 -17.07
N ASN D 8 -33.79 -16.09 -17.17
CA ASN D 8 -34.69 -15.97 -18.30
C ASN D 8 -35.32 -14.58 -18.35
N MET D 9 -35.51 -13.95 -17.19
CA MET D 9 -36.03 -12.59 -17.16
C MET D 9 -35.01 -11.61 -17.73
N PHE D 10 -33.75 -11.71 -17.30
CA PHE D 10 -32.66 -11.02 -17.98
C PHE D 10 -32.79 -11.15 -19.49
N LEU D 11 -32.90 -12.39 -19.98
CA LEU D 11 -32.91 -12.60 -21.42
C LEU D 11 -34.11 -11.94 -22.09
N GLN D 12 -35.28 -12.05 -21.46
CA GLN D 12 -36.51 -11.56 -22.08
C GLN D 12 -36.55 -10.04 -22.12
N MET D 13 -36.23 -9.37 -21.01
CA MET D 13 -36.23 -7.90 -21.05
C MET D 13 -35.00 -7.35 -21.78
N THR D 14 -33.92 -8.12 -21.89
CA THR D 14 -32.78 -7.64 -22.65
C THR D 14 -33.03 -7.76 -24.15
N GLY D 15 -33.67 -8.84 -24.58
CA GLY D 15 -33.97 -9.06 -25.98
C GLY D 15 -33.25 -10.21 -26.64
N CYS D 16 -32.50 -11.02 -25.88
CA CYS D 16 -31.81 -12.16 -26.47
C CYS D 16 -32.75 -13.27 -26.91
N THR D 17 -34.00 -13.24 -26.48
CA THR D 17 -34.99 -14.24 -26.83
C THR D 17 -35.99 -13.69 -27.84
N ASP D 18 -37.01 -14.48 -28.14
CA ASP D 18 -38.02 -14.11 -29.13
C ASP D 18 -38.95 -12.99 -28.65
N SER D 19 -38.87 -12.62 -27.37
CA SER D 19 -39.75 -11.59 -26.82
C SER D 19 -39.55 -10.26 -27.54
N LYS D 20 -40.56 -9.81 -28.28
CA LYS D 20 -40.52 -8.54 -28.99
C LYS D 20 -41.24 -7.42 -28.25
N ALA D 21 -42.49 -7.66 -27.86
CA ALA D 21 -43.24 -6.64 -27.12
C ALA D 21 -42.67 -6.44 -25.72
N MET D 22 -42.13 -7.50 -25.11
CA MET D 22 -41.50 -7.36 -23.80
C MET D 22 -40.28 -6.46 -23.86
N LEU D 23 -39.53 -6.51 -24.97
CA LEU D 23 -38.41 -5.60 -25.14
C LEU D 23 -38.88 -4.15 -25.17
N TYR D 24 -39.97 -3.87 -25.90
CA TYR D 24 -40.54 -2.54 -25.88
C TYR D 24 -41.16 -2.21 -24.53
N LEU D 25 -41.65 -3.23 -23.81
CA LEU D 25 -42.14 -3.01 -22.45
C LEU D 25 -41.02 -2.54 -21.54
N THR D 26 -39.80 -3.06 -21.74
CA THR D 26 -38.64 -2.57 -21.00
C THR D 26 -38.42 -1.08 -21.27
N TYR D 27 -38.47 -0.67 -22.54
CA TYR D 27 -38.36 0.74 -22.87
C TYR D 27 -39.57 1.51 -22.36
N PHE D 28 -40.72 0.84 -22.25
CA PHE D 28 -41.90 1.47 -21.67
C PHE D 28 -41.67 1.79 -20.19
N GLU D 29 -40.95 0.92 -19.47
CA GLU D 29 -40.57 1.22 -18.10
C GLU D 29 -39.65 2.44 -18.04
N PHE D 30 -38.81 2.62 -19.05
CA PHE D 30 -37.93 3.78 -19.10
C PHE D 30 -38.69 5.08 -19.25
N LEU D 31 -39.93 5.03 -19.75
CA LEU D 31 -40.75 6.23 -19.92
C LEU D 31 -41.58 6.53 -18.68
N ILE D 32 -42.08 5.51 -17.99
CA ILE D 32 -42.85 5.74 -16.77
C ILE D 32 -41.99 6.41 -15.71
N THR D 33 -40.76 5.90 -15.52
CA THR D 33 -39.82 6.56 -14.61
C THR D 33 -39.45 7.95 -15.11
N PHE D 34 -39.29 8.10 -16.43
CA PHE D 34 -39.00 9.42 -16.99
C PHE D 34 -40.14 10.40 -16.69
N TYR D 35 -41.38 9.92 -16.70
CA TYR D 35 -42.51 10.76 -16.31
C TYR D 35 -42.40 11.18 -14.85
N TYR D 36 -42.03 10.24 -13.97
CA TYR D 36 -41.93 10.57 -12.55
C TYR D 36 -40.73 11.46 -12.27
N LEU D 37 -39.62 11.22 -12.97
CA LEU D 37 -38.41 11.99 -12.71
C LEU D 37 -38.60 13.46 -13.06
N ILE D 38 -39.19 13.74 -14.22
CA ILE D 38 -39.39 15.13 -14.63
C ILE D 38 -40.42 15.81 -13.74
N ALA D 39 -41.47 15.08 -13.34
CA ALA D 39 -42.48 15.65 -12.45
C ALA D 39 -41.89 15.99 -11.09
N THR D 40 -41.06 15.10 -10.55
CA THR D 40 -40.43 15.37 -9.26
C THR D 40 -39.46 16.53 -9.35
N TYR D 41 -38.69 16.60 -10.45
CA TYR D 41 -37.74 17.69 -10.62
C TYR D 41 -38.43 19.05 -10.72
N ALA D 42 -39.69 19.08 -11.14
CA ALA D 42 -40.45 20.32 -11.24
C ALA D 42 -41.16 20.69 -9.94
N SER D 43 -41.07 19.85 -8.91
CA SER D 43 -41.73 20.16 -7.64
C SER D 43 -41.13 21.41 -7.01
N ILE D 44 -39.84 21.36 -6.66
CA ILE D 44 -39.21 22.50 -6.01
C ILE D 44 -39.05 23.68 -6.97
N VAL D 45 -39.04 23.43 -8.28
CA VAL D 45 -38.85 24.50 -9.24
C VAL D 45 -40.05 25.44 -9.25
N HIS D 46 -41.26 24.88 -9.32
CA HIS D 46 -42.47 25.67 -9.45
C HIS D 46 -43.43 25.49 -8.29
N PHE D 47 -43.72 24.25 -7.91
CA PHE D 47 -44.68 24.00 -6.84
C PHE D 47 -44.12 24.47 -5.50
N GLU D 48 -45.00 24.98 -4.65
CA GLU D 48 -44.64 25.39 -3.30
C GLU D 48 -44.90 24.24 -2.34
N GLN D 49 -43.91 23.92 -1.51
CA GLN D 49 -44.02 22.80 -0.58
C GLN D 49 -43.08 23.02 0.58
N SER D 50 -43.30 22.25 1.64
CA SER D 50 -42.51 22.37 2.87
C SER D 50 -41.20 21.61 2.74
N VAL D 51 -40.38 21.68 3.80
CA VAL D 51 -39.05 21.07 3.76
C VAL D 51 -39.14 19.56 3.60
N THR D 52 -40.14 18.94 4.22
CA THR D 52 -40.29 17.49 4.17
C THR D 52 -40.65 16.97 2.79
N ILE D 53 -41.01 17.85 1.85
CA ILE D 53 -41.46 17.41 0.53
C ILE D 53 -40.28 17.29 -0.43
N GLN D 54 -39.53 18.38 -0.63
CA GLN D 54 -38.44 18.34 -1.60
C GLN D 54 -37.37 17.34 -1.18
N LEU D 55 -37.06 17.29 0.12
CA LEU D 55 -36.11 16.30 0.61
C LEU D 55 -36.60 14.88 0.33
N PHE D 56 -37.89 14.63 0.59
CA PHE D 56 -38.48 13.36 0.16
C PHE D 56 -38.50 13.24 -1.34
N ALA D 57 -38.78 14.34 -2.04
CA ALA D 57 -38.70 14.35 -3.50
C ALA D 57 -37.27 14.12 -3.98
N LEU D 58 -36.29 14.71 -3.28
CA LEU D 58 -34.90 14.50 -3.64
C LEU D 58 -34.53 13.03 -3.53
N LEU D 59 -34.97 12.37 -2.46
CA LEU D 59 -34.79 10.92 -2.36
C LEU D 59 -35.54 10.19 -3.46
N CYS D 60 -36.75 10.67 -3.79
CA CYS D 60 -37.51 10.07 -4.88
C CYS D 60 -36.80 10.30 -6.22
N MET D 61 -36.34 11.52 -6.48
CA MET D 61 -35.67 11.79 -7.74
C MET D 61 -34.31 11.11 -7.81
N LEU D 62 -33.61 10.99 -6.68
CA LEU D 62 -32.35 10.25 -6.67
C LEU D 62 -32.58 8.77 -6.93
N ILE D 63 -33.64 8.20 -6.36
CA ILE D 63 -33.97 6.81 -6.62
C ILE D 63 -34.36 6.63 -8.08
N GLU D 64 -35.27 7.48 -8.58
CA GLU D 64 -35.67 7.39 -9.99
C GLU D 64 -34.52 7.73 -10.92
N CYS D 65 -33.54 8.51 -10.45
CA CYS D 65 -32.33 8.71 -11.24
C CYS D 65 -31.59 7.39 -11.44
N VAL D 66 -31.52 6.57 -10.39
CA VAL D 66 -30.94 5.24 -10.51
C VAL D 66 -31.79 4.39 -11.44
N ILE D 67 -33.12 4.50 -11.32
CA ILE D 67 -34.01 3.72 -12.17
C ILE D 67 -33.82 4.10 -13.63
N LEU D 68 -33.74 5.40 -13.91
CA LEU D 68 -33.46 5.84 -15.28
C LEU D 68 -32.05 5.45 -15.70
N LEU D 69 -31.10 5.48 -14.78
CA LEU D 69 -29.72 5.11 -15.04
C LEU D 69 -29.45 3.63 -14.84
N ASN D 70 -30.45 2.78 -15.06
CA ASN D 70 -30.22 1.34 -15.01
C ASN D 70 -30.83 0.65 -16.22
N ILE D 71 -31.89 1.20 -16.81
CA ILE D 71 -32.60 0.52 -17.88
C ILE D 71 -31.77 0.54 -19.16
N THR D 72 -31.55 1.73 -19.73
CA THR D 72 -30.66 1.83 -20.88
C THR D 72 -29.22 1.57 -20.47
N PHE D 73 -28.90 1.83 -19.20
CA PHE D 73 -27.58 1.60 -18.67
C PHE D 73 -27.20 0.11 -18.75
N ARG D 74 -28.18 -0.77 -18.57
CA ARG D 74 -27.99 -2.21 -18.78
C ARG D 74 -28.24 -2.64 -20.22
N LEU D 75 -29.15 -1.97 -20.92
CA LEU D 75 -29.44 -2.30 -22.31
C LEU D 75 -28.30 -1.92 -23.26
N TYR D 76 -27.33 -1.13 -22.79
CA TYR D 76 -26.23 -0.71 -23.66
C TYR D 76 -25.45 -1.90 -24.19
N HIS D 77 -25.09 -2.84 -23.31
CA HIS D 77 -24.28 -3.99 -23.69
C HIS D 77 -25.14 -5.19 -24.06
N LYS D 78 -26.06 -4.98 -25.01
CA LYS D 78 -26.99 -6.04 -25.40
C LYS D 78 -26.25 -7.22 -26.02
N ASN D 79 -25.40 -6.96 -27.02
CA ASN D 79 -24.68 -8.04 -27.69
C ASN D 79 -23.70 -8.72 -26.75
N HIS D 80 -23.03 -7.96 -25.89
CA HIS D 80 -22.12 -8.55 -24.92
C HIS D 80 -22.85 -9.49 -23.98
N ILE D 81 -24.01 -9.05 -23.47
CA ILE D 81 -24.79 -9.92 -22.59
C ILE D 81 -25.27 -11.15 -23.33
N ARG D 82 -25.66 -10.99 -24.60
CA ARG D 82 -26.12 -12.13 -25.38
C ARG D 82 -25.00 -13.16 -25.55
N GLU D 83 -23.80 -12.71 -25.92
CA GLU D 83 -22.68 -13.63 -26.10
C GLU D 83 -22.29 -14.29 -24.79
N MET D 84 -22.28 -13.53 -23.70
CA MET D 84 -21.91 -14.08 -22.40
C MET D 84 -22.94 -15.09 -21.91
N HIS D 85 -24.23 -14.84 -22.14
CA HIS D 85 -25.24 -15.84 -21.84
C HIS D 85 -25.08 -17.08 -22.70
N GLN D 86 -24.76 -16.89 -23.98
CA GLN D 86 -24.57 -18.04 -24.87
C GLN D 86 -23.43 -18.91 -24.39
N TYR D 87 -22.34 -18.29 -23.92
CA TYR D 87 -21.26 -19.07 -23.31
C TYR D 87 -21.75 -19.77 -22.05
N SER D 88 -22.51 -19.07 -21.21
CA SER D 88 -22.97 -19.64 -19.94
C SER D 88 -24.01 -20.74 -20.11
N ARG D 89 -24.59 -20.89 -21.31
CA ARG D 89 -25.67 -21.85 -21.50
C ARG D 89 -25.18 -23.29 -21.36
N ARG D 90 -23.90 -23.55 -21.64
CA ARG D 90 -23.42 -24.93 -21.69
C ARG D 90 -23.42 -25.57 -20.31
N LEU D 91 -22.88 -24.88 -19.31
CA LEU D 91 -22.72 -25.43 -17.97
C LEU D 91 -23.44 -24.55 -16.95
N GLY D 92 -24.07 -25.19 -15.97
CA GLY D 92 -24.83 -24.48 -14.96
C GLY D 92 -23.95 -23.80 -13.93
N ILE D 93 -24.54 -23.58 -12.75
CA ILE D 93 -23.88 -22.86 -11.67
C ILE D 93 -23.95 -23.72 -10.41
N PRO D 94 -23.07 -23.48 -9.44
CA PRO D 94 -23.08 -24.28 -8.22
C PRO D 94 -24.39 -24.17 -7.46
N ASP D 95 -24.71 -25.24 -6.73
CA ASP D 95 -25.96 -25.28 -5.97
C ASP D 95 -25.99 -24.21 -4.89
N SER D 96 -24.83 -23.86 -4.31
CA SER D 96 -24.79 -22.77 -3.35
C SER D 96 -25.18 -21.46 -4.01
N TYR D 97 -24.70 -21.22 -5.24
CA TYR D 97 -25.10 -20.02 -5.97
C TYR D 97 -26.58 -20.03 -6.30
N ARG D 98 -27.12 -21.20 -6.67
CA ARG D 98 -28.56 -21.33 -6.89
C ARG D 98 -29.33 -20.97 -5.62
N SER D 99 -28.89 -21.47 -4.48
CA SER D 99 -29.57 -21.18 -3.22
C SER D 99 -29.49 -19.69 -2.89
N VAL D 100 -28.33 -19.06 -3.12
CA VAL D 100 -28.19 -17.66 -2.75
C VAL D 100 -29.02 -16.78 -3.67
N ILE D 101 -29.10 -17.11 -4.97
CA ILE D 101 -29.94 -16.29 -5.85
C ILE D 101 -31.41 -16.50 -5.53
N ASN D 102 -31.80 -17.73 -5.16
CA ASN D 102 -33.17 -17.97 -4.73
C ASN D 102 -33.50 -17.16 -3.47
N VAL D 103 -32.59 -17.14 -2.51
CA VAL D 103 -32.81 -16.38 -1.28
C VAL D 103 -32.92 -14.89 -1.58
N ILE D 104 -32.05 -14.38 -2.46
CA ILE D 104 -32.08 -12.95 -2.79
C ILE D 104 -33.38 -12.59 -3.48
N THR D 105 -33.80 -13.39 -4.46
CA THR D 105 -35.01 -13.06 -5.20
C THR D 105 -36.26 -13.27 -4.36
N LYS D 106 -36.22 -14.13 -3.36
CA LYS D 106 -37.34 -14.26 -2.44
C LYS D 106 -37.40 -13.09 -1.47
N TYR D 107 -36.24 -12.66 -0.95
CA TYR D 107 -36.21 -11.55 0.00
C TYR D 107 -36.64 -10.25 -0.67
N HIS D 108 -36.13 -9.99 -1.87
CA HIS D 108 -36.43 -8.72 -2.53
C HIS D 108 -37.92 -8.59 -2.84
N LEU D 109 -38.55 -9.67 -3.30
CA LEU D 109 -39.98 -9.62 -3.58
C LEU D 109 -40.79 -9.43 -2.30
N ILE D 110 -40.42 -10.12 -1.22
CA ILE D 110 -41.16 -10.01 0.03
C ILE D 110 -40.92 -8.65 0.68
N ALA D 111 -39.67 -8.19 0.70
CA ALA D 111 -39.36 -6.91 1.33
C ALA D 111 -40.01 -5.75 0.59
N SER D 112 -40.23 -5.88 -0.72
CA SER D 112 -40.90 -4.83 -1.47
C SER D 112 -42.33 -4.62 -0.97
N ASN D 113 -43.05 -5.71 -0.69
CA ASN D 113 -44.43 -5.61 -0.24
C ASN D 113 -44.56 -4.98 1.13
N ILE D 114 -43.49 -4.95 1.92
CA ILE D 114 -43.55 -4.35 3.25
C ILE D 114 -43.82 -2.85 3.14
N PHE D 115 -43.11 -2.17 2.25
CA PHE D 115 -43.29 -0.73 2.10
C PHE D 115 -44.58 -0.39 1.34
N VAL D 116 -45.05 -1.30 0.48
CA VAL D 116 -46.26 -1.04 -0.29
C VAL D 116 -47.45 -0.87 0.63
N VAL D 117 -47.59 -1.77 1.62
CA VAL D 117 -48.69 -1.73 2.55
C VAL D 117 -48.26 -1.10 3.88
N PHE D 118 -47.15 -0.38 3.89
CA PHE D 118 -46.69 0.27 5.12
C PHE D 118 -47.69 1.29 5.67
N PRO D 119 -48.24 2.23 4.86
CA PRO D 119 -49.20 3.15 5.48
C PRO D 119 -50.61 2.56 5.57
N LEU D 158 -51.69 3.71 -4.74
CA LEU D 158 -51.45 3.31 -6.12
C LEU D 158 -50.83 4.47 -6.91
N VAL D 159 -51.20 5.69 -6.54
CA VAL D 159 -50.68 6.86 -7.23
C VAL D 159 -49.16 6.96 -7.05
N TYR D 160 -48.67 6.70 -5.84
CA TYR D 160 -47.24 6.70 -5.58
C TYR D 160 -46.63 5.31 -5.62
N ALA D 161 -47.46 4.27 -5.54
CA ALA D 161 -46.97 2.90 -5.54
C ALA D 161 -46.47 2.44 -6.91
N ILE D 162 -46.62 3.27 -7.95
CA ILE D 162 -46.18 2.87 -9.29
C ILE D 162 -44.67 2.63 -9.31
N SER D 163 -43.91 3.52 -8.70
CA SER D 163 -42.45 3.42 -8.72
C SER D 163 -41.89 2.54 -7.61
N VAL D 164 -42.72 2.11 -6.66
CA VAL D 164 -42.22 1.30 -5.55
C VAL D 164 -41.80 -0.08 -6.04
N TYR D 165 -42.66 -0.73 -6.84
CA TYR D 165 -42.36 -2.08 -7.30
C TYR D 165 -41.31 -2.11 -8.40
N ILE D 166 -41.25 -1.05 -9.23
CA ILE D 166 -40.28 -1.04 -10.31
C ILE D 166 -38.87 -0.80 -9.76
N ALA D 167 -38.75 -0.20 -8.59
CA ALA D 167 -37.43 0.01 -8.00
C ALA D 167 -36.84 -1.29 -7.47
N HIS D 168 -37.66 -2.11 -6.80
CA HIS D 168 -37.14 -3.29 -6.14
C HIS D 168 -36.74 -4.38 -7.12
N VAL D 169 -37.42 -4.47 -8.27
CA VAL D 169 -37.14 -5.57 -9.20
C VAL D 169 -35.73 -5.45 -9.77
N GLU D 170 -35.34 -4.25 -10.18
CA GLU D 170 -34.01 -4.08 -10.76
C GLU D 170 -32.93 -4.05 -9.68
N LEU D 171 -33.29 -3.78 -8.43
CA LEU D 171 -32.32 -3.95 -7.34
C LEU D 171 -31.93 -5.41 -7.18
N CYS D 172 -32.91 -6.33 -7.26
CA CYS D 172 -32.59 -7.75 -7.24
C CYS D 172 -32.02 -8.21 -8.58
N PHE D 173 -32.33 -7.49 -9.65
CA PHE D 173 -32.00 -7.94 -11.00
C PHE D 173 -30.50 -7.97 -11.21
N ILE D 174 -29.82 -6.86 -10.88
CA ILE D 174 -28.37 -6.78 -10.99
C ILE D 174 -27.68 -7.58 -9.90
N ASN D 175 -28.34 -7.81 -8.77
CA ASN D 175 -27.76 -8.61 -7.71
C ASN D 175 -27.87 -10.10 -7.98
N THR D 176 -28.73 -10.52 -8.90
CA THR D 176 -28.86 -11.92 -9.29
C THR D 176 -28.07 -12.25 -10.54
N THR D 177 -28.04 -11.33 -11.52
CA THR D 177 -27.26 -11.57 -12.72
C THR D 177 -25.78 -11.77 -12.40
N PHE D 178 -25.23 -10.94 -11.53
CA PHE D 178 -23.81 -11.03 -11.19
C PHE D 178 -23.49 -12.37 -10.56
N ILE D 179 -24.30 -12.81 -9.61
CA ILE D 179 -24.02 -14.08 -8.94
C ILE D 179 -24.15 -15.24 -9.91
N TYR D 180 -25.18 -15.23 -10.76
CA TYR D 180 -25.36 -16.32 -11.71
C TYR D 180 -24.17 -16.41 -12.66
N TYR D 181 -23.73 -15.28 -13.20
CA TYR D 181 -22.65 -15.30 -14.18
C TYR D 181 -21.28 -15.42 -13.56
N VAL D 182 -21.15 -15.23 -12.24
CA VAL D 182 -19.91 -15.61 -11.57
C VAL D 182 -19.92 -17.10 -11.25
N GLY D 183 -21.09 -17.64 -10.91
CA GLY D 183 -21.18 -19.07 -10.64
C GLY D 183 -20.90 -19.91 -11.86
N VAL D 184 -21.36 -19.47 -13.04
CA VAL D 184 -21.05 -20.22 -14.25
C VAL D 184 -19.55 -20.20 -14.52
N LEU D 185 -18.90 -19.07 -14.26
CA LEU D 185 -17.45 -18.99 -14.42
C LEU D 185 -16.75 -19.93 -13.46
N LYS D 186 -17.21 -19.98 -12.20
CA LYS D 186 -16.60 -20.88 -11.23
C LYS D 186 -16.79 -22.34 -11.63
N HIS D 187 -17.96 -22.69 -12.15
CA HIS D 187 -18.20 -24.06 -12.59
C HIS D 187 -17.30 -24.43 -13.77
N ARG D 188 -17.12 -23.49 -14.71
CA ARG D 188 -16.21 -23.75 -15.82
C ARG D 188 -14.78 -23.88 -15.33
N LEU D 189 -14.39 -23.10 -14.31
CA LEU D 189 -13.07 -23.24 -13.73
C LEU D 189 -12.88 -24.62 -13.10
N GLU D 190 -13.91 -25.11 -12.41
CA GLU D 190 -13.85 -26.45 -11.84
C GLU D 190 -13.72 -27.51 -12.92
N THR D 191 -14.45 -27.34 -14.02
CA THR D 191 -14.33 -28.27 -15.14
C THR D 191 -12.91 -28.24 -15.72
N ILE D 192 -12.32 -27.04 -15.83
CA ILE D 192 -10.96 -26.91 -16.33
C ILE D 192 -9.98 -27.63 -15.42
N VAL D 193 -10.14 -27.45 -14.10
CA VAL D 193 -9.26 -28.12 -13.15
C VAL D 193 -9.38 -29.63 -13.26
N GLN D 194 -10.61 -30.13 -13.40
CA GLN D 194 -10.81 -31.56 -13.57
C GLN D 194 -10.16 -32.06 -14.85
N THR D 195 -10.28 -31.30 -15.93
CA THR D 195 -9.66 -31.70 -17.20
C THR D 195 -8.14 -31.75 -17.08
N ILE D 196 -7.55 -30.76 -16.39
CA ILE D 196 -6.10 -30.76 -16.20
C ILE D 196 -5.67 -31.97 -15.36
N GLY D 197 -6.42 -32.25 -14.28
CA GLY D 197 -6.11 -33.41 -13.47
C GLY D 197 -6.20 -34.71 -14.23
N GLU D 198 -7.20 -34.82 -15.12
CA GLU D 198 -7.28 -36.00 -15.99
C GLU D 198 -6.11 -36.04 -16.96
N ALA D 199 -5.67 -34.87 -17.44
CA ALA D 199 -4.53 -34.81 -18.35
C ALA D 199 -3.25 -35.29 -17.68
N PHE D 200 -3.11 -35.03 -16.37
CA PHE D 200 -1.96 -35.57 -15.66
C PHE D 200 -2.20 -37.00 -15.22
N ALA D 201 -2.69 -37.84 -16.14
CA ALA D 201 -2.75 -39.28 -15.92
C ALA D 201 -2.39 -40.10 -17.14
N ASP D 202 -2.38 -39.53 -18.34
CA ASP D 202 -2.05 -40.24 -19.56
C ASP D 202 -1.00 -39.53 -20.41
N ASN D 203 -0.48 -38.40 -19.94
CA ASN D 203 0.46 -37.58 -20.73
C ASN D 203 -0.16 -37.19 -22.07
N ASP D 204 -1.40 -36.71 -22.03
CA ASP D 204 -2.19 -36.48 -23.23
C ASP D 204 -2.02 -35.04 -23.72
N GLU D 205 -1.25 -34.87 -24.79
CA GLU D 205 -1.07 -33.55 -25.40
C GLU D 205 -2.39 -32.97 -25.84
N GLN D 206 -3.25 -33.79 -26.46
CA GLN D 206 -4.54 -33.30 -26.92
C GLN D 206 -5.43 -32.86 -25.77
N LYS D 207 -5.45 -33.62 -24.68
CA LYS D 207 -6.24 -33.23 -23.52
C LYS D 207 -5.73 -31.94 -22.91
N PHE D 208 -4.41 -31.78 -22.82
CA PHE D 208 -3.87 -30.54 -22.27
C PHE D 208 -4.15 -29.35 -23.19
N LYS D 209 -4.10 -29.57 -24.50
CA LYS D 209 -4.46 -28.50 -25.44
C LYS D 209 -5.92 -28.11 -25.28
N TYR D 210 -6.80 -29.10 -25.08
CA TYR D 210 -8.20 -28.80 -24.83
C TYR D 210 -8.37 -27.99 -23.54
N ALA D 211 -7.64 -28.36 -22.50
CA ALA D 211 -7.71 -27.61 -21.24
C ALA D 211 -7.22 -26.18 -21.43
N ILE D 212 -6.16 -25.99 -22.22
CA ILE D 212 -5.64 -24.66 -22.47
C ILE D 212 -6.64 -23.82 -23.26
N ILE D 213 -7.29 -24.44 -24.25
CA ILE D 213 -8.33 -23.74 -25.01
C ILE D 213 -9.48 -23.33 -24.10
N GLN D 214 -9.88 -24.24 -23.20
CA GLN D 214 -10.93 -23.91 -22.24
C GLN D 214 -10.51 -22.72 -21.37
N HIS D 215 -9.26 -22.70 -20.92
CA HIS D 215 -8.79 -21.59 -20.11
C HIS D 215 -8.80 -20.29 -20.89
N GLN D 216 -8.40 -20.33 -22.16
CA GLN D 216 -8.42 -19.11 -22.97
C GLN D 216 -9.84 -18.60 -23.16
N LYS D 217 -10.79 -19.51 -23.42
CA LYS D 217 -12.19 -19.10 -23.56
C LYS D 217 -12.73 -18.52 -22.26
N LEU D 218 -12.35 -19.12 -21.12
CA LEU D 218 -12.76 -18.60 -19.83
C LEU D 218 -12.20 -17.20 -19.59
N LEU D 219 -10.94 -16.97 -19.98
CA LEU D 219 -10.36 -15.63 -19.84
C LEU D 219 -11.07 -14.62 -20.72
N SER D 220 -11.41 -15.00 -21.95
CA SER D 220 -12.15 -14.09 -22.82
C SER D 220 -13.52 -13.77 -22.24
N TYR D 221 -14.21 -14.77 -21.70
CA TYR D 221 -15.49 -14.52 -21.05
C TYR D 221 -15.34 -13.62 -19.84
N PHE D 222 -14.25 -13.78 -19.08
CA PHE D 222 -14.04 -12.91 -17.94
C PHE D 222 -13.82 -11.47 -18.38
N ASN D 223 -13.10 -11.27 -19.47
CA ASN D 223 -12.96 -9.92 -20.02
C ASN D 223 -14.30 -9.35 -20.44
N THR D 224 -15.14 -10.18 -21.08
CA THR D 224 -16.48 -9.73 -21.46
C THR D 224 -17.30 -9.36 -20.23
N MET D 225 -17.21 -10.16 -19.17
CA MET D 225 -17.93 -9.87 -17.94
C MET D 225 -17.45 -8.56 -17.32
N LYS D 226 -16.13 -8.32 -17.33
CA LYS D 226 -15.62 -7.05 -16.84
C LYS D 226 -16.17 -5.88 -17.65
N ILE D 227 -16.20 -6.04 -18.97
CA ILE D 227 -16.74 -4.97 -19.83
C ILE D 227 -18.21 -4.71 -19.48
N VAL D 228 -18.98 -5.78 -19.27
CA VAL D 228 -20.41 -5.62 -19.00
C VAL D 228 -20.64 -4.96 -17.64
N PHE D 229 -19.94 -5.44 -16.61
CA PHE D 229 -20.25 -5.05 -15.24
C PHE D 229 -19.39 -3.91 -14.71
N SER D 230 -18.50 -3.33 -15.53
CA SER D 230 -17.68 -2.22 -15.04
C SER D 230 -18.53 -1.02 -14.67
N LYS D 231 -19.54 -0.72 -15.48
CA LYS D 231 -20.33 0.49 -15.30
C LYS D 231 -21.37 0.33 -14.17
N PRO D 232 -22.19 -0.73 -14.15
CA PRO D 232 -23.17 -0.85 -13.05
C PRO D 232 -22.54 -0.94 -11.67
N ILE D 233 -21.35 -1.55 -11.57
CA ILE D 233 -20.67 -1.62 -10.27
C ILE D 233 -20.27 -0.22 -9.81
N LEU D 234 -19.75 0.59 -10.72
CA LEU D 234 -19.42 1.98 -10.38
C LEU D 234 -20.66 2.74 -9.96
N LEU D 235 -21.76 2.56 -10.68
CA LEU D 235 -23.01 3.22 -10.31
C LEU D 235 -23.44 2.83 -8.91
N SER D 236 -23.38 1.53 -8.61
CA SER D 236 -23.79 1.04 -7.29
C SER D 236 -22.88 1.57 -6.19
N MET D 237 -21.58 1.63 -6.45
CA MET D 237 -20.64 2.11 -5.43
C MET D 237 -20.85 3.60 -5.14
N SER D 238 -21.01 4.41 -6.19
CA SER D 238 -21.29 5.82 -5.97
C SER D 238 -22.63 6.03 -5.28
N PHE D 239 -23.63 5.23 -5.65
CA PHE D 239 -24.93 5.28 -5.01
C PHE D 239 -24.80 4.97 -3.52
N ASN D 240 -24.02 3.94 -3.19
CA ASN D 240 -23.77 3.59 -1.79
C ASN D 240 -23.12 4.75 -1.06
N ALA D 241 -22.11 5.37 -1.66
CA ALA D 241 -21.39 6.46 -0.98
C ALA D 241 -22.31 7.65 -0.71
N ILE D 242 -23.04 8.09 -1.74
CA ILE D 242 -23.87 9.28 -1.58
C ILE D 242 -25.02 9.01 -0.61
N TYR D 243 -25.59 7.81 -0.63
CA TYR D 243 -26.66 7.53 0.33
C TYR D 243 -26.11 7.33 1.74
N PHE D 244 -24.89 6.82 1.89
CA PHE D 244 -24.28 6.80 3.21
C PHE D 244 -24.13 8.21 3.77
N GLY D 245 -23.65 9.14 2.94
CA GLY D 245 -23.53 10.51 3.40
C GLY D 245 -24.87 11.13 3.73
N LEU D 246 -25.86 10.95 2.84
CA LEU D 246 -27.19 11.49 3.05
C LEU D 246 -27.82 10.95 4.32
N THR D 247 -27.76 9.63 4.51
CA THR D 247 -28.31 9.01 5.71
C THR D 247 -27.60 9.44 6.98
N THR D 248 -26.26 9.53 6.98
CA THR D 248 -25.58 9.94 8.21
C THR D 248 -25.90 11.39 8.56
N SER D 249 -25.98 12.29 7.58
CA SER D 249 -26.44 13.64 7.87
C SER D 249 -27.88 13.64 8.38
N PHE D 250 -28.74 12.87 7.72
CA PHE D 250 -30.15 12.81 8.11
C PHE D 250 -30.32 12.10 9.45
N VAL D 251 -29.41 11.19 9.80
CA VAL D 251 -29.50 10.49 11.07
C VAL D 251 -29.01 11.38 12.22
N ILE D 252 -27.91 12.11 12.01
CA ILE D 252 -27.46 13.03 13.06
C ILE D 252 -28.47 14.15 13.24
N GLN D 253 -29.09 14.61 12.17
CA GLN D 253 -30.21 15.56 12.27
C GLN D 253 -31.55 14.85 12.27
N ALA D 254 -31.74 13.86 13.14
CA ALA D 254 -32.98 13.10 13.21
C ALA D 254 -33.67 13.21 14.56
N ILE D 255 -32.95 12.93 15.66
CA ILE D 255 -33.54 12.89 16.98
C ILE D 255 -34.15 14.24 17.38
N ARG D 256 -33.70 15.32 16.73
CA ARG D 256 -34.25 16.64 17.02
C ARG D 256 -35.74 16.72 16.69
N GLY D 257 -36.25 15.81 15.88
CA GLY D 257 -37.67 15.73 15.61
C GLY D 257 -38.15 16.36 14.32
N TYR D 258 -37.24 16.78 13.44
CA TYR D 258 -37.65 17.35 12.16
C TYR D 258 -38.20 16.31 11.20
N ILE D 259 -38.09 15.03 11.53
CA ILE D 259 -38.36 13.96 10.55
C ILE D 259 -39.47 13.05 11.04
N ASN D 260 -40.41 13.57 11.81
CA ASN D 260 -41.52 12.76 12.29
C ASN D 260 -42.39 12.34 11.11
N GLN D 261 -42.49 11.02 10.89
CA GLN D 261 -43.21 10.44 9.75
C GLN D 261 -42.73 11.06 8.44
N ALA D 262 -41.46 10.78 8.14
CA ALA D 262 -40.75 11.49 7.09
C ALA D 262 -39.74 10.53 6.46
N ILE D 263 -38.72 11.09 5.82
CA ILE D 263 -37.80 10.39 4.93
C ILE D 263 -37.13 9.16 5.58
N LEU D 264 -37.29 8.96 6.88
CA LEU D 264 -36.62 7.86 7.56
C LEU D 264 -36.90 6.51 6.88
N SER D 265 -38.11 6.32 6.37
CA SER D 265 -38.41 5.08 5.66
C SER D 265 -37.52 4.92 4.43
N ILE D 266 -37.34 6.01 3.67
CA ILE D 266 -36.46 5.96 2.50
C ILE D 266 -35.02 5.73 2.93
N CYS D 267 -34.55 6.48 3.93
CA CYS D 267 -33.17 6.34 4.40
C CYS D 267 -32.90 4.98 5.01
N ILE D 268 -33.94 4.23 5.35
CA ILE D 268 -33.77 2.86 5.81
C ILE D 268 -33.75 1.92 4.61
N ALA D 269 -34.80 1.97 3.78
CA ALA D 269 -34.97 0.99 2.72
C ALA D 269 -33.89 1.11 1.65
N SER D 270 -33.67 2.33 1.14
CA SER D 270 -32.67 2.52 0.09
C SER D 270 -31.27 2.23 0.60
N SER D 271 -30.97 2.61 1.85
CA SER D 271 -29.67 2.31 2.43
C SER D 271 -29.47 0.81 2.56
N ALA D 272 -30.50 0.08 2.99
CA ALA D 272 -30.39 -1.37 3.09
C ALA D 272 -30.17 -2.01 1.72
N ALA D 273 -30.89 -1.53 0.70
CA ALA D 273 -30.71 -2.05 -0.65
C ALA D 273 -29.30 -1.78 -1.16
N ALA D 274 -28.80 -0.56 -0.93
CA ALA D 274 -27.44 -0.22 -1.34
C ALA D 274 -26.42 -1.10 -0.63
N VAL D 275 -26.60 -1.31 0.68
CA VAL D 275 -25.68 -2.12 1.46
C VAL D 275 -25.66 -3.55 0.94
N ILE D 276 -26.84 -4.13 0.70
CA ILE D 276 -26.89 -5.52 0.28
C ILE D 276 -26.30 -5.69 -1.12
N ASN D 277 -26.58 -4.75 -2.04
CA ASN D 277 -26.05 -4.91 -3.38
C ASN D 277 -24.53 -4.72 -3.41
N ILE D 278 -24.01 -3.74 -2.66
CA ILE D 278 -22.57 -3.53 -2.65
C ILE D 278 -21.88 -4.71 -1.97
N THR D 279 -22.50 -5.28 -0.93
CA THR D 279 -21.92 -6.44 -0.27
C THR D 279 -21.86 -7.63 -1.22
N ILE D 280 -22.95 -7.88 -1.95
CA ILE D 280 -22.97 -8.98 -2.92
C ILE D 280 -21.90 -8.78 -3.98
N TYR D 281 -21.82 -7.55 -4.52
CA TYR D 281 -20.84 -7.27 -5.57
C TYR D 281 -19.42 -7.49 -5.07
N THR D 282 -19.10 -6.96 -3.89
CA THR D 282 -17.75 -7.10 -3.35
C THR D 282 -17.42 -8.56 -3.07
N PHE D 283 -18.36 -9.29 -2.46
CA PHE D 283 -18.10 -10.68 -2.11
C PHE D 283 -17.86 -11.54 -3.34
N TYR D 284 -18.71 -11.37 -4.36
CA TYR D 284 -18.56 -12.19 -5.55
C TYR D 284 -17.54 -11.66 -6.53
N GLY D 285 -16.99 -10.46 -6.29
CA GLY D 285 -15.82 -10.03 -7.02
C GLY D 285 -14.55 -10.49 -6.36
N SER D 286 -14.62 -10.73 -5.05
CA SER D 286 -13.49 -11.30 -4.32
C SER D 286 -13.42 -12.81 -4.42
N GLU D 287 -14.55 -13.48 -4.67
CA GLU D 287 -14.52 -14.91 -4.94
C GLU D 287 -13.73 -15.24 -6.20
N LEU D 288 -13.65 -14.29 -7.14
CA LEU D 288 -12.89 -14.49 -8.37
C LEU D 288 -11.39 -14.37 -8.17
N MET D 289 -10.94 -13.88 -7.01
CA MET D 289 -9.51 -13.77 -6.74
C MET D 289 -8.87 -15.10 -6.35
N ASP D 290 -9.68 -16.12 -6.07
CA ASP D 290 -9.17 -17.42 -5.68
C ASP D 290 -9.40 -18.49 -6.75
N LEU D 291 -9.84 -18.09 -7.94
CA LEU D 291 -10.09 -19.07 -8.99
C LEU D 291 -8.79 -19.59 -9.59
N HIS D 292 -7.81 -18.71 -9.77
CA HIS D 292 -6.54 -19.12 -10.38
C HIS D 292 -5.66 -19.92 -9.45
N ASP D 293 -5.87 -19.80 -8.13
CA ASP D 293 -5.07 -20.57 -7.19
C ASP D 293 -5.32 -22.06 -7.33
N LYS D 294 -6.54 -22.46 -7.66
CA LYS D 294 -6.83 -23.87 -7.87
C LYS D 294 -6.00 -24.45 -9.01
N ILE D 295 -5.92 -23.72 -10.13
CA ILE D 295 -5.09 -24.17 -11.25
C ILE D 295 -3.62 -24.15 -10.87
N LEU D 296 -3.19 -23.09 -10.17
CA LEU D 296 -1.79 -22.98 -9.78
C LEU D 296 -1.36 -24.13 -8.88
N HIS D 297 -2.26 -24.61 -8.03
CA HIS D 297 -1.95 -25.72 -7.14
C HIS D 297 -2.17 -27.08 -7.76
N VAL D 298 -3.05 -27.19 -8.76
CA VAL D 298 -3.26 -28.48 -9.41
C VAL D 298 -2.24 -28.73 -10.51
N LEU D 299 -1.56 -27.69 -11.00
CA LEU D 299 -0.53 -27.91 -12.02
C LEU D 299 0.73 -28.52 -11.42
N PHE D 300 1.01 -28.25 -10.15
CA PHE D 300 2.21 -28.76 -9.49
C PHE D 300 1.99 -30.24 -9.16
N ASP D 301 2.34 -31.10 -10.11
CA ASP D 301 2.12 -32.53 -9.98
C ASP D 301 3.39 -33.29 -10.30
N ASN D 302 3.59 -34.41 -9.59
CA ASN D 302 4.77 -35.23 -9.81
C ASN D 302 4.81 -35.78 -11.23
N ALA D 303 3.64 -35.98 -11.86
CA ALA D 303 3.60 -36.45 -13.24
C ALA D 303 4.30 -35.48 -14.17
N PHE D 304 4.47 -34.22 -13.77
CA PHE D 304 5.20 -33.24 -14.56
C PHE D 304 6.63 -33.69 -14.83
N PHE D 305 7.16 -34.63 -14.06
CA PHE D 305 8.52 -35.12 -14.24
C PHE D 305 8.57 -36.38 -15.09
N TYR D 306 7.46 -36.78 -15.73
CA TYR D 306 7.45 -37.93 -16.62
C TYR D 306 7.00 -37.60 -18.03
N VAL D 307 6.69 -36.35 -18.32
CA VAL D 307 6.19 -35.95 -19.64
C VAL D 307 7.33 -35.71 -20.60
N SER D 308 7.01 -35.51 -21.89
CA SER D 308 7.97 -35.58 -22.99
C SER D 308 8.43 -34.22 -23.49
N LYS D 309 8.64 -33.25 -22.58
CA LYS D 309 9.37 -32.02 -22.87
C LYS D 309 8.57 -31.04 -23.73
N SER D 310 7.43 -31.48 -24.25
CA SER D 310 6.48 -30.56 -24.86
C SER D 310 5.31 -30.25 -23.92
N PHE D 311 4.93 -31.22 -23.11
CA PHE D 311 3.99 -30.99 -22.02
C PHE D 311 4.56 -30.00 -21.00
N LYS D 312 5.87 -30.09 -20.73
CA LYS D 312 6.48 -29.27 -19.69
C LYS D 312 6.40 -27.78 -20.03
N SER D 313 6.65 -27.43 -21.29
CA SER D 313 6.61 -26.02 -21.68
C SER D 313 5.21 -25.45 -21.49
N SER D 314 4.18 -26.20 -21.90
CA SER D 314 2.81 -25.75 -21.71
C SER D 314 2.48 -25.61 -20.23
N ILE D 315 2.93 -26.58 -19.41
CA ILE D 315 2.67 -26.50 -17.98
C ILE D 315 3.28 -25.23 -17.40
N LEU D 316 4.54 -24.95 -17.76
CA LEU D 316 5.22 -23.78 -17.21
C LEU D 316 4.57 -22.49 -17.70
N ILE D 317 4.16 -22.44 -18.97
CA ILE D 317 3.54 -21.23 -19.50
C ILE D 317 2.22 -20.95 -18.81
N MET D 318 1.38 -21.98 -18.63
CA MET D 318 0.11 -21.73 -17.96
C MET D 318 0.30 -21.47 -16.48
N MET D 319 1.32 -22.05 -15.85
CA MET D 319 1.62 -21.68 -14.47
C MET D 319 2.00 -20.20 -14.37
N THR D 320 2.81 -19.73 -15.32
CA THR D 320 3.17 -18.31 -15.34
C THR D 320 1.93 -17.44 -15.53
N ARG D 321 1.03 -17.86 -16.41
CA ARG D 321 -0.18 -17.08 -16.64
C ARG D 321 -1.08 -17.04 -15.40
N VAL D 322 -1.30 -18.20 -14.76
CA VAL D 322 -2.22 -18.27 -13.64
C VAL D 322 -1.61 -17.88 -12.31
N THR D 323 -0.31 -17.56 -12.28
CA THR D 323 0.28 -17.04 -11.05
C THR D 323 -0.45 -15.77 -10.59
N ILE D 324 -0.80 -14.89 -11.54
CA ILE D 324 -1.52 -13.67 -11.23
C ILE D 324 -3.00 -14.01 -11.10
N PRO D 325 -3.65 -13.69 -9.99
CA PRO D 325 -5.06 -14.04 -9.82
C PRO D 325 -5.97 -13.17 -10.68
N LEU D 326 -7.18 -13.67 -10.89
CA LEU D 326 -8.19 -12.93 -11.66
C LEU D 326 -8.62 -11.70 -10.89
N LYS D 327 -8.17 -10.53 -11.34
CA LYS D 327 -8.48 -9.27 -10.68
C LYS D 327 -9.66 -8.59 -11.39
N PHE D 328 -10.64 -8.17 -10.60
CA PHE D 328 -11.83 -7.49 -11.12
C PHE D 328 -11.59 -5.99 -10.98
N THR D 329 -10.96 -5.40 -11.99
CA THR D 329 -10.59 -3.99 -11.97
C THR D 329 -11.57 -3.19 -12.81
N VAL D 330 -12.20 -2.19 -12.20
CA VAL D 330 -13.18 -1.33 -12.86
C VAL D 330 -12.86 0.12 -12.51
N GLY D 331 -13.09 1.01 -13.47
CA GLY D 331 -12.84 2.43 -13.26
C GLY D 331 -11.37 2.80 -13.20
N TYR D 332 -10.47 1.88 -13.58
CA TYR D 332 -9.03 2.09 -13.61
C TYR D 332 -8.45 2.23 -12.21
N ILE D 333 -9.29 2.28 -11.18
CA ILE D 333 -8.82 2.44 -9.81
C ILE D 333 -9.46 1.48 -8.83
N PHE D 334 -10.59 0.86 -9.14
CA PHE D 334 -11.35 0.09 -8.15
C PHE D 334 -11.14 -1.41 -8.37
N THR D 335 -10.76 -2.11 -7.30
CA THR D 335 -10.65 -3.56 -7.31
C THR D 335 -11.79 -4.10 -6.46
N ILE D 336 -12.80 -4.67 -7.12
CA ILE D 336 -14.04 -5.07 -6.45
C ILE D 336 -13.74 -6.30 -5.60
N ASN D 337 -13.69 -6.13 -4.29
CA ASN D 337 -13.43 -7.24 -3.38
C ASN D 337 -13.77 -6.80 -1.96
N LEU D 338 -13.66 -7.75 -1.03
CA LEU D 338 -13.89 -7.45 0.38
C LEU D 338 -12.92 -6.42 0.92
N ASN D 339 -11.72 -6.31 0.34
CA ASN D 339 -10.82 -5.24 0.75
C ASN D 339 -11.40 -3.87 0.39
N LEU D 340 -12.01 -3.75 -0.79
CA LEU D 340 -12.70 -2.51 -1.15
C LEU D 340 -13.88 -2.25 -0.22
N LEU D 341 -14.64 -3.31 0.10
CA LEU D 341 -15.74 -3.14 1.04
C LEU D 341 -15.25 -2.66 2.39
N LEU D 342 -14.14 -3.21 2.86
CA LEU D 342 -13.55 -2.78 4.12
C LEU D 342 -13.06 -1.34 4.05
N LYS D 343 -12.51 -0.93 2.90
CA LYS D 343 -12.11 0.46 2.73
C LYS D 343 -13.30 1.40 2.81
N ILE D 344 -14.41 1.02 2.18
CA ILE D 344 -15.62 1.84 2.26
C ILE D 344 -16.12 1.91 3.70
N LEU D 345 -16.11 0.76 4.40
CA LEU D 345 -16.55 0.73 5.79
C LEU D 345 -15.64 1.59 6.66
N LYS D 346 -14.33 1.57 6.41
CA LYS D 346 -13.41 2.40 7.17
C LYS D 346 -13.66 3.88 6.93
N MET D 347 -13.92 4.25 5.67
CA MET D 347 -14.24 5.64 5.37
C MET D 347 -15.51 6.08 6.11
N SER D 348 -16.54 5.23 6.09
CA SER D 348 -17.78 5.55 6.80
C SER D 348 -17.55 5.66 8.29
N TYR D 349 -16.76 4.75 8.86
CA TYR D 349 -16.48 4.78 10.29
C TYR D 349 -15.71 6.03 10.68
N THR D 350 -14.73 6.42 9.86
CA THR D 350 -13.99 7.65 10.13
C THR D 350 -14.91 8.87 10.06
N VAL D 351 -15.81 8.90 9.08
CA VAL D 351 -16.74 10.00 8.97
C VAL D 351 -17.63 10.09 10.21
N LEU D 352 -18.15 8.92 10.64
CA LEU D 352 -18.99 8.90 11.83
C LEU D 352 -18.23 9.34 13.07
N ASN D 353 -16.99 8.88 13.23
CA ASN D 353 -16.18 9.27 14.38
C ASN D 353 -15.90 10.76 14.38
N VAL D 354 -15.56 11.32 13.21
CA VAL D 354 -15.28 12.76 13.13
C VAL D 354 -16.54 13.56 13.46
N LEU D 355 -17.68 13.14 12.91
CA LEU D 355 -18.93 13.86 13.19
C LEU D 355 -19.29 13.80 14.67
N LEU D 356 -19.15 12.62 15.29
CA LEU D 356 -19.47 12.48 16.70
C LEU D 356 -18.52 13.32 17.57
N SER D 357 -17.23 13.32 17.23
CA SER D 357 -16.26 14.12 17.98
C SER D 357 -16.57 15.61 17.85
N SER D 358 -16.93 16.06 16.65
CA SER D 358 -17.28 17.46 16.46
C SER D 358 -18.54 17.83 17.23
N GLU D 359 -19.54 16.94 17.23
CA GLU D 359 -20.77 17.21 17.96
C GLU D 359 -20.52 17.26 19.46
N THR D 360 -19.69 16.35 19.98
CA THR D 360 -19.39 16.32 21.40
C THR D 360 -17.90 16.59 21.65
O12 PC1 E . -5.73 30.87 9.04
P PC1 E . -6.90 30.25 8.35
O14 PC1 E . -7.21 28.79 8.40
O13 PC1 E . -8.29 31.00 8.83
C11 PC1 E . -8.24 32.35 9.25
C12 PC1 E . -9.19 33.06 8.30
N PC1 E . -9.82 34.32 8.84
C13 PC1 E . -10.54 35.06 7.79
C14 PC1 E . -8.72 35.18 9.39
C15 PC1 E . -10.76 34.00 9.96
O11 PC1 E . -6.80 30.77 6.79
C1 PC1 E . -5.65 31.46 6.36
C2 PC1 E . -4.74 30.50 5.61
O21 PC1 E . -4.19 31.10 4.44
C21 PC1 E . -3.08 31.84 4.53
O22 PC1 E . -2.65 32.26 5.58
C22 PC1 E . -2.47 32.08 3.19
C23 PC1 E . -1.39 31.07 2.81
C24 PC1 E . -0.19 31.15 3.75
C25 PC1 E . 1.14 31.01 3.04
C26 PC1 E . 1.40 29.60 2.52
C27 PC1 E . 2.81 29.42 1.95
C28 PC1 E . 3.17 27.96 1.70
C29 PC1 E . 4.65 27.66 1.90
C2A PC1 E . 5.04 26.25 1.47
C2B PC1 E . 6.16 25.64 2.31
C2C PC1 E . 6.40 24.17 1.98
C2D PC1 E . 5.12 23.36 1.94
C2E PC1 E . 5.31 21.95 1.39
C2F PC1 E . 3.99 21.29 0.99
C2G PC1 E . 4.14 19.87 0.46
C2H PC1 E . 4.24 18.82 1.56
C2I PC1 E . 3.81 17.44 1.09
C3 PC1 E . -5.47 29.26 5.14
O31 PC1 E . -5.38 28.30 6.18
C31 PC1 E . -5.02 27.05 5.85
O32 PC1 E . -5.77 26.12 5.87
C32 PC1 E . -3.56 27.00 5.45
C33 PC1 E . -3.26 25.90 4.45
C34 PC1 E . -1.81 25.96 3.97
C35 PC1 E . -0.80 25.49 5.02
C36 PC1 E . 0.09 24.37 4.51
C37 PC1 E . -0.68 23.22 3.89
C38 PC1 E . 0.16 21.97 3.67
C39 PC1 E . -0.27 21.13 2.49
C3A PC1 E . -0.85 19.77 2.89
C3B PC1 E . -2.13 19.86 3.72
C3C PC1 E . -2.91 18.55 3.76
C3D PC1 E . -3.64 18.23 2.47
C3E PC1 E . -4.99 18.93 2.36
C3F PC1 E . -5.50 19.06 0.93
C3G PC1 E . -5.43 17.75 0.15
C3H PC1 E . -4.49 17.82 -1.06
C3I PC1 E . -3.72 16.53 -1.27
O12 PC1 F . -7.43 35.33 -9.81
P PC1 F . -8.69 35.64 -10.55
O14 PC1 F . -9.95 36.05 -9.89
O13 PC1 F . -8.41 36.83 -11.64
C11 PC1 F . -9.17 38.01 -11.54
C12 PC1 F . -8.20 39.06 -11.02
N PC1 F . -8.83 40.30 -10.45
C13 PC1 F . -9.87 40.85 -11.37
C14 PC1 F . -9.48 39.94 -9.16
C15 PC1 F . -7.81 41.35 -10.20
O11 PC1 F . -8.93 34.34 -11.53
C1 PC1 F . -9.97 34.36 -12.49
C2 PC1 F . -9.85 33.16 -13.40
O21 PC1 F . -11.03 32.96 -14.20
C21 PC1 F . -12.16 32.46 -13.67
O22 PC1 F . -12.63 32.78 -12.61
C22 PC1 F . -12.78 31.45 -14.59
C23 PC1 F . -14.15 31.84 -15.10
C24 PC1 F . -14.88 30.68 -15.76
C25 PC1 F . -15.00 29.47 -14.85
C26 PC1 F . -16.01 28.45 -15.37
C27 PC1 F . -16.07 27.17 -14.55
C28 PC1 F . -17.20 26.25 -14.98
C29 PC1 F . -18.58 26.74 -14.57
C2A PC1 F . -18.84 26.59 -13.07
C2B PC1 F . -18.71 25.15 -12.57
C2C PC1 F . -19.84 24.25 -13.04
C2D PC1 F . -19.52 22.76 -12.89
C2E PC1 F . -18.97 22.41 -11.52
C2F PC1 F . -20.00 22.45 -10.41
C2G PC1 F . -19.39 22.66 -9.02
C2H PC1 F . -18.22 21.73 -8.74
C2I PC1 F . -17.47 22.10 -7.46
C3 PC1 F . -9.60 31.88 -12.64
O31 PC1 F . -9.68 30.79 -13.56
C31 PC1 F . -8.57 30.32 -14.10
O32 PC1 F . -7.54 30.95 -14.15
C32 PC1 F . -8.76 28.93 -14.65
C33 PC1 F . -9.88 28.81 -15.66
C34 PC1 F . -9.93 27.42 -16.27
C35 PC1 F . -11.21 27.15 -17.07
C36 PC1 F . -11.04 26.00 -18.06
C37 PC1 F . -10.73 24.66 -17.41
C38 PC1 F . -10.89 23.50 -18.38
C39 PC1 F . -10.76 22.13 -17.73
C3A PC1 F . -11.40 21.02 -18.57
C3B PC1 F . -10.90 20.99 -20.01
C3C PC1 F . -11.75 20.10 -20.91
C3D PC1 F . -11.48 18.61 -20.75
C3E PC1 F . -12.58 17.74 -21.35
C3F PC1 F . -12.92 18.09 -22.79
C3G PC1 F . -11.94 17.47 -23.79
C3H PC1 F . -12.36 16.08 -24.25
C3I PC1 F . -13.64 16.09 -25.06
O12 PC1 G . -11.89 -4.00 34.13
P PC1 G . -11.23 -2.93 34.93
O14 PC1 G . -11.68 -1.51 34.91
O13 PC1 G . -11.26 -3.34 36.52
C11 PC1 G . -11.93 -2.49 37.42
C12 PC1 G . -13.01 -3.35 38.05
N PC1 G . -13.99 -2.61 38.91
C13 PC1 G . -13.32 -1.87 40.00
C14 PC1 G . -14.70 -1.62 38.03
C15 PC1 G . -15.02 -3.53 39.48
O11 PC1 G . -9.63 -3.02 34.58
C1 PC1 G . -8.78 -3.87 35.32
C2 PC1 G . -8.27 -4.99 34.42
O21 PC1 G . -7.00 -5.54 34.82
C21 PC1 G . -6.14 -4.88 35.60
O22 PC1 G . -6.23 -4.82 36.80
C22 PC1 G . -5.02 -4.28 34.80
C23 PC1 G . -4.16 -3.28 35.57
C24 PC1 G . -2.77 -3.15 34.96
C25 PC1 G . -1.81 -4.25 35.41
C26 PC1 G . -0.61 -3.70 36.18
C27 PC1 G . -0.03 -4.68 37.19
C28 PC1 G . -0.33 -4.30 38.63
C29 PC1 G . -1.76 -4.61 39.07
C2A PC1 G . -2.09 -4.11 40.47
C2B PC1 G . -2.11 -2.59 40.57
C2C PC1 G . -2.18 -2.10 42.02
C2D PC1 G . -2.02 -0.59 42.16
C2E PC1 G . -3.25 0.20 41.74
C2F PC1 G . -3.46 1.48 42.54
C2G PC1 G . -2.18 2.26 42.79
C2H PC1 G . -2.25 3.18 43.99
C2I PC1 G . -3.43 4.15 43.91
C3 PC1 G . -8.11 -4.53 32.98
O31 PC1 G . -6.93 -5.14 32.46
C31 PC1 G . -7.04 -6.30 31.81
O32 PC1 G . -8.02 -7.00 31.86
C32 PC1 G . -5.82 -6.60 31.01
C33 PC1 G . -4.63 -7.09 31.83
C34 PC1 G . -3.35 -7.09 31.01
C35 PC1 G . -2.20 -7.82 31.68
C36 PC1 G . -0.88 -7.61 30.96
C37 PC1 G . -0.90 -7.99 29.48
C38 PC1 G . 0.48 -7.92 28.85
C39 PC1 G . 0.53 -8.34 27.39
C3A PC1 G . 1.94 -8.72 26.95
C3B PC1 G . 2.48 -9.95 27.67
C3C PC1 G . 4.00 -10.09 27.59
C3D PC1 G . 4.53 -10.23 26.17
C3E PC1 G . 5.99 -10.70 26.14
C3F PC1 G . 6.22 -12.00 26.90
C3G PC1 G . 7.62 -12.56 26.70
C3H PC1 G . 7.92 -12.94 25.26
C3I PC1 G . 9.27 -13.62 25.09
O12 PC1 H . -17.40 -18.88 7.18
P PC1 H . -18.16 -20.17 7.23
O14 PC1 H . -18.44 -21.01 6.03
O13 PC1 H . -17.44 -21.20 8.30
C11 PC1 H . -17.27 -20.79 9.63
C12 PC1 H . -16.27 -21.76 10.23
N PC1 H . -16.85 -22.94 10.95
C13 PC1 H . -17.39 -23.95 10.00
C14 PC1 H . -15.75 -23.57 11.73
C15 PC1 H . -17.92 -22.53 11.90
O11 PC1 H . -19.54 -19.82 8.03
C1 PC1 H . -19.95 -18.48 8.17
C2 PC1 H . -20.64 -18.30 9.51
O21 PC1 H . -21.68 -17.31 9.46
C21 PC1 H . -21.40 -16.01 9.48
O22 PC1 H . -20.70 -15.46 8.68
C22 PC1 H . -22.11 -15.31 10.61
C23 PC1 H . -23.62 -15.17 10.43
C24 PC1 H . -24.24 -14.45 11.62
C25 PC1 H . -23.58 -13.12 11.93
C26 PC1 H . -24.08 -12.50 13.24
C27 PC1 H . -24.92 -11.25 13.05
C28 PC1 H . -24.16 -9.95 13.33
C29 PC1 H . -23.25 -9.51 12.19
C2A PC1 H . -22.46 -8.26 12.52
C2B PC1 H . -23.32 -7.04 12.83
C2C PC1 H . -22.54 -5.73 12.84
C2D PC1 H . -21.85 -5.42 11.52
C2E PC1 H . -21.19 -4.06 11.50
C2F PC1 H . -20.48 -3.75 10.18
C2G PC1 H . -19.95 -2.33 10.08
C2H PC1 H . -21.05 -1.27 10.04
C2I PC1 H . -20.51 0.15 9.89
C3 PC1 H . -19.67 -17.89 10.59
O31 PC1 H . -20.38 -17.88 11.83
C31 PC1 H . -20.49 -19.02 12.50
O32 PC1 H . -19.99 -20.06 12.15
C32 PC1 H . -21.32 -18.84 13.75
C33 PC1 H . -20.92 -17.63 14.57
C34 PC1 H . -22.11 -17.06 15.32
C35 PC1 H . -21.75 -15.92 16.26
C36 PC1 H . -20.76 -14.94 15.63
C37 PC1 H . -21.33 -13.54 15.45
C38 PC1 H . -21.95 -12.99 16.73
C39 PC1 H . -22.60 -11.62 16.57
C3A PC1 H . -21.63 -10.47 16.76
C3B PC1 H . -21.01 -9.96 15.47
C3C PC1 H . -20.14 -8.72 15.69
C3D PC1 H . -20.84 -7.63 16.48
C3E PC1 H . -20.10 -7.25 17.76
C3F PC1 H . -20.87 -6.26 18.63
C3G PC1 H . -21.19 -4.96 17.92
C3H PC1 H . -19.97 -4.20 17.41
C3I PC1 H . -19.02 -3.82 18.54
O12 PC1 I . 18.94 22.37 21.10
P PC1 I . 19.17 23.66 20.38
O14 PC1 I . 18.18 24.77 20.33
O13 PC1 I . 20.57 24.36 20.93
C11 PC1 I . 20.49 25.55 21.67
C12 PC1 I . 19.84 25.17 22.99
N PC1 I . 19.62 26.30 23.95
C13 PC1 I . 20.91 26.94 24.33
C14 PC1 I . 18.76 27.31 23.27
C15 PC1 I . 18.92 25.83 25.18
O11 PC1 I . 19.61 23.22 18.86
C1 PC1 I . 20.38 24.11 18.07
C2 PC1 I . 20.72 23.43 16.74
O21 PC1 I . 21.10 24.39 15.73
C21 PC1 I . 20.20 25.13 15.09
O22 PC1 I . 19.27 25.70 15.61
C22 PC1 I . 20.50 25.18 13.62
C23 PC1 I . 19.47 25.94 12.80
C24 PC1 I . 20.02 26.36 11.44
C25 PC1 I . 18.95 26.79 10.46
C26 PC1 I . 19.50 27.56 9.27
C27 PC1 I . 18.50 27.73 8.14
C28 PC1 I . 17.17 28.31 8.58
C29 PC1 I . 16.15 28.46 7.45
C2A PC1 I . 15.90 27.15 6.71
C2B PC1 I . 14.71 27.20 5.77
C2C PC1 I . 13.45 27.77 6.42
C2D PC1 I . 12.15 27.17 5.85
C2E PC1 I . 12.09 27.23 4.33
C2F PC1 I . 10.97 26.36 3.75
C2G PC1 I . 11.09 24.88 4.13
C2H PC1 I . 12.35 24.22 3.60
C2I PC1 I . 12.43 24.18 2.08
C3 PC1 I . 19.57 22.61 16.21
O31 PC1 I . 19.89 22.19 14.89
C31 PC1 I . 20.43 20.99 14.70
O32 PC1 I . 20.83 20.31 15.60
C32 PC1 I . 20.46 20.62 13.25
C33 PC1 I . 21.41 21.46 12.41
C34 PC1 I . 20.97 21.51 10.95
C35 PC1 I . 22.02 21.00 9.98
C36 PC1 I . 21.97 19.50 9.77
C37 PC1 I . 20.89 19.05 8.77
C38 PC1 I . 21.21 19.43 7.34
C39 PC1 I . 20.23 18.89 6.32
C3A PC1 I . 20.60 19.27 4.89
C3B PC1 I . 21.85 18.58 4.38
C3C PC1 I . 22.47 19.29 3.17
C3D PC1 I . 23.67 18.57 2.57
C3E PC1 I . 23.27 17.39 1.70
C3F PC1 I . 22.46 17.79 0.47
C3G PC1 I . 23.27 17.80 -0.81
C3H PC1 I . 23.58 16.42 -1.35
C3I PC1 I . 24.21 16.45 -2.75
O12 PC1 J . -16.14 1.01 -17.90
P PC1 J . -14.80 1.42 -17.43
O14 PC1 J . -14.26 1.10 -16.06
O13 PC1 J . -13.65 0.86 -18.47
C11 PC1 J . -12.72 -0.09 -18.02
C12 PC1 J . -12.45 -0.97 -19.22
N PC1 J . -11.16 -0.73 -19.95
C13 PC1 J . -10.94 -1.76 -21.00
C14 PC1 J . -11.24 0.60 -20.61
C15 PC1 J . -10.01 -0.74 -19.00
O11 PC1 J . -14.72 3.04 -17.70
C1 PC1 J . -14.23 3.89 -16.69
C2 PC1 J . -15.32 4.87 -16.27
O21 PC1 J . -15.10 5.32 -14.93
C21 PC1 J . -15.10 6.64 -14.68
O22 PC1 J . -15.30 7.47 -15.53
C22 PC1 J . -14.82 6.92 -13.24
C23 PC1 J . -16.07 7.09 -12.39
C24 PC1 J . -15.96 8.31 -11.47
C25 PC1 J . -17.27 8.66 -10.79
C26 PC1 J . -17.71 7.62 -9.77
C27 PC1 J . -16.81 7.56 -8.54
C28 PC1 J . -17.46 6.83 -7.37
C29 PC1 J . -16.67 6.90 -6.08
C2A PC1 J . -17.54 6.59 -4.85
C2B PC1 J . -16.77 6.63 -3.53
C2C PC1 J . -15.86 5.43 -3.31
C2D PC1 J . -15.21 5.42 -1.94
C2E PC1 J . -14.17 4.32 -1.78
C2F PC1 J . -13.10 4.34 -2.86
C2G PC1 J . -11.94 3.37 -2.58
C2H PC1 J . -10.88 3.39 -3.67
C2I PC1 J . -10.36 4.79 -3.96
C3 PC1 J . -16.69 4.25 -16.29
O31 PC1 J . -17.63 5.32 -16.19
C31 PC1 J . -18.90 5.05 -16.44
O32 PC1 J . -19.32 3.96 -16.71
C32 PC1 J . -19.75 6.29 -16.35
C33 PC1 J . -20.93 6.16 -15.40
C34 PC1 J . -20.48 5.72 -14.01
C35 PC1 J . -21.62 5.49 -13.04
C36 PC1 J . -22.31 6.79 -12.63
C37 PC1 J . -21.37 7.80 -11.99
C38 PC1 J . -22.07 9.11 -11.61
C39 PC1 J . -22.71 9.83 -12.78
C3A PC1 J . -24.22 9.94 -12.67
C3B PC1 J . -24.70 10.56 -11.36
C3C PC1 J . -25.53 9.59 -10.52
C3D PC1 J . -25.46 9.88 -9.03
C3E PC1 J . -24.03 9.84 -8.49
C3F PC1 J . -23.59 11.13 -7.81
C3G PC1 J . -22.17 11.08 -7.29
C3H PC1 J . -21.80 12.28 -6.42
C3I PC1 J . -20.49 12.07 -5.66
#